data_1A4P
# 
_entry.id   1A4P 
# 
_audit_conform.dict_name       mmcif_pdbx.dic 
_audit_conform.dict_version    5.399 
_audit_conform.dict_location   http://mmcif.pdb.org/dictionaries/ascii/mmcif_pdbx.dic 
# 
loop_
_database_2.database_id 
_database_2.database_code 
_database_2.pdbx_database_accession 
_database_2.pdbx_DOI 
PDB   1A4P         pdb_00001a4p 10.2210/pdb1a4p/pdb 
WWPDB D_1000170388 ?            ?                   
# 
loop_
_pdbx_audit_revision_history.ordinal 
_pdbx_audit_revision_history.data_content_type 
_pdbx_audit_revision_history.major_revision 
_pdbx_audit_revision_history.minor_revision 
_pdbx_audit_revision_history.revision_date 
1 'Structure model' 1 0 1998-05-27 
2 'Structure model' 1 1 2008-03-24 
3 'Structure model' 1 2 2011-07-13 
4 'Structure model' 1 3 2024-11-20 
# 
_pdbx_audit_revision_details.ordinal             1 
_pdbx_audit_revision_details.revision_ordinal    1 
_pdbx_audit_revision_details.data_content_type   'Structure model' 
_pdbx_audit_revision_details.provider            repository 
_pdbx_audit_revision_details.type                'Initial release' 
_pdbx_audit_revision_details.description         ? 
_pdbx_audit_revision_details.details             ? 
# 
loop_
_pdbx_audit_revision_group.ordinal 
_pdbx_audit_revision_group.revision_ordinal 
_pdbx_audit_revision_group.data_content_type 
_pdbx_audit_revision_group.group 
1 2 'Structure model' 'Version format compliance' 
2 3 'Structure model' 'Derived calculations'      
3 3 'Structure model' 'Version format compliance' 
4 4 'Structure model' 'Data collection'           
5 4 'Structure model' 'Database references'       
6 4 'Structure model' 'Structure summary'         
# 
loop_
_pdbx_audit_revision_category.ordinal 
_pdbx_audit_revision_category.revision_ordinal 
_pdbx_audit_revision_category.data_content_type 
_pdbx_audit_revision_category.category 
1 4 'Structure model' chem_comp_atom            
2 4 'Structure model' chem_comp_bond            
3 4 'Structure model' database_2                
4 4 'Structure model' pdbx_entry_details        
5 4 'Structure model' pdbx_modification_feature 
# 
loop_
_pdbx_audit_revision_item.ordinal 
_pdbx_audit_revision_item.revision_ordinal 
_pdbx_audit_revision_item.data_content_type 
_pdbx_audit_revision_item.item 
1 4 'Structure model' '_database_2.pdbx_DOI'                
2 4 'Structure model' '_database_2.pdbx_database_accession' 
# 
_pdbx_database_status.status_code                     REL 
_pdbx_database_status.entry_id                        1A4P 
_pdbx_database_status.recvd_initial_deposition_date   1998-01-30 
_pdbx_database_status.deposit_site                    ? 
_pdbx_database_status.process_site                    BNL 
_pdbx_database_status.SG_entry                        . 
_pdbx_database_status.status_code_sf                  ? 
_pdbx_database_status.status_code_mr                  ? 
_pdbx_database_status.status_code_cs                  ? 
_pdbx_database_status.pdb_format_compatible           Y 
_pdbx_database_status.status_code_nmr_data            ? 
_pdbx_database_status.methods_development_category    ? 
# 
loop_
_audit_author.name 
_audit_author.pdbx_ordinal 
'Rety, S.'          1 
'Sopkova, J.'       2 
'Renouard, M.'      3 
'Osterloh, D.'      4 
'Gerke, V.'         5 
'Russo-Marie, F.'   6 
'Lewit-Bentley, A.' 7 
# 
_citation.id                        primary 
_citation.title                     'The crystal structure of a complex of p11 with the annexin II N-terminal peptide.' 
_citation.journal_abbrev            Nat.Struct.Biol. 
_citation.journal_volume            6 
_citation.page_first                89 
_citation.page_last                 95 
_citation.year                      1999 
_citation.journal_id_ASTM           NSBIEW 
_citation.country                   US 
_citation.journal_id_ISSN           1072-8368 
_citation.journal_id_CSD            2024 
_citation.book_publisher            ? 
_citation.pdbx_database_id_PubMed   9886297 
_citation.pdbx_database_id_DOI      10.1038/4965 
# 
loop_
_citation_author.citation_id 
_citation_author.name 
_citation_author.ordinal 
_citation_author.identifier_ORCID 
primary 'Rety, S.'          1 ? 
primary 'Sopkova, J.'       2 ? 
primary 'Renouard, M.'      3 ? 
primary 'Osterloh, D.'      4 ? 
primary 'Gerke, V.'         5 ? 
primary 'Tabaries, S.'      6 ? 
primary 'Russo-Marie, F.'   7 ? 
primary 'Lewit-Bentley, A.' 8 ? 
# 
loop_
_entity.id 
_entity.type 
_entity.src_method 
_entity.pdbx_description 
_entity.formula_weight 
_entity.pdbx_number_of_molecules 
_entity.pdbx_ec 
_entity.pdbx_mutation 
_entity.pdbx_fragment 
_entity.details 
1 polymer man S100A10 11088.940 2  ? ? ? ? 
2 water   nat water   18.015    63 ? ? ? ? 
# 
_entity_name_com.entity_id   1 
_entity_name_com.name        'P11, CALPACTIN LIGHT CHAIN' 
# 
_entity_poly.entity_id                      1 
_entity_poly.type                           'polypeptide(L)' 
_entity_poly.nstd_linkage                   no 
_entity_poly.nstd_monomer                   no 
_entity_poly.pdbx_seq_one_letter_code       
;PSQMEHAMETMMFTFHKFAGDKGYLTKEDLRVLMEKEFPGFLENQKDPLAVDKIMKDLDQCRDGKVGFQSFFSLIAGLTI
ACNDYFVVHMKQKGKK
;
_entity_poly.pdbx_seq_one_letter_code_can   
;PSQMEHAMETMMFTFHKFAGDKGYLTKEDLRVLMEKEFPGFLENQKDPLAVDKIMKDLDQCRDGKVGFQSFFSLIAGLTI
ACNDYFVVHMKQKGKK
;
_entity_poly.pdbx_strand_id                 A,B 
_entity_poly.pdbx_target_identifier         ? 
# 
_pdbx_entity_nonpoly.entity_id   2 
_pdbx_entity_nonpoly.name        water 
_pdbx_entity_nonpoly.comp_id     HOH 
# 
loop_
_entity_poly_seq.entity_id 
_entity_poly_seq.num 
_entity_poly_seq.mon_id 
_entity_poly_seq.hetero 
1 1  PRO n 
1 2  SER n 
1 3  GLN n 
1 4  MET n 
1 5  GLU n 
1 6  HIS n 
1 7  ALA n 
1 8  MET n 
1 9  GLU n 
1 10 THR n 
1 11 MET n 
1 12 MET n 
1 13 PHE n 
1 14 THR n 
1 15 PHE n 
1 16 HIS n 
1 17 LYS n 
1 18 PHE n 
1 19 ALA n 
1 20 GLY n 
1 21 ASP n 
1 22 LYS n 
1 23 GLY n 
1 24 TYR n 
1 25 LEU n 
1 26 THR n 
1 27 LYS n 
1 28 GLU n 
1 29 ASP n 
1 30 LEU n 
1 31 ARG n 
1 32 VAL n 
1 33 LEU n 
1 34 MET n 
1 35 GLU n 
1 36 LYS n 
1 37 GLU n 
1 38 PHE n 
1 39 PRO n 
1 40 GLY n 
1 41 PHE n 
1 42 LEU n 
1 43 GLU n 
1 44 ASN n 
1 45 GLN n 
1 46 LYS n 
1 47 ASP n 
1 48 PRO n 
1 49 LEU n 
1 50 ALA n 
1 51 VAL n 
1 52 ASP n 
1 53 LYS n 
1 54 ILE n 
1 55 MET n 
1 56 LYS n 
1 57 ASP n 
1 58 LEU n 
1 59 ASP n 
1 60 GLN n 
1 61 CYS n 
1 62 ARG n 
1 63 ASP n 
1 64 GLY n 
1 65 LYS n 
1 66 VAL n 
1 67 GLY n 
1 68 PHE n 
1 69 GLN n 
1 70 SER n 
1 71 PHE n 
1 72 PHE n 
1 73 SER n 
1 74 LEU n 
1 75 ILE n 
1 76 ALA n 
1 77 GLY n 
1 78 LEU n 
1 79 THR n 
1 80 ILE n 
1 81 ALA n 
1 82 CYS n 
1 83 ASN n 
1 84 ASP n 
1 85 TYR n 
1 86 PHE n 
1 87 VAL n 
1 88 VAL n 
1 89 HIS n 
1 90 MET n 
1 91 LYS n 
1 92 GLN n 
1 93 LYS n 
1 94 GLY n 
1 95 LYS n 
1 96 LYS n 
# 
_entity_src_gen.entity_id                          1 
_entity_src_gen.pdbx_src_id                        1 
_entity_src_gen.pdbx_alt_source_flag               sample 
_entity_src_gen.pdbx_seq_type                      ? 
_entity_src_gen.pdbx_beg_seq_num                   ? 
_entity_src_gen.pdbx_end_seq_num                   ? 
_entity_src_gen.gene_src_common_name               human 
_entity_src_gen.gene_src_genus                     Homo 
_entity_src_gen.pdbx_gene_src_gene                 ? 
_entity_src_gen.gene_src_species                   ? 
_entity_src_gen.gene_src_strain                    ? 
_entity_src_gen.gene_src_tissue                    ? 
_entity_src_gen.gene_src_tissue_fraction           ? 
_entity_src_gen.gene_src_details                   ? 
_entity_src_gen.pdbx_gene_src_fragment             ? 
_entity_src_gen.pdbx_gene_src_scientific_name      'Homo sapiens' 
_entity_src_gen.pdbx_gene_src_ncbi_taxonomy_id     9606 
_entity_src_gen.pdbx_gene_src_variant              ? 
_entity_src_gen.pdbx_gene_src_cell_line            ? 
_entity_src_gen.pdbx_gene_src_atcc                 ? 
_entity_src_gen.pdbx_gene_src_organ                ? 
_entity_src_gen.pdbx_gene_src_organelle            ? 
_entity_src_gen.pdbx_gene_src_cell                 ? 
_entity_src_gen.pdbx_gene_src_cellular_location    ? 
_entity_src_gen.host_org_common_name               ? 
_entity_src_gen.pdbx_host_org_scientific_name      'Escherichia coli BL21' 
_entity_src_gen.pdbx_host_org_ncbi_taxonomy_id     511693 
_entity_src_gen.host_org_genus                     Escherichia 
_entity_src_gen.pdbx_host_org_gene                 ? 
_entity_src_gen.pdbx_host_org_organ                ? 
_entity_src_gen.host_org_species                   'Escherichia coli' 
_entity_src_gen.pdbx_host_org_tissue               ? 
_entity_src_gen.pdbx_host_org_tissue_fraction      ? 
_entity_src_gen.pdbx_host_org_strain               BL21 
_entity_src_gen.pdbx_host_org_variant              ? 
_entity_src_gen.pdbx_host_org_cell_line            ? 
_entity_src_gen.pdbx_host_org_atcc                 ? 
_entity_src_gen.pdbx_host_org_culture_collection   ? 
_entity_src_gen.pdbx_host_org_cell                 ? 
_entity_src_gen.pdbx_host_org_organelle            ? 
_entity_src_gen.pdbx_host_org_cellular_location    ? 
_entity_src_gen.pdbx_host_org_vector_type          PLASMID 
_entity_src_gen.pdbx_host_org_vector               ? 
_entity_src_gen.host_org_details                   ? 
_entity_src_gen.expression_system_id               ? 
_entity_src_gen.plasmid_name                       PET23A 
_entity_src_gen.plasmid_details                    ? 
_entity_src_gen.pdbx_description                   ? 
# 
loop_
_chem_comp.id 
_chem_comp.type 
_chem_comp.mon_nstd_flag 
_chem_comp.name 
_chem_comp.pdbx_synonyms 
_chem_comp.formula 
_chem_comp.formula_weight 
ALA 'L-peptide linking' y ALANINE         ? 'C3 H7 N O2'     89.093  
ARG 'L-peptide linking' y ARGININE        ? 'C6 H15 N4 O2 1' 175.209 
ASN 'L-peptide linking' y ASPARAGINE      ? 'C4 H8 N2 O3'    132.118 
ASP 'L-peptide linking' y 'ASPARTIC ACID' ? 'C4 H7 N O4'     133.103 
CYS 'L-peptide linking' y CYSTEINE        ? 'C3 H7 N O2 S'   121.158 
GLN 'L-peptide linking' y GLUTAMINE       ? 'C5 H10 N2 O3'   146.144 
GLU 'L-peptide linking' y 'GLUTAMIC ACID' ? 'C5 H9 N O4'     147.129 
GLY 'peptide linking'   y GLYCINE         ? 'C2 H5 N O2'     75.067  
HIS 'L-peptide linking' y HISTIDINE       ? 'C6 H10 N3 O2 1' 156.162 
HOH non-polymer         . WATER           ? 'H2 O'           18.015  
ILE 'L-peptide linking' y ISOLEUCINE      ? 'C6 H13 N O2'    131.173 
LEU 'L-peptide linking' y LEUCINE         ? 'C6 H13 N O2'    131.173 
LYS 'L-peptide linking' y LYSINE          ? 'C6 H15 N2 O2 1' 147.195 
MET 'L-peptide linking' y METHIONINE      ? 'C5 H11 N O2 S'  149.211 
PHE 'L-peptide linking' y PHENYLALANINE   ? 'C9 H11 N O2'    165.189 
PRO 'L-peptide linking' y PROLINE         ? 'C5 H9 N O2'     115.130 
SER 'L-peptide linking' y SERINE          ? 'C3 H7 N O3'     105.093 
THR 'L-peptide linking' y THREONINE       ? 'C4 H9 N O3'     119.119 
TYR 'L-peptide linking' y TYROSINE        ? 'C9 H11 N O3'    181.189 
VAL 'L-peptide linking' y VALINE          ? 'C5 H11 N O2'    117.146 
# 
loop_
_pdbx_poly_seq_scheme.asym_id 
_pdbx_poly_seq_scheme.entity_id 
_pdbx_poly_seq_scheme.seq_id 
_pdbx_poly_seq_scheme.mon_id 
_pdbx_poly_seq_scheme.ndb_seq_num 
_pdbx_poly_seq_scheme.pdb_seq_num 
_pdbx_poly_seq_scheme.auth_seq_num 
_pdbx_poly_seq_scheme.pdb_mon_id 
_pdbx_poly_seq_scheme.auth_mon_id 
_pdbx_poly_seq_scheme.pdb_strand_id 
_pdbx_poly_seq_scheme.pdb_ins_code 
_pdbx_poly_seq_scheme.hetero 
A 1 1  PRO 1  1  1  PRO PRO A . n 
A 1 2  SER 2  2  2  SER SER A . n 
A 1 3  GLN 3  3  3  GLN GLN A . n 
A 1 4  MET 4  4  4  MET MET A . n 
A 1 5  GLU 5  5  5  GLU GLU A . n 
A 1 6  HIS 6  6  6  HIS HIS A . n 
A 1 7  ALA 7  7  7  ALA ALA A . n 
A 1 8  MET 8  8  8  MET MET A . n 
A 1 9  GLU 9  9  9  GLU GLU A . n 
A 1 10 THR 10 10 10 THR THR A . n 
A 1 11 MET 11 11 11 MET MET A . n 
A 1 12 MET 12 12 12 MET MET A . n 
A 1 13 PHE 13 13 13 PHE PHE A . n 
A 1 14 THR 14 14 14 THR THR A . n 
A 1 15 PHE 15 15 15 PHE PHE A . n 
A 1 16 HIS 16 16 16 HIS HIS A . n 
A 1 17 LYS 17 17 17 LYS LYS A . n 
A 1 18 PHE 18 18 18 PHE PHE A . n 
A 1 19 ALA 19 19 19 ALA ALA A . n 
A 1 20 GLY 20 20 20 GLY GLY A . n 
A 1 21 ASP 21 21 21 ASP ASP A . n 
A 1 22 LYS 22 22 22 LYS LYS A . n 
A 1 23 GLY 23 23 23 GLY GLY A . n 
A 1 24 TYR 24 24 24 TYR TYR A . n 
A 1 25 LEU 25 25 25 LEU LEU A . n 
A 1 26 THR 26 26 26 THR THR A . n 
A 1 27 LYS 27 27 27 LYS LYS A . n 
A 1 28 GLU 28 28 28 GLU GLU A . n 
A 1 29 ASP 29 29 29 ASP ASP A . n 
A 1 30 LEU 30 30 30 LEU LEU A . n 
A 1 31 ARG 31 31 31 ARG ARG A . n 
A 1 32 VAL 32 32 32 VAL VAL A . n 
A 1 33 LEU 33 33 33 LEU LEU A . n 
A 1 34 MET 34 34 34 MET MET A . n 
A 1 35 GLU 35 35 35 GLU GLU A . n 
A 1 36 LYS 36 36 36 LYS LYS A . n 
A 1 37 GLU 37 37 37 GLU GLU A . n 
A 1 38 PHE 38 38 38 PHE PHE A . n 
A 1 39 PRO 39 39 39 PRO PRO A . n 
A 1 40 GLY 40 40 40 GLY GLY A . n 
A 1 41 PHE 41 41 41 PHE PHE A . n 
A 1 42 LEU 42 42 42 LEU LEU A . n 
A 1 43 GLU 43 43 43 GLU GLU A . n 
A 1 44 ASN 44 44 44 ASN ASN A . n 
A 1 45 GLN 45 45 45 GLN GLN A . n 
A 1 46 LYS 46 46 46 LYS LYS A . n 
A 1 47 ASP 47 47 47 ASP ASP A . n 
A 1 48 PRO 48 48 48 PRO PRO A . n 
A 1 49 LEU 49 49 49 LEU LEU A . n 
A 1 50 ALA 50 50 50 ALA ALA A . n 
A 1 51 VAL 51 51 51 VAL VAL A . n 
A 1 52 ASP 52 52 52 ASP ASP A . n 
A 1 53 LYS 53 53 53 LYS LYS A . n 
A 1 54 ILE 54 54 54 ILE ILE A . n 
A 1 55 MET 55 55 55 MET MET A . n 
A 1 56 LYS 56 56 56 LYS LYS A . n 
A 1 57 ASP 57 57 57 ASP ASP A . n 
A 1 58 LEU 58 58 58 LEU LEU A . n 
A 1 59 ASP 59 59 59 ASP ASP A . n 
A 1 60 GLN 60 60 60 GLN GLN A . n 
A 1 61 CYS 61 61 61 CYS CYS A . n 
A 1 62 ARG 62 62 62 ARG ARG A . n 
A 1 63 ASP 63 63 63 ASP ASP A . n 
A 1 64 GLY 64 64 64 GLY GLY A . n 
A 1 65 LYS 65 65 65 LYS LYS A . n 
A 1 66 VAL 66 66 66 VAL VAL A . n 
A 1 67 GLY 67 67 67 GLY GLY A . n 
A 1 68 PHE 68 68 68 PHE PHE A . n 
A 1 69 GLN 69 69 69 GLN GLN A . n 
A 1 70 SER 70 70 70 SER SER A . n 
A 1 71 PHE 71 71 71 PHE PHE A . n 
A 1 72 PHE 72 72 72 PHE PHE A . n 
A 1 73 SER 73 73 73 SER SER A . n 
A 1 74 LEU 74 74 74 LEU LEU A . n 
A 1 75 ILE 75 75 75 ILE ILE A . n 
A 1 76 ALA 76 76 76 ALA ALA A . n 
A 1 77 GLY 77 77 77 GLY GLY A . n 
A 1 78 LEU 78 78 78 LEU LEU A . n 
A 1 79 THR 79 79 79 THR THR A . n 
A 1 80 ILE 80 80 80 ILE ILE A . n 
A 1 81 ALA 81 81 81 ALA ALA A . n 
A 1 82 CYS 82 82 82 CYS CYS A . n 
A 1 83 ASN 83 83 83 ASN ASN A . n 
A 1 84 ASP 84 84 84 ASP ASP A . n 
A 1 85 TYR 85 85 85 TYR TYR A . n 
A 1 86 PHE 86 86 86 PHE PHE A . n 
A 1 87 VAL 87 87 87 VAL VAL A . n 
A 1 88 VAL 88 88 88 VAL VAL A . n 
A 1 89 HIS 89 89 89 HIS HIS A . n 
A 1 90 MET 90 90 90 MET MET A . n 
A 1 91 LYS 91 91 91 LYS LYS A . n 
A 1 92 GLN 92 92 92 GLN GLN A . n 
A 1 93 LYS 93 93 ?  ?   ?   A . n 
A 1 94 GLY 94 94 ?  ?   ?   A . n 
A 1 95 LYS 95 95 ?  ?   ?   A . n 
A 1 96 LYS 96 96 ?  ?   ?   A . n 
B 1 1  PRO 1  1  1  PRO PRO B . n 
B 1 2  SER 2  2  2  SER SER B . n 
B 1 3  GLN 3  3  3  GLN GLN B . n 
B 1 4  MET 4  4  4  MET MET B . n 
B 1 5  GLU 5  5  5  GLU GLU B . n 
B 1 6  HIS 6  6  6  HIS HIS B . n 
B 1 7  ALA 7  7  7  ALA ALA B . n 
B 1 8  MET 8  8  8  MET MET B . n 
B 1 9  GLU 9  9  9  GLU GLU B . n 
B 1 10 THR 10 10 10 THR THR B . n 
B 1 11 MET 11 11 11 MET MET B . n 
B 1 12 MET 12 12 12 MET MET B . n 
B 1 13 PHE 13 13 13 PHE PHE B . n 
B 1 14 THR 14 14 14 THR THR B . n 
B 1 15 PHE 15 15 15 PHE PHE B . n 
B 1 16 HIS 16 16 16 HIS HIS B . n 
B 1 17 LYS 17 17 17 LYS LYS B . n 
B 1 18 PHE 18 18 18 PHE PHE B . n 
B 1 19 ALA 19 19 19 ALA ALA B . n 
B 1 20 GLY 20 20 20 GLY GLY B . n 
B 1 21 ASP 21 21 21 ASP ASP B . n 
B 1 22 LYS 22 22 22 LYS LYS B . n 
B 1 23 GLY 23 23 23 GLY GLY B . n 
B 1 24 TYR 24 24 24 TYR TYR B . n 
B 1 25 LEU 25 25 25 LEU LEU B . n 
B 1 26 THR 26 26 26 THR THR B . n 
B 1 27 LYS 27 27 27 LYS LYS B . n 
B 1 28 GLU 28 28 28 GLU GLU B . n 
B 1 29 ASP 29 29 29 ASP ASP B . n 
B 1 30 LEU 30 30 30 LEU LEU B . n 
B 1 31 ARG 31 31 31 ARG ARG B . n 
B 1 32 VAL 32 32 32 VAL VAL B . n 
B 1 33 LEU 33 33 33 LEU LEU B . n 
B 1 34 MET 34 34 34 MET MET B . n 
B 1 35 GLU 35 35 35 GLU GLU B . n 
B 1 36 LYS 36 36 36 LYS LYS B . n 
B 1 37 GLU 37 37 37 GLU GLU B . n 
B 1 38 PHE 38 38 38 PHE PHE B . n 
B 1 39 PRO 39 39 39 PRO PRO B . n 
B 1 40 GLY 40 40 40 GLY GLY B . n 
B 1 41 PHE 41 41 41 PHE PHE B . n 
B 1 42 LEU 42 42 42 LEU LEU B . n 
B 1 43 GLU 43 43 43 GLU GLU B . n 
B 1 44 ASN 44 44 44 ASN ASN B . n 
B 1 45 GLN 45 45 45 GLN GLN B . n 
B 1 46 LYS 46 46 46 LYS LYS B . n 
B 1 47 ASP 47 47 47 ASP ASP B . n 
B 1 48 PRO 48 48 48 PRO PRO B . n 
B 1 49 LEU 49 49 49 LEU LEU B . n 
B 1 50 ALA 50 50 50 ALA ALA B . n 
B 1 51 VAL 51 51 51 VAL VAL B . n 
B 1 52 ASP 52 52 52 ASP ASP B . n 
B 1 53 LYS 53 53 53 LYS LYS B . n 
B 1 54 ILE 54 54 54 ILE ILE B . n 
B 1 55 MET 55 55 55 MET MET B . n 
B 1 56 LYS 56 56 56 LYS LYS B . n 
B 1 57 ASP 57 57 57 ASP ASP B . n 
B 1 58 LEU 58 58 58 LEU LEU B . n 
B 1 59 ASP 59 59 59 ASP ASP B . n 
B 1 60 GLN 60 60 60 GLN GLN B . n 
B 1 61 CYS 61 61 61 CYS CYS B . n 
B 1 62 ARG 62 62 62 ARG ARG B . n 
B 1 63 ASP 63 63 63 ASP ASP B . n 
B 1 64 GLY 64 64 64 GLY GLY B . n 
B 1 65 LYS 65 65 65 LYS LYS B . n 
B 1 66 VAL 66 66 66 VAL VAL B . n 
B 1 67 GLY 67 67 67 GLY GLY B . n 
B 1 68 PHE 68 68 68 PHE PHE B . n 
B 1 69 GLN 69 69 69 GLN GLN B . n 
B 1 70 SER 70 70 70 SER SER B . n 
B 1 71 PHE 71 71 71 PHE PHE B . n 
B 1 72 PHE 72 72 72 PHE PHE B . n 
B 1 73 SER 73 73 73 SER SER B . n 
B 1 74 LEU 74 74 74 LEU LEU B . n 
B 1 75 ILE 75 75 75 ILE ILE B . n 
B 1 76 ALA 76 76 76 ALA ALA B . n 
B 1 77 GLY 77 77 77 GLY GLY B . n 
B 1 78 LEU 78 78 78 LEU LEU B . n 
B 1 79 THR 79 79 79 THR THR B . n 
B 1 80 ILE 80 80 80 ILE ILE B . n 
B 1 81 ALA 81 81 81 ALA ALA B . n 
B 1 82 CYS 82 82 82 CYS CYS B . n 
B 1 83 ASN 83 83 83 ASN ASN B . n 
B 1 84 ASP 84 84 84 ASP ASP B . n 
B 1 85 TYR 85 85 85 TYR TYR B . n 
B 1 86 PHE 86 86 86 PHE PHE B . n 
B 1 87 VAL 87 87 87 VAL VAL B . n 
B 1 88 VAL 88 88 88 VAL VAL B . n 
B 1 89 HIS 89 89 89 HIS HIS B . n 
B 1 90 MET 90 90 90 MET MET B . n 
B 1 91 LYS 91 91 91 LYS LYS B . n 
B 1 92 GLN 92 92 ?  ?   ?   B . n 
B 1 93 LYS 93 93 ?  ?   ?   B . n 
B 1 94 GLY 94 94 ?  ?   ?   B . n 
B 1 95 LYS 95 95 ?  ?   ?   B . n 
B 1 96 LYS 96 96 ?  ?   ?   B . n 
# 
loop_
_pdbx_nonpoly_scheme.asym_id 
_pdbx_nonpoly_scheme.entity_id 
_pdbx_nonpoly_scheme.mon_id 
_pdbx_nonpoly_scheme.ndb_seq_num 
_pdbx_nonpoly_scheme.pdb_seq_num 
_pdbx_nonpoly_scheme.auth_seq_num 
_pdbx_nonpoly_scheme.pdb_mon_id 
_pdbx_nonpoly_scheme.auth_mon_id 
_pdbx_nonpoly_scheme.pdb_strand_id 
_pdbx_nonpoly_scheme.pdb_ins_code 
C 2 HOH 1  97  6  HOH HOH A . 
C 2 HOH 2  98  7  HOH HOH A . 
C 2 HOH 3  99  13 HOH HOH A . 
C 2 HOH 4  100 15 HOH HOH A . 
C 2 HOH 5  101 16 HOH HOH A . 
C 2 HOH 6  102 17 HOH HOH A . 
C 2 HOH 7  103 18 HOH HOH A . 
C 2 HOH 8  104 22 HOH HOH A . 
C 2 HOH 9  105 23 HOH HOH A . 
C 2 HOH 10 106 25 HOH HOH A . 
C 2 HOH 11 107 27 HOH HOH A . 
C 2 HOH 12 108 30 HOH HOH A . 
C 2 HOH 13 109 32 HOH HOH A . 
C 2 HOH 14 110 33 HOH HOH A . 
C 2 HOH 15 111 34 HOH HOH A . 
C 2 HOH 16 112 35 HOH HOH A . 
C 2 HOH 17 113 37 HOH HOH A . 
C 2 HOH 18 114 38 HOH HOH A . 
C 2 HOH 19 115 42 HOH HOH A . 
C 2 HOH 20 116 44 HOH HOH A . 
C 2 HOH 21 117 52 HOH HOH A . 
C 2 HOH 22 118 54 HOH HOH A . 
C 2 HOH 23 119 55 HOH HOH A . 
C 2 HOH 24 120 57 HOH HOH A . 
C 2 HOH 25 121 58 HOH HOH A . 
C 2 HOH 26 122 59 HOH HOH A . 
C 2 HOH 27 123 63 HOH HOH A . 
D 2 HOH 1  97  1  HOH HOH B . 
D 2 HOH 2  98  2  HOH HOH B . 
D 2 HOH 3  99  3  HOH HOH B . 
D 2 HOH 4  100 4  HOH HOH B . 
D 2 HOH 5  101 5  HOH HOH B . 
D 2 HOH 6  102 8  HOH HOH B . 
D 2 HOH 7  103 9  HOH HOH B . 
D 2 HOH 8  104 10 HOH HOH B . 
D 2 HOH 9  105 11 HOH HOH B . 
D 2 HOH 10 106 12 HOH HOH B . 
D 2 HOH 11 107 14 HOH HOH B . 
D 2 HOH 12 108 19 HOH HOH B . 
D 2 HOH 13 109 20 HOH HOH B . 
D 2 HOH 14 110 21 HOH HOH B . 
D 2 HOH 15 111 24 HOH HOH B . 
D 2 HOH 16 112 26 HOH HOH B . 
D 2 HOH 17 113 28 HOH HOH B . 
D 2 HOH 18 114 29 HOH HOH B . 
D 2 HOH 19 115 31 HOH HOH B . 
D 2 HOH 20 116 36 HOH HOH B . 
D 2 HOH 21 117 39 HOH HOH B . 
D 2 HOH 22 118 40 HOH HOH B . 
D 2 HOH 23 119 41 HOH HOH B . 
D 2 HOH 24 120 43 HOH HOH B . 
D 2 HOH 25 121 45 HOH HOH B . 
D 2 HOH 26 122 46 HOH HOH B . 
D 2 HOH 27 123 47 HOH HOH B . 
D 2 HOH 28 124 48 HOH HOH B . 
D 2 HOH 29 125 49 HOH HOH B . 
D 2 HOH 30 126 50 HOH HOH B . 
D 2 HOH 31 127 51 HOH HOH B . 
D 2 HOH 32 128 53 HOH HOH B . 
D 2 HOH 33 129 56 HOH HOH B . 
D 2 HOH 34 130 60 HOH HOH B . 
D 2 HOH 35 131 61 HOH HOH B . 
D 2 HOH 36 132 62 HOH HOH B . 
# 
loop_
_software.name 
_software.classification 
_software.version 
_software.citation_id 
_software.pdbx_ordinal 
DENZO     'data reduction' . ? 1 
SCALEPACK 'data scaling'   . ? 2 
SHARP     phasing          . ? 3 
REFMAC    refinement       . ? 4 
# 
_cell.entry_id           1A4P 
_cell.length_a           57.750 
_cell.length_b           80.750 
_cell.length_c           95.510 
_cell.angle_alpha        90.00 
_cell.angle_beta         90.00 
_cell.angle_gamma        90.00 
_cell.Z_PDB              16 
_cell.pdbx_unique_axis   ? 
_cell.length_a_esd       ? 
_cell.length_b_esd       ? 
_cell.length_c_esd       ? 
_cell.angle_alpha_esd    ? 
_cell.angle_beta_esd     ? 
_cell.angle_gamma_esd    ? 
# 
_symmetry.entry_id                         1A4P 
_symmetry.space_group_name_H-M             'I 2 2 2' 
_symmetry.pdbx_full_space_group_name_H-M   ? 
_symmetry.cell_setting                     ? 
_symmetry.Int_Tables_number                23 
_symmetry.space_group_name_Hall            ? 
# 
_exptl.entry_id          1A4P 
_exptl.method            'X-RAY DIFFRACTION' 
_exptl.crystals_number   1 
# 
_exptl_crystal.id                    1 
_exptl_crystal.density_meas          ? 
_exptl_crystal.density_Matthews      2.53 
_exptl_crystal.density_percent_sol   51. 
_exptl_crystal.description           ? 
_exptl_crystal.F_000                 ? 
_exptl_crystal.preparation           ? 
# 
_exptl_crystal_grow.crystal_id      1 
_exptl_crystal_grow.method          'VAPOR DIFFUSION' 
_exptl_crystal_grow.temp            ? 
_exptl_crystal_grow.temp_details    ? 
_exptl_crystal_grow.pH              7.5 
_exptl_crystal_grow.pdbx_pH_range   ? 
_exptl_crystal_grow.pdbx_details    
'15 MG/ML PROTEIN WERE CRYSTALLIZED BY VAPOR DIFFUSION AGAINST 20% PEG 4000, 10% 2-PROPANOL, 100MM HEPES, PH=7.5, vapor diffusion' 
# 
_diffrn.id                     1 
_diffrn.ambient_temp           280 
_diffrn.ambient_temp_details   ? 
_diffrn.crystal_id             1 
# 
_diffrn_detector.diffrn_id              1 
_diffrn_detector.detector               'IMAGE PLATE' 
_diffrn_detector.type                   MARRESEARCH 
_diffrn_detector.pdbx_collection_date   1997-07-18 
_diffrn_detector.details                'FOCUSSING MONOCHROMATOR' 
# 
_diffrn_radiation.diffrn_id                        1 
_diffrn_radiation.wavelength_id                    1 
_diffrn_radiation.pdbx_monochromatic_or_laue_m_l   M 
_diffrn_radiation.monochromator                    'GE(111)' 
_diffrn_radiation.pdbx_diffrn_protocol             ? 
_diffrn_radiation.pdbx_scattering_type             x-ray 
# 
_diffrn_radiation_wavelength.id           1 
_diffrn_radiation_wavelength.wavelength   1.37 
_diffrn_radiation_wavelength.wt           1.0 
# 
_diffrn_source.diffrn_id                   1 
_diffrn_source.source                      SYNCHROTRON 
_diffrn_source.type                        'LURE BEAMLINE D41A' 
_diffrn_source.pdbx_synchrotron_site       LURE 
_diffrn_source.pdbx_synchrotron_beamline   D41A 
_diffrn_source.pdbx_wavelength             1.37 
_diffrn_source.pdbx_wavelength_list        ? 
# 
_reflns.entry_id                     1A4P 
_reflns.observed_criterion_sigma_I   0. 
_reflns.observed_criterion_sigma_F   ? 
_reflns.d_resolution_low             62. 
_reflns.d_resolution_high            2.25 
_reflns.number_obs                   10769 
_reflns.number_all                   ? 
_reflns.percent_possible_obs         98.4 
_reflns.pdbx_Rmerge_I_obs            ? 
_reflns.pdbx_Rsym_value              0.047 
_reflns.pdbx_netI_over_sigmaI        14.9 
_reflns.B_iso_Wilson_estimate        ? 
_reflns.pdbx_redundancy              6.15 
_reflns.R_free_details               ? 
_reflns.limit_h_max                  ? 
_reflns.limit_h_min                  ? 
_reflns.limit_k_max                  ? 
_reflns.limit_k_min                  ? 
_reflns.limit_l_max                  ? 
_reflns.limit_l_min                  ? 
_reflns.observed_criterion_F_max     ? 
_reflns.observed_criterion_F_min     ? 
_reflns.pdbx_chi_squared             ? 
_reflns.pdbx_scaling_rejects         ? 
_reflns.pdbx_ordinal                 1 
_reflns.pdbx_diffrn_id               1 
# 
_reflns_shell.d_res_high             2.25 
_reflns_shell.d_res_low              2.33 
_reflns_shell.percent_possible_all   97.1 
_reflns_shell.Rmerge_I_obs           ? 
_reflns_shell.pdbx_Rsym_value        0.168 
_reflns_shell.meanI_over_sigI_obs    3.5 
_reflns_shell.pdbx_redundancy        3.5 
_reflns_shell.percent_possible_obs   ? 
_reflns_shell.number_unique_all      ? 
_reflns_shell.number_measured_all    ? 
_reflns_shell.number_measured_obs    ? 
_reflns_shell.number_unique_obs      ? 
_reflns_shell.pdbx_chi_squared       ? 
_reflns_shell.pdbx_ordinal           1 
_reflns_shell.pdbx_diffrn_id         1 
# 
_refine.entry_id                                 1A4P 
_refine.ls_number_reflns_obs                     9679 
_refine.ls_number_reflns_all                     ? 
_refine.pdbx_ls_sigma_I                          ? 
_refine.pdbx_ls_sigma_F                          0. 
_refine.pdbx_data_cutoff_high_absF               ? 
_refine.pdbx_data_cutoff_low_absF                ? 
_refine.pdbx_data_cutoff_high_rms_absF           ? 
_refine.ls_d_res_low                             20. 
_refine.ls_d_res_high                            2.25 
_refine.ls_percent_reflns_obs                    98.4 
_refine.ls_R_factor_obs                          0.246 
_refine.ls_R_factor_all                          ? 
_refine.ls_R_factor_R_work                       0.227 
_refine.ls_R_factor_R_free                       0.303 
_refine.ls_R_factor_R_free_error                 ? 
_refine.ls_R_factor_R_free_error_details         ? 
_refine.ls_percent_reflns_R_free                 10. 
_refine.ls_number_reflns_R_free                  1075 
_refine.ls_number_parameters                     ? 
_refine.ls_number_restraints                     ? 
_refine.occupancy_min                            ? 
_refine.occupancy_max                            ? 
_refine.B_iso_mean                               36.1 
_refine.aniso_B[1][1]                            ? 
_refine.aniso_B[2][2]                            ? 
_refine.aniso_B[3][3]                            ? 
_refine.aniso_B[1][2]                            ? 
_refine.aniso_B[1][3]                            ? 
_refine.aniso_B[2][3]                            ? 
_refine.solvent_model_details                    ? 
_refine.solvent_model_param_ksol                 ? 
_refine.solvent_model_param_bsol                 ? 
_refine.pdbx_ls_cross_valid_method               THROUGHOUT 
_refine.details                                  ? 
_refine.pdbx_starting_model                      ? 
_refine.pdbx_method_to_determine_struct          'MULTIPLE ISOMORPHOUS REPLACEMENT' 
_refine.pdbx_isotropic_thermal_model             ? 
_refine.pdbx_stereochemistry_target_values       ? 
_refine.pdbx_stereochem_target_val_spec_case     ? 
_refine.pdbx_R_Free_selection_details            RANDOM 
_refine.pdbx_overall_ESU_R_Free                  ? 
_refine.overall_SU_ML                            ? 
_refine.overall_SU_B                             ? 
_refine.pdbx_refine_id                           'X-RAY DIFFRACTION' 
_refine.ls_redundancy_reflns_obs                 ? 
_refine.pdbx_overall_phase_error                 ? 
_refine.B_iso_min                                ? 
_refine.B_iso_max                                ? 
_refine.correlation_coeff_Fo_to_Fc               ? 
_refine.correlation_coeff_Fo_to_Fc_free          ? 
_refine.pdbx_solvent_vdw_probe_radii             ? 
_refine.pdbx_solvent_ion_probe_radii             ? 
_refine.pdbx_solvent_shrinkage_radii             ? 
_refine.overall_SU_R_Cruickshank_DPI             ? 
_refine.overall_SU_R_free                        ? 
_refine.ls_wR_factor_R_free                      ? 
_refine.ls_wR_factor_R_work                      ? 
_refine.overall_FOM_free_R_set                   ? 
_refine.overall_FOM_work_R_set                   ? 
_refine.pdbx_overall_ESU_R                       ? 
_refine.pdbx_diffrn_id                           1 
_refine.pdbx_TLS_residual_ADP_flag               ? 
_refine.pdbx_overall_SU_R_free_Cruickshank_DPI   ? 
_refine.pdbx_overall_SU_R_Blow_DPI               ? 
_refine.pdbx_overall_SU_R_free_Blow_DPI          ? 
# 
_refine_analyze.entry_id                        1A4P 
_refine_analyze.Luzzati_coordinate_error_obs    0.3 
_refine_analyze.Luzzati_sigma_a_obs             ? 
_refine_analyze.Luzzati_d_res_low_obs           20. 
_refine_analyze.Luzzati_coordinate_error_free   ? 
_refine_analyze.Luzzati_sigma_a_free            ? 
_refine_analyze.Luzzati_d_res_low_free          ? 
_refine_analyze.number_disordered_residues      ? 
_refine_analyze.occupancy_sum_hydrogen          ? 
_refine_analyze.occupancy_sum_non_hydrogen      ? 
_refine_analyze.pdbx_refine_id                  'X-RAY DIFFRACTION' 
_refine_analyze.pdbx_Luzzati_d_res_high_obs     ? 
# 
_refine_hist.pdbx_refine_id                   'X-RAY DIFFRACTION' 
_refine_hist.cycle_id                         LAST 
_refine_hist.pdbx_number_atoms_protein        1475 
_refine_hist.pdbx_number_atoms_nucleic_acid   0 
_refine_hist.pdbx_number_atoms_ligand         0 
_refine_hist.number_atoms_solvent             63 
_refine_hist.number_atoms_total               1538 
_refine_hist.d_res_high                       2.25 
_refine_hist.d_res_low                        20. 
# 
loop_
_refine_ls_restr.type 
_refine_ls_restr.dev_ideal 
_refine_ls_restr.dev_ideal_target 
_refine_ls_restr.weight 
_refine_ls_restr.number 
_refine_ls_restr.pdbx_refine_id 
_refine_ls_restr.pdbx_restraint_function 
p_bond_d            0.013 0.020 ? ? 'X-RAY DIFFRACTION' ? 
p_angle_d           0.037 0.040 ? ? 'X-RAY DIFFRACTION' ? 
p_angle_deg         ?     ?     ? ? 'X-RAY DIFFRACTION' ? 
p_planar_d          0.038 0.050 ? ? 'X-RAY DIFFRACTION' ? 
p_hb_or_metal_coord ?     ?     ? ? 'X-RAY DIFFRACTION' ? 
p_mcbond_it         1.911 2.    ? ? 'X-RAY DIFFRACTION' ? 
p_mcangle_it        3.081 3.    ? ? 'X-RAY DIFFRACTION' ? 
p_scbond_it         2.00  2.    ? ? 'X-RAY DIFFRACTION' ? 
p_scangle_it        3.19  3.    ? ? 'X-RAY DIFFRACTION' ? 
p_plane_restr       0.009 0.015 ? ? 'X-RAY DIFFRACTION' ? 
p_chiral_restr      0.183 0.150 ? ? 'X-RAY DIFFRACTION' ? 
p_singtor_nbd       0.180 0.300 ? ? 'X-RAY DIFFRACTION' ? 
p_multtor_nbd       0.271 0.300 ? ? 'X-RAY DIFFRACTION' ? 
p_xhyhbond_nbd      ?     ?     ? ? 'X-RAY DIFFRACTION' ? 
p_xyhbond_nbd       0.212 0.300 ? ? 'X-RAY DIFFRACTION' ? 
p_planar_tor        1.7   7.    ? ? 'X-RAY DIFFRACTION' ? 
p_staggered_tor     23.6  15.   ? ? 'X-RAY DIFFRACTION' ? 
p_orthonormal_tor   ?     ?     ? ? 'X-RAY DIFFRACTION' ? 
p_transverse_tor    25.3  20.   ? ? 'X-RAY DIFFRACTION' ? 
p_special_tor       0.    15.   ? ? 'X-RAY DIFFRACTION' ? 
# 
_struct_ncs_oper.id             1 
_struct_ncs_oper.code           given 
_struct_ncs_oper.details        ? 
_struct_ncs_oper.matrix[1][1]   0.91448383 
_struct_ncs_oper.matrix[1][2]   0.37440035 
_struct_ncs_oper.matrix[1][3]   0.15340914 
_struct_ncs_oper.matrix[2][1]   0.40185767 
_struct_ncs_oper.matrix[2][2]   -0.79627686 
_struct_ncs_oper.matrix[2][3]   -0.45216939 
_struct_ncs_oper.matrix[3][1]   -0.04714125 
_struct_ncs_oper.matrix[3][2]   0.47515534 
_struct_ncs_oper.matrix[3][3]   -0.87863697 
_struct_ncs_oper.vector[1]      0.43943 
_struct_ncs_oper.vector[2]      1.71975 
_struct_ncs_oper.vector[3]      -7.90875 
# 
_struct.entry_id                  1A4P 
_struct.title                     'P11 (S100A10), LIGAND OF ANNEXIN II' 
_struct.pdbx_model_details        ? 
_struct.pdbx_CASP_flag            ? 
_struct.pdbx_model_type_details   ? 
# 
_struct_keywords.entry_id        1A4P 
_struct_keywords.pdbx_keywords   'CALCIUM/PHOSPHOLIPID BINDING PROTEIN' 
_struct_keywords.text            
;S100 FAMILY, EF-HAND PROTEIN, LIGAND OF ANNEXIN II, CALCIUM/PHOSPHOLIPID BINDING PROTEIN, CALCIUM-PHOSPHOLIPID BINDING PROTEIN complex
;
# 
loop_
_struct_asym.id 
_struct_asym.pdbx_blank_PDB_chainid_flag 
_struct_asym.pdbx_modified 
_struct_asym.entity_id 
_struct_asym.details 
A N N 1 ? 
B N N 1 ? 
C N N 2 ? 
D N N 2 ? 
# 
_struct_ref.id                         1 
_struct_ref.db_name                    UNP 
_struct_ref.db_code                    S10AA_HUMAN 
_struct_ref.entity_id                  1 
_struct_ref.pdbx_db_accession          P60903 
_struct_ref.pdbx_align_begin           1 
_struct_ref.pdbx_seq_one_letter_code   
;PSQMEHAMETMMFTFHKFAGDKGYLTKEDLRVLMEKEFPGFLENQKDPLAVDKIMKDLDQCRDGKVGFQSFFSLIAGLTI
ACNDYFVVHMKQKGKK
;
_struct_ref.pdbx_db_isoform            ? 
# 
loop_
_struct_ref_seq.align_id 
_struct_ref_seq.ref_id 
_struct_ref_seq.pdbx_PDB_id_code 
_struct_ref_seq.pdbx_strand_id 
_struct_ref_seq.seq_align_beg 
_struct_ref_seq.pdbx_seq_align_beg_ins_code 
_struct_ref_seq.seq_align_end 
_struct_ref_seq.pdbx_seq_align_end_ins_code 
_struct_ref_seq.pdbx_db_accession 
_struct_ref_seq.db_align_beg 
_struct_ref_seq.pdbx_db_align_beg_ins_code 
_struct_ref_seq.db_align_end 
_struct_ref_seq.pdbx_db_align_end_ins_code 
_struct_ref_seq.pdbx_auth_seq_align_beg 
_struct_ref_seq.pdbx_auth_seq_align_end 
1 1 1A4P A 1 ? 96 ? P60903 1 ? 96 ? 1 96 
2 1 1A4P B 1 ? 96 ? P60903 1 ? 96 ? 1 96 
# 
loop_
_pdbx_struct_assembly.id 
_pdbx_struct_assembly.details 
_pdbx_struct_assembly.method_details 
_pdbx_struct_assembly.oligomeric_details 
_pdbx_struct_assembly.oligomeric_count 
1 software_defined_assembly PISA octameric 8 
2 software_defined_assembly PISA octameric 8 
# 
loop_
_pdbx_struct_assembly_prop.biol_id 
_pdbx_struct_assembly_prop.type 
_pdbx_struct_assembly_prop.value 
_pdbx_struct_assembly_prop.details 
1 'ABSA (A^2)' 16650 ? 
1 MORE         -174  ? 
1 'SSA (A^2)'  38210 ? 
2 'ABSA (A^2)' 18200 ? 
2 MORE         -184  ? 
2 'SSA (A^2)'  36670 ? 
# 
loop_
_pdbx_struct_assembly_gen.assembly_id 
_pdbx_struct_assembly_gen.oper_expression 
_pdbx_struct_assembly_gen.asym_id_list 
1 1,2,3,4 A,B,C,D 
2 1,5,6,4 A,C     
2 7,2,3,8 B,D     
# 
loop_
_pdbx_struct_oper_list.id 
_pdbx_struct_oper_list.type 
_pdbx_struct_oper_list.name 
_pdbx_struct_oper_list.symmetry_operation 
_pdbx_struct_oper_list.matrix[1][1] 
_pdbx_struct_oper_list.matrix[1][2] 
_pdbx_struct_oper_list.matrix[1][3] 
_pdbx_struct_oper_list.vector[1] 
_pdbx_struct_oper_list.matrix[2][1] 
_pdbx_struct_oper_list.matrix[2][2] 
_pdbx_struct_oper_list.matrix[2][3] 
_pdbx_struct_oper_list.vector[2] 
_pdbx_struct_oper_list.matrix[3][1] 
_pdbx_struct_oper_list.matrix[3][2] 
_pdbx_struct_oper_list.matrix[3][3] 
_pdbx_struct_oper_list.vector[3] 
1 'identity operation'         1_555 x,y,z         1.0000000000  0.0000000000  0.0000000000  0.0000000000   0.0000000000  1.0000000000  0.0000000000  0.0000000000   0.0000000000  0.0000000000  1.0000000000  0.0000000000  
2 'crystal symmetry operation' 2_765 -x+2,-y+1,z   0.9746645119  0.2116346705  0.0723868456  -1.6433588650  0.2116346705  -0.9773180540 0.0077580602  2.7443166930   0.0723868456  0.0077580602  -0.9973464579 36.8062711999 
3 'crystal symmetry operation' 3_756 -x+2,y,-z+1   -0.9971999654 -0.0005485816 -0.0747791954 -13.6926884879 -0.0005485816 -0.9998925221 0.0146507078  1.0348941286   -0.0747791954 0.0146507078  0.9970924875  -0.5203014711 
4 'crystal symmetry operation' 4_566 x,-y+1,-z+1   -0.9774645465 -0.2110860889 0.0023923497  -14.8077799115 -0.2110860889 0.9772105762  -0.0224087681 -1.1689881695  0.0023923497  -0.0224087681 -0.9997460296 36.3420502721 
5 'crystal symmetry operation' 2_865 -x+3,-y+1,z   0.9746645119  0.2116346705  0.0723868456  4.4867775850   0.2116346705  -0.9773180540 0.0077580602  -54.6757183434 0.0723868456  0.0077580602  -0.9973464579 37.4570426767 
6 'crystal symmetry operation' 3_856 -x+3,y,-z+1   -0.9971999654 -0.0005485816 -0.0747791954 -7.5625520380  -0.0005485816 -0.9998925221 0.0146507078  -56.3851409079 -0.0747791954 0.0146507078  0.9970924875  0.1304700057  
7 'crystal symmetry operation' 1_655 x+1,y,z       1.0000000000  0.0000000000  0.0000000000  6.1301364499   0.0000000000  1.0000000000  0.0000000000  -57.4200350365 0.0000000000  0.0000000000  1.0000000000  0.6507714768  
8 'crystal symmetry operation' 4_666 x+1,-y+1,-z+1 -0.9774645465 -0.2110860889 0.0023923497  -8.6776434615  -0.2110860889 0.9772105762  -0.0224087681 -58.5890232060 0.0023923497  -0.0224087681 -0.9997460296 36.9928217489 
# 
_struct_biol.id        1 
_struct_biol.details   ? 
# 
loop_
_struct_conf.conf_type_id 
_struct_conf.id 
_struct_conf.pdbx_PDB_helix_id 
_struct_conf.beg_label_comp_id 
_struct_conf.beg_label_asym_id 
_struct_conf.beg_label_seq_id 
_struct_conf.pdbx_beg_PDB_ins_code 
_struct_conf.end_label_comp_id 
_struct_conf.end_label_asym_id 
_struct_conf.end_label_seq_id 
_struct_conf.pdbx_end_PDB_ins_code 
_struct_conf.beg_auth_comp_id 
_struct_conf.beg_auth_asym_id 
_struct_conf.beg_auth_seq_id 
_struct_conf.end_auth_comp_id 
_struct_conf.end_auth_asym_id 
_struct_conf.end_auth_seq_id 
_struct_conf.pdbx_PDB_helix_class 
_struct_conf.details 
_struct_conf.pdbx_PDB_helix_length 
HELX_P HELX_P1 1A  GLN A 3  ? LYS A 22 ? GLN A 3  LYS A 22 1 ? 20 
HELX_P HELX_P2 2AA LYS A 27 ? GLU A 37 ? LYS A 27 GLU A 37 1 ? 11 
HELX_P HELX_P3 2AB PRO A 39 ? ASN A 44 ? PRO A 39 ASN A 44 1 ? 6  
HELX_P HELX_P4 3A  ALA A 50 ? LEU A 58 ? ALA A 50 LEU A 58 1 ? 9  
HELX_P HELX_P5 4A  PHE A 68 ? HIS A 89 ? PHE A 68 HIS A 89 1 ? 22 
HELX_P HELX_P6 1B  GLN B 3  ? ALA B 19 ? GLN B 3  ALA B 19 1 ? 17 
HELX_P HELX_P7 2B  LYS B 27 ? GLU B 37 ? LYS B 27 GLU B 37 1 ? 11 
HELX_P HELX_P8 3B  ALA B 50 ? LEU B 58 ? ALA B 50 LEU B 58 1 ? 9  
HELX_P HELX_P9 4B  PHE B 68 ? HIS B 89 ? PHE B 68 HIS B 89 1 ? 22 
# 
_struct_conf_type.id          HELX_P 
_struct_conf_type.criteria    ? 
_struct_conf_type.reference   ? 
# 
_struct_conn.id                            disulf1 
_struct_conn.conn_type_id                  disulf 
_struct_conn.pdbx_leaving_atom_flag        ? 
_struct_conn.pdbx_PDB_id                   ? 
_struct_conn.ptnr1_label_asym_id           A 
_struct_conn.ptnr1_label_comp_id           CYS 
_struct_conn.ptnr1_label_seq_id            61 
_struct_conn.ptnr1_label_atom_id           SG 
_struct_conn.pdbx_ptnr1_label_alt_id       ? 
_struct_conn.pdbx_ptnr1_PDB_ins_code       ? 
_struct_conn.pdbx_ptnr1_standard_comp_id   ? 
_struct_conn.ptnr1_symmetry                1_555 
_struct_conn.ptnr2_label_asym_id           B 
_struct_conn.ptnr2_label_comp_id           CYS 
_struct_conn.ptnr2_label_seq_id            61 
_struct_conn.ptnr2_label_atom_id           SG 
_struct_conn.pdbx_ptnr2_label_alt_id       ? 
_struct_conn.pdbx_ptnr2_PDB_ins_code       ? 
_struct_conn.ptnr1_auth_asym_id            A 
_struct_conn.ptnr1_auth_comp_id            CYS 
_struct_conn.ptnr1_auth_seq_id             61 
_struct_conn.ptnr2_auth_asym_id            B 
_struct_conn.ptnr2_auth_comp_id            CYS 
_struct_conn.ptnr2_auth_seq_id             61 
_struct_conn.ptnr2_symmetry                1_555 
_struct_conn.pdbx_ptnr3_label_atom_id      ? 
_struct_conn.pdbx_ptnr3_label_seq_id       ? 
_struct_conn.pdbx_ptnr3_label_comp_id      ? 
_struct_conn.pdbx_ptnr3_label_asym_id      ? 
_struct_conn.pdbx_ptnr3_label_alt_id       ? 
_struct_conn.pdbx_ptnr3_PDB_ins_code       ? 
_struct_conn.details                       ? 
_struct_conn.pdbx_dist_value               2.018 
_struct_conn.pdbx_value_order              ? 
_struct_conn.pdbx_role                     ? 
# 
_struct_conn_type.id          disulf 
_struct_conn_type.criteria    ? 
_struct_conn_type.reference   ? 
# 
_pdbx_modification_feature.ordinal                            1 
_pdbx_modification_feature.label_comp_id                      CYS 
_pdbx_modification_feature.label_asym_id                      A 
_pdbx_modification_feature.label_seq_id                       61 
_pdbx_modification_feature.label_alt_id                       ? 
_pdbx_modification_feature.modified_residue_label_comp_id     CYS 
_pdbx_modification_feature.modified_residue_label_asym_id     B 
_pdbx_modification_feature.modified_residue_label_seq_id      61 
_pdbx_modification_feature.modified_residue_label_alt_id      ? 
_pdbx_modification_feature.auth_comp_id                       CYS 
_pdbx_modification_feature.auth_asym_id                       A 
_pdbx_modification_feature.auth_seq_id                        61 
_pdbx_modification_feature.PDB_ins_code                       ? 
_pdbx_modification_feature.symmetry                           1_555 
_pdbx_modification_feature.modified_residue_auth_comp_id      CYS 
_pdbx_modification_feature.modified_residue_auth_asym_id      B 
_pdbx_modification_feature.modified_residue_auth_seq_id       61 
_pdbx_modification_feature.modified_residue_PDB_ins_code      ? 
_pdbx_modification_feature.modified_residue_symmetry          1_555 
_pdbx_modification_feature.comp_id_linking_atom               SG 
_pdbx_modification_feature.modified_residue_id_linking_atom   SG 
_pdbx_modification_feature.modified_residue_id                . 
_pdbx_modification_feature.ref_pcm_id                         . 
_pdbx_modification_feature.ref_comp_id                        . 
_pdbx_modification_feature.type                               None 
_pdbx_modification_feature.category                           'Disulfide bridge' 
# 
loop_
_struct_sheet.id 
_struct_sheet.type 
_struct_sheet.number_strands 
_struct_sheet.details 
S1 ? 2 ? 
S2 ? 2 ? 
# 
loop_
_struct_sheet_order.sheet_id 
_struct_sheet_order.range_id_1 
_struct_sheet_order.range_id_2 
_struct_sheet_order.offset 
_struct_sheet_order.sense 
S1 1 2 ? anti-parallel 
S2 1 2 ? anti-parallel 
# 
loop_
_struct_sheet_range.sheet_id 
_struct_sheet_range.id 
_struct_sheet_range.beg_label_comp_id 
_struct_sheet_range.beg_label_asym_id 
_struct_sheet_range.beg_label_seq_id 
_struct_sheet_range.pdbx_beg_PDB_ins_code 
_struct_sheet_range.end_label_comp_id 
_struct_sheet_range.end_label_asym_id 
_struct_sheet_range.end_label_seq_id 
_struct_sheet_range.pdbx_end_PDB_ins_code 
_struct_sheet_range.beg_auth_comp_id 
_struct_sheet_range.beg_auth_asym_id 
_struct_sheet_range.beg_auth_seq_id 
_struct_sheet_range.end_auth_comp_id 
_struct_sheet_range.end_auth_asym_id 
_struct_sheet_range.end_auth_seq_id 
S1 1 LEU A 25 ? LEU A 25 ? LEU A 25 LEU A 25 
S1 2 VAL A 66 ? VAL A 66 ? VAL A 66 VAL A 66 
S2 1 LEU B 25 ? LEU B 25 ? LEU B 25 LEU B 25 
S2 2 VAL B 66 ? VAL B 66 ? VAL B 66 VAL B 66 
# 
_pdbx_entry_details.entry_id                   1A4P 
_pdbx_entry_details.compound_details           ? 
_pdbx_entry_details.source_details             ? 
_pdbx_entry_details.nonpolymer_details         ? 
_pdbx_entry_details.sequence_details           ? 
_pdbx_entry_details.has_ligand_of_interest     ? 
_pdbx_entry_details.has_protein_modification   Y 
# 
_pdbx_validate_close_contact.id               1 
_pdbx_validate_close_contact.PDB_model_num    1 
_pdbx_validate_close_contact.auth_atom_id_1   OE2 
_pdbx_validate_close_contact.auth_asym_id_1   A 
_pdbx_validate_close_contact.auth_comp_id_1   GLU 
_pdbx_validate_close_contact.auth_seq_id_1    28 
_pdbx_validate_close_contact.PDB_ins_code_1   ? 
_pdbx_validate_close_contact.label_alt_id_1   A 
_pdbx_validate_close_contact.auth_atom_id_2   NH2 
_pdbx_validate_close_contact.auth_asym_id_2   A 
_pdbx_validate_close_contact.auth_comp_id_2   ARG 
_pdbx_validate_close_contact.auth_seq_id_2    31 
_pdbx_validate_close_contact.PDB_ins_code_2   ? 
_pdbx_validate_close_contact.label_alt_id_2   ? 
_pdbx_validate_close_contact.dist             1.59 
# 
_pdbx_validate_symm_contact.id                1 
_pdbx_validate_symm_contact.PDB_model_num     1 
_pdbx_validate_symm_contact.auth_atom_id_1    O 
_pdbx_validate_symm_contact.auth_asym_id_1    A 
_pdbx_validate_symm_contact.auth_comp_id_1    HOH 
_pdbx_validate_symm_contact.auth_seq_id_1     100 
_pdbx_validate_symm_contact.PDB_ins_code_1    ? 
_pdbx_validate_symm_contact.label_alt_id_1    ? 
_pdbx_validate_symm_contact.site_symmetry_1   1_555 
_pdbx_validate_symm_contact.auth_atom_id_2    O 
_pdbx_validate_symm_contact.auth_asym_id_2    B 
_pdbx_validate_symm_contact.auth_comp_id_2    HOH 
_pdbx_validate_symm_contact.auth_seq_id_2     125 
_pdbx_validate_symm_contact.PDB_ins_code_2    ? 
_pdbx_validate_symm_contact.label_alt_id_2    ? 
_pdbx_validate_symm_contact.site_symmetry_2   3_756 
_pdbx_validate_symm_contact.dist              2.06 
# 
loop_
_pdbx_validate_rmsd_angle.id 
_pdbx_validate_rmsd_angle.PDB_model_num 
_pdbx_validate_rmsd_angle.auth_atom_id_1 
_pdbx_validate_rmsd_angle.auth_asym_id_1 
_pdbx_validate_rmsd_angle.auth_comp_id_1 
_pdbx_validate_rmsd_angle.auth_seq_id_1 
_pdbx_validate_rmsd_angle.PDB_ins_code_1 
_pdbx_validate_rmsd_angle.label_alt_id_1 
_pdbx_validate_rmsd_angle.auth_atom_id_2 
_pdbx_validate_rmsd_angle.auth_asym_id_2 
_pdbx_validate_rmsd_angle.auth_comp_id_2 
_pdbx_validate_rmsd_angle.auth_seq_id_2 
_pdbx_validate_rmsd_angle.PDB_ins_code_2 
_pdbx_validate_rmsd_angle.label_alt_id_2 
_pdbx_validate_rmsd_angle.auth_atom_id_3 
_pdbx_validate_rmsd_angle.auth_asym_id_3 
_pdbx_validate_rmsd_angle.auth_comp_id_3 
_pdbx_validate_rmsd_angle.auth_seq_id_3 
_pdbx_validate_rmsd_angle.PDB_ins_code_3 
_pdbx_validate_rmsd_angle.label_alt_id_3 
_pdbx_validate_rmsd_angle.angle_value 
_pdbx_validate_rmsd_angle.angle_target_value 
_pdbx_validate_rmsd_angle.angle_deviation 
_pdbx_validate_rmsd_angle.angle_standard_deviation 
_pdbx_validate_rmsd_angle.linker_flag 
1  1 CA  A PRO 1  ? ? N  A PRO 1  ? ? CD  A PRO 1  ? ? 96.68  111.50 -14.82 1.40 N 
2  1 CB  A PRO 1  ? ? CA A PRO 1  ? ? C   A PRO 1  ? ? 127.68 112.00 15.68  2.50 N 
3  1 CA  A PRO 1  ? ? C  A PRO 1  ? ? N   A SER 2  ? ? 132.05 117.20 14.85  2.20 Y 
4  1 CB  A HIS 6  ? ? CG A HIS 6  ? A CD2 A HIS 6  ? A 142.09 131.40 10.69  1.20 N 
5  1 CB  A HIS 6  ? ? CG A HIS 6  ? A ND1 A HIS 6  ? A 112.23 121.40 -9.17  1.30 N 
6  1 N   A THR 10 ? ? CA A THR 10 ? ? CB  A THR 10 ? ? 121.91 110.30 11.61  1.90 N 
7  1 CA  B PRO 1  ? ? N  B PRO 1  ? ? CD  B PRO 1  ? ? 101.05 111.50 -10.45 1.40 N 
8  1 CA  B PRO 1  ? ? C  B PRO 1  ? ? N   B SER 2  ? ? 130.45 117.20 13.25  2.20 Y 
9  1 N   B THR 10 ? ? CA B THR 10 ? ? CB  B THR 10 ? ? 122.05 110.30 11.75  1.90 N 
10 1 NH1 B ARG 31 ? ? CZ B ARG 31 ? ? NH2 B ARG 31 ? ? 126.04 119.40 6.64   1.10 N 
11 1 NE  B ARG 31 ? ? CZ B ARG 31 ? ? NH1 B ARG 31 ? ? 114.57 120.30 -5.73  0.50 N 
12 1 CB  B ASP 52 ? ? CG B ASP 52 ? ? OD1 B ASP 52 ? ? 125.06 118.30 6.76   0.90 N 
13 1 CA  B CYS 82 ? ? CB B CYS 82 ? ? SG  B CYS 82 ? A 124.49 114.20 10.29  1.10 N 
14 1 CB  B TYR 85 ? ? CG B TYR 85 ? ? CD2 B TYR 85 ? ? 126.58 121.00 5.58   0.60 N 
15 1 CB  B TYR 85 ? ? CG B TYR 85 ? ? CD1 B TYR 85 ? ? 114.74 121.00 -6.26  0.60 N 
# 
loop_
_pdbx_validate_torsion.id 
_pdbx_validate_torsion.PDB_model_num 
_pdbx_validate_torsion.auth_comp_id 
_pdbx_validate_torsion.auth_asym_id 
_pdbx_validate_torsion.auth_seq_id 
_pdbx_validate_torsion.PDB_ins_code 
_pdbx_validate_torsion.label_alt_id 
_pdbx_validate_torsion.phi 
_pdbx_validate_torsion.psi 
1 1 HIS A 89 ? ? -61.09 -76.03 
2 1 MET A 90 ? ? -5.01  105.33 
# 
loop_
_pdbx_unobs_or_zero_occ_residues.id 
_pdbx_unobs_or_zero_occ_residues.PDB_model_num 
_pdbx_unobs_or_zero_occ_residues.polymer_flag 
_pdbx_unobs_or_zero_occ_residues.occupancy_flag 
_pdbx_unobs_or_zero_occ_residues.auth_asym_id 
_pdbx_unobs_or_zero_occ_residues.auth_comp_id 
_pdbx_unobs_or_zero_occ_residues.auth_seq_id 
_pdbx_unobs_or_zero_occ_residues.PDB_ins_code 
_pdbx_unobs_or_zero_occ_residues.label_asym_id 
_pdbx_unobs_or_zero_occ_residues.label_comp_id 
_pdbx_unobs_or_zero_occ_residues.label_seq_id 
1 1 Y 1 A LYS 93 ? A LYS 93 
2 1 Y 1 A GLY 94 ? A GLY 94 
3 1 Y 1 A LYS 95 ? A LYS 95 
4 1 Y 1 A LYS 96 ? A LYS 96 
5 1 Y 1 B GLN 92 ? B GLN 92 
6 1 Y 1 B LYS 93 ? B LYS 93 
7 1 Y 1 B GLY 94 ? B GLY 94 
8 1 Y 1 B LYS 95 ? B LYS 95 
9 1 Y 1 B LYS 96 ? B LYS 96 
# 
loop_
_chem_comp_atom.comp_id 
_chem_comp_atom.atom_id 
_chem_comp_atom.type_symbol 
_chem_comp_atom.pdbx_aromatic_flag 
_chem_comp_atom.pdbx_stereo_config 
_chem_comp_atom.pdbx_ordinal 
ALA N    N N N 1   
ALA CA   C N S 2   
ALA C    C N N 3   
ALA O    O N N 4   
ALA CB   C N N 5   
ALA OXT  O N N 6   
ALA H    H N N 7   
ALA H2   H N N 8   
ALA HA   H N N 9   
ALA HB1  H N N 10  
ALA HB2  H N N 11  
ALA HB3  H N N 12  
ALA HXT  H N N 13  
ARG N    N N N 14  
ARG CA   C N S 15  
ARG C    C N N 16  
ARG O    O N N 17  
ARG CB   C N N 18  
ARG CG   C N N 19  
ARG CD   C N N 20  
ARG NE   N N N 21  
ARG CZ   C N N 22  
ARG NH1  N N N 23  
ARG NH2  N N N 24  
ARG OXT  O N N 25  
ARG H    H N N 26  
ARG H2   H N N 27  
ARG HA   H N N 28  
ARG HB2  H N N 29  
ARG HB3  H N N 30  
ARG HG2  H N N 31  
ARG HG3  H N N 32  
ARG HD2  H N N 33  
ARG HD3  H N N 34  
ARG HE   H N N 35  
ARG HH11 H N N 36  
ARG HH12 H N N 37  
ARG HH21 H N N 38  
ARG HH22 H N N 39  
ARG HXT  H N N 40  
ASN N    N N N 41  
ASN CA   C N S 42  
ASN C    C N N 43  
ASN O    O N N 44  
ASN CB   C N N 45  
ASN CG   C N N 46  
ASN OD1  O N N 47  
ASN ND2  N N N 48  
ASN OXT  O N N 49  
ASN H    H N N 50  
ASN H2   H N N 51  
ASN HA   H N N 52  
ASN HB2  H N N 53  
ASN HB3  H N N 54  
ASN HD21 H N N 55  
ASN HD22 H N N 56  
ASN HXT  H N N 57  
ASP N    N N N 58  
ASP CA   C N S 59  
ASP C    C N N 60  
ASP O    O N N 61  
ASP CB   C N N 62  
ASP CG   C N N 63  
ASP OD1  O N N 64  
ASP OD2  O N N 65  
ASP OXT  O N N 66  
ASP H    H N N 67  
ASP H2   H N N 68  
ASP HA   H N N 69  
ASP HB2  H N N 70  
ASP HB3  H N N 71  
ASP HD2  H N N 72  
ASP HXT  H N N 73  
CYS N    N N N 74  
CYS CA   C N R 75  
CYS C    C N N 76  
CYS O    O N N 77  
CYS CB   C N N 78  
CYS SG   S N N 79  
CYS OXT  O N N 80  
CYS H    H N N 81  
CYS H2   H N N 82  
CYS HA   H N N 83  
CYS HB2  H N N 84  
CYS HB3  H N N 85  
CYS HG   H N N 86  
CYS HXT  H N N 87  
GLN N    N N N 88  
GLN CA   C N S 89  
GLN C    C N N 90  
GLN O    O N N 91  
GLN CB   C N N 92  
GLN CG   C N N 93  
GLN CD   C N N 94  
GLN OE1  O N N 95  
GLN NE2  N N N 96  
GLN OXT  O N N 97  
GLN H    H N N 98  
GLN H2   H N N 99  
GLN HA   H N N 100 
GLN HB2  H N N 101 
GLN HB3  H N N 102 
GLN HG2  H N N 103 
GLN HG3  H N N 104 
GLN HE21 H N N 105 
GLN HE22 H N N 106 
GLN HXT  H N N 107 
GLU N    N N N 108 
GLU CA   C N S 109 
GLU C    C N N 110 
GLU O    O N N 111 
GLU CB   C N N 112 
GLU CG   C N N 113 
GLU CD   C N N 114 
GLU OE1  O N N 115 
GLU OE2  O N N 116 
GLU OXT  O N N 117 
GLU H    H N N 118 
GLU H2   H N N 119 
GLU HA   H N N 120 
GLU HB2  H N N 121 
GLU HB3  H N N 122 
GLU HG2  H N N 123 
GLU HG3  H N N 124 
GLU HE2  H N N 125 
GLU HXT  H N N 126 
GLY N    N N N 127 
GLY CA   C N N 128 
GLY C    C N N 129 
GLY O    O N N 130 
GLY OXT  O N N 131 
GLY H    H N N 132 
GLY H2   H N N 133 
GLY HA2  H N N 134 
GLY HA3  H N N 135 
GLY HXT  H N N 136 
HIS N    N N N 137 
HIS CA   C N S 138 
HIS C    C N N 139 
HIS O    O N N 140 
HIS CB   C N N 141 
HIS CG   C Y N 142 
HIS ND1  N Y N 143 
HIS CD2  C Y N 144 
HIS CE1  C Y N 145 
HIS NE2  N Y N 146 
HIS OXT  O N N 147 
HIS H    H N N 148 
HIS H2   H N N 149 
HIS HA   H N N 150 
HIS HB2  H N N 151 
HIS HB3  H N N 152 
HIS HD1  H N N 153 
HIS HD2  H N N 154 
HIS HE1  H N N 155 
HIS HE2  H N N 156 
HIS HXT  H N N 157 
HOH O    O N N 158 
HOH H1   H N N 159 
HOH H2   H N N 160 
ILE N    N N N 161 
ILE CA   C N S 162 
ILE C    C N N 163 
ILE O    O N N 164 
ILE CB   C N S 165 
ILE CG1  C N N 166 
ILE CG2  C N N 167 
ILE CD1  C N N 168 
ILE OXT  O N N 169 
ILE H    H N N 170 
ILE H2   H N N 171 
ILE HA   H N N 172 
ILE HB   H N N 173 
ILE HG12 H N N 174 
ILE HG13 H N N 175 
ILE HG21 H N N 176 
ILE HG22 H N N 177 
ILE HG23 H N N 178 
ILE HD11 H N N 179 
ILE HD12 H N N 180 
ILE HD13 H N N 181 
ILE HXT  H N N 182 
LEU N    N N N 183 
LEU CA   C N S 184 
LEU C    C N N 185 
LEU O    O N N 186 
LEU CB   C N N 187 
LEU CG   C N N 188 
LEU CD1  C N N 189 
LEU CD2  C N N 190 
LEU OXT  O N N 191 
LEU H    H N N 192 
LEU H2   H N N 193 
LEU HA   H N N 194 
LEU HB2  H N N 195 
LEU HB3  H N N 196 
LEU HG   H N N 197 
LEU HD11 H N N 198 
LEU HD12 H N N 199 
LEU HD13 H N N 200 
LEU HD21 H N N 201 
LEU HD22 H N N 202 
LEU HD23 H N N 203 
LEU HXT  H N N 204 
LYS N    N N N 205 
LYS CA   C N S 206 
LYS C    C N N 207 
LYS O    O N N 208 
LYS CB   C N N 209 
LYS CG   C N N 210 
LYS CD   C N N 211 
LYS CE   C N N 212 
LYS NZ   N N N 213 
LYS OXT  O N N 214 
LYS H    H N N 215 
LYS H2   H N N 216 
LYS HA   H N N 217 
LYS HB2  H N N 218 
LYS HB3  H N N 219 
LYS HG2  H N N 220 
LYS HG3  H N N 221 
LYS HD2  H N N 222 
LYS HD3  H N N 223 
LYS HE2  H N N 224 
LYS HE3  H N N 225 
LYS HZ1  H N N 226 
LYS HZ2  H N N 227 
LYS HZ3  H N N 228 
LYS HXT  H N N 229 
MET N    N N N 230 
MET CA   C N S 231 
MET C    C N N 232 
MET O    O N N 233 
MET CB   C N N 234 
MET CG   C N N 235 
MET SD   S N N 236 
MET CE   C N N 237 
MET OXT  O N N 238 
MET H    H N N 239 
MET H2   H N N 240 
MET HA   H N N 241 
MET HB2  H N N 242 
MET HB3  H N N 243 
MET HG2  H N N 244 
MET HG3  H N N 245 
MET HE1  H N N 246 
MET HE2  H N N 247 
MET HE3  H N N 248 
MET HXT  H N N 249 
PHE N    N N N 250 
PHE CA   C N S 251 
PHE C    C N N 252 
PHE O    O N N 253 
PHE CB   C N N 254 
PHE CG   C Y N 255 
PHE CD1  C Y N 256 
PHE CD2  C Y N 257 
PHE CE1  C Y N 258 
PHE CE2  C Y N 259 
PHE CZ   C Y N 260 
PHE OXT  O N N 261 
PHE H    H N N 262 
PHE H2   H N N 263 
PHE HA   H N N 264 
PHE HB2  H N N 265 
PHE HB3  H N N 266 
PHE HD1  H N N 267 
PHE HD2  H N N 268 
PHE HE1  H N N 269 
PHE HE2  H N N 270 
PHE HZ   H N N 271 
PHE HXT  H N N 272 
PRO N    N N N 273 
PRO CA   C N S 274 
PRO C    C N N 275 
PRO O    O N N 276 
PRO CB   C N N 277 
PRO CG   C N N 278 
PRO CD   C N N 279 
PRO OXT  O N N 280 
PRO H    H N N 281 
PRO HA   H N N 282 
PRO HB2  H N N 283 
PRO HB3  H N N 284 
PRO HG2  H N N 285 
PRO HG3  H N N 286 
PRO HD2  H N N 287 
PRO HD3  H N N 288 
PRO HXT  H N N 289 
SER N    N N N 290 
SER CA   C N S 291 
SER C    C N N 292 
SER O    O N N 293 
SER CB   C N N 294 
SER OG   O N N 295 
SER OXT  O N N 296 
SER H    H N N 297 
SER H2   H N N 298 
SER HA   H N N 299 
SER HB2  H N N 300 
SER HB3  H N N 301 
SER HG   H N N 302 
SER HXT  H N N 303 
THR N    N N N 304 
THR CA   C N S 305 
THR C    C N N 306 
THR O    O N N 307 
THR CB   C N R 308 
THR OG1  O N N 309 
THR CG2  C N N 310 
THR OXT  O N N 311 
THR H    H N N 312 
THR H2   H N N 313 
THR HA   H N N 314 
THR HB   H N N 315 
THR HG1  H N N 316 
THR HG21 H N N 317 
THR HG22 H N N 318 
THR HG23 H N N 319 
THR HXT  H N N 320 
TYR N    N N N 321 
TYR CA   C N S 322 
TYR C    C N N 323 
TYR O    O N N 324 
TYR CB   C N N 325 
TYR CG   C Y N 326 
TYR CD1  C Y N 327 
TYR CD2  C Y N 328 
TYR CE1  C Y N 329 
TYR CE2  C Y N 330 
TYR CZ   C Y N 331 
TYR OH   O N N 332 
TYR OXT  O N N 333 
TYR H    H N N 334 
TYR H2   H N N 335 
TYR HA   H N N 336 
TYR HB2  H N N 337 
TYR HB3  H N N 338 
TYR HD1  H N N 339 
TYR HD2  H N N 340 
TYR HE1  H N N 341 
TYR HE2  H N N 342 
TYR HH   H N N 343 
TYR HXT  H N N 344 
VAL N    N N N 345 
VAL CA   C N S 346 
VAL C    C N N 347 
VAL O    O N N 348 
VAL CB   C N N 349 
VAL CG1  C N N 350 
VAL CG2  C N N 351 
VAL OXT  O N N 352 
VAL H    H N N 353 
VAL H2   H N N 354 
VAL HA   H N N 355 
VAL HB   H N N 356 
VAL HG11 H N N 357 
VAL HG12 H N N 358 
VAL HG13 H N N 359 
VAL HG21 H N N 360 
VAL HG22 H N N 361 
VAL HG23 H N N 362 
VAL HXT  H N N 363 
# 
loop_
_chem_comp_bond.comp_id 
_chem_comp_bond.atom_id_1 
_chem_comp_bond.atom_id_2 
_chem_comp_bond.value_order 
_chem_comp_bond.pdbx_aromatic_flag 
_chem_comp_bond.pdbx_stereo_config 
_chem_comp_bond.pdbx_ordinal 
ALA N   CA   sing N N 1   
ALA N   H    sing N N 2   
ALA N   H2   sing N N 3   
ALA CA  C    sing N N 4   
ALA CA  CB   sing N N 5   
ALA CA  HA   sing N N 6   
ALA C   O    doub N N 7   
ALA C   OXT  sing N N 8   
ALA CB  HB1  sing N N 9   
ALA CB  HB2  sing N N 10  
ALA CB  HB3  sing N N 11  
ALA OXT HXT  sing N N 12  
ARG N   CA   sing N N 13  
ARG N   H    sing N N 14  
ARG N   H2   sing N N 15  
ARG CA  C    sing N N 16  
ARG CA  CB   sing N N 17  
ARG CA  HA   sing N N 18  
ARG C   O    doub N N 19  
ARG C   OXT  sing N N 20  
ARG CB  CG   sing N N 21  
ARG CB  HB2  sing N N 22  
ARG CB  HB3  sing N N 23  
ARG CG  CD   sing N N 24  
ARG CG  HG2  sing N N 25  
ARG CG  HG3  sing N N 26  
ARG CD  NE   sing N N 27  
ARG CD  HD2  sing N N 28  
ARG CD  HD3  sing N N 29  
ARG NE  CZ   sing N N 30  
ARG NE  HE   sing N N 31  
ARG CZ  NH1  sing N N 32  
ARG CZ  NH2  doub N N 33  
ARG NH1 HH11 sing N N 34  
ARG NH1 HH12 sing N N 35  
ARG NH2 HH21 sing N N 36  
ARG NH2 HH22 sing N N 37  
ARG OXT HXT  sing N N 38  
ASN N   CA   sing N N 39  
ASN N   H    sing N N 40  
ASN N   H2   sing N N 41  
ASN CA  C    sing N N 42  
ASN CA  CB   sing N N 43  
ASN CA  HA   sing N N 44  
ASN C   O    doub N N 45  
ASN C   OXT  sing N N 46  
ASN CB  CG   sing N N 47  
ASN CB  HB2  sing N N 48  
ASN CB  HB3  sing N N 49  
ASN CG  OD1  doub N N 50  
ASN CG  ND2  sing N N 51  
ASN ND2 HD21 sing N N 52  
ASN ND2 HD22 sing N N 53  
ASN OXT HXT  sing N N 54  
ASP N   CA   sing N N 55  
ASP N   H    sing N N 56  
ASP N   H2   sing N N 57  
ASP CA  C    sing N N 58  
ASP CA  CB   sing N N 59  
ASP CA  HA   sing N N 60  
ASP C   O    doub N N 61  
ASP C   OXT  sing N N 62  
ASP CB  CG   sing N N 63  
ASP CB  HB2  sing N N 64  
ASP CB  HB3  sing N N 65  
ASP CG  OD1  doub N N 66  
ASP CG  OD2  sing N N 67  
ASP OD2 HD2  sing N N 68  
ASP OXT HXT  sing N N 69  
CYS N   CA   sing N N 70  
CYS N   H    sing N N 71  
CYS N   H2   sing N N 72  
CYS CA  C    sing N N 73  
CYS CA  CB   sing N N 74  
CYS CA  HA   sing N N 75  
CYS C   O    doub N N 76  
CYS C   OXT  sing N N 77  
CYS CB  SG   sing N N 78  
CYS CB  HB2  sing N N 79  
CYS CB  HB3  sing N N 80  
CYS SG  HG   sing N N 81  
CYS OXT HXT  sing N N 82  
GLN N   CA   sing N N 83  
GLN N   H    sing N N 84  
GLN N   H2   sing N N 85  
GLN CA  C    sing N N 86  
GLN CA  CB   sing N N 87  
GLN CA  HA   sing N N 88  
GLN C   O    doub N N 89  
GLN C   OXT  sing N N 90  
GLN CB  CG   sing N N 91  
GLN CB  HB2  sing N N 92  
GLN CB  HB3  sing N N 93  
GLN CG  CD   sing N N 94  
GLN CG  HG2  sing N N 95  
GLN CG  HG3  sing N N 96  
GLN CD  OE1  doub N N 97  
GLN CD  NE2  sing N N 98  
GLN NE2 HE21 sing N N 99  
GLN NE2 HE22 sing N N 100 
GLN OXT HXT  sing N N 101 
GLU N   CA   sing N N 102 
GLU N   H    sing N N 103 
GLU N   H2   sing N N 104 
GLU CA  C    sing N N 105 
GLU CA  CB   sing N N 106 
GLU CA  HA   sing N N 107 
GLU C   O    doub N N 108 
GLU C   OXT  sing N N 109 
GLU CB  CG   sing N N 110 
GLU CB  HB2  sing N N 111 
GLU CB  HB3  sing N N 112 
GLU CG  CD   sing N N 113 
GLU CG  HG2  sing N N 114 
GLU CG  HG3  sing N N 115 
GLU CD  OE1  doub N N 116 
GLU CD  OE2  sing N N 117 
GLU OE2 HE2  sing N N 118 
GLU OXT HXT  sing N N 119 
GLY N   CA   sing N N 120 
GLY N   H    sing N N 121 
GLY N   H2   sing N N 122 
GLY CA  C    sing N N 123 
GLY CA  HA2  sing N N 124 
GLY CA  HA3  sing N N 125 
GLY C   O    doub N N 126 
GLY C   OXT  sing N N 127 
GLY OXT HXT  sing N N 128 
HIS N   CA   sing N N 129 
HIS N   H    sing N N 130 
HIS N   H2   sing N N 131 
HIS CA  C    sing N N 132 
HIS CA  CB   sing N N 133 
HIS CA  HA   sing N N 134 
HIS C   O    doub N N 135 
HIS C   OXT  sing N N 136 
HIS CB  CG   sing N N 137 
HIS CB  HB2  sing N N 138 
HIS CB  HB3  sing N N 139 
HIS CG  ND1  sing Y N 140 
HIS CG  CD2  doub Y N 141 
HIS ND1 CE1  doub Y N 142 
HIS ND1 HD1  sing N N 143 
HIS CD2 NE2  sing Y N 144 
HIS CD2 HD2  sing N N 145 
HIS CE1 NE2  sing Y N 146 
HIS CE1 HE1  sing N N 147 
HIS NE2 HE2  sing N N 148 
HIS OXT HXT  sing N N 149 
HOH O   H1   sing N N 150 
HOH O   H2   sing N N 151 
ILE N   CA   sing N N 152 
ILE N   H    sing N N 153 
ILE N   H2   sing N N 154 
ILE CA  C    sing N N 155 
ILE CA  CB   sing N N 156 
ILE CA  HA   sing N N 157 
ILE C   O    doub N N 158 
ILE C   OXT  sing N N 159 
ILE CB  CG1  sing N N 160 
ILE CB  CG2  sing N N 161 
ILE CB  HB   sing N N 162 
ILE CG1 CD1  sing N N 163 
ILE CG1 HG12 sing N N 164 
ILE CG1 HG13 sing N N 165 
ILE CG2 HG21 sing N N 166 
ILE CG2 HG22 sing N N 167 
ILE CG2 HG23 sing N N 168 
ILE CD1 HD11 sing N N 169 
ILE CD1 HD12 sing N N 170 
ILE CD1 HD13 sing N N 171 
ILE OXT HXT  sing N N 172 
LEU N   CA   sing N N 173 
LEU N   H    sing N N 174 
LEU N   H2   sing N N 175 
LEU CA  C    sing N N 176 
LEU CA  CB   sing N N 177 
LEU CA  HA   sing N N 178 
LEU C   O    doub N N 179 
LEU C   OXT  sing N N 180 
LEU CB  CG   sing N N 181 
LEU CB  HB2  sing N N 182 
LEU CB  HB3  sing N N 183 
LEU CG  CD1  sing N N 184 
LEU CG  CD2  sing N N 185 
LEU CG  HG   sing N N 186 
LEU CD1 HD11 sing N N 187 
LEU CD1 HD12 sing N N 188 
LEU CD1 HD13 sing N N 189 
LEU CD2 HD21 sing N N 190 
LEU CD2 HD22 sing N N 191 
LEU CD2 HD23 sing N N 192 
LEU OXT HXT  sing N N 193 
LYS N   CA   sing N N 194 
LYS N   H    sing N N 195 
LYS N   H2   sing N N 196 
LYS CA  C    sing N N 197 
LYS CA  CB   sing N N 198 
LYS CA  HA   sing N N 199 
LYS C   O    doub N N 200 
LYS C   OXT  sing N N 201 
LYS CB  CG   sing N N 202 
LYS CB  HB2  sing N N 203 
LYS CB  HB3  sing N N 204 
LYS CG  CD   sing N N 205 
LYS CG  HG2  sing N N 206 
LYS CG  HG3  sing N N 207 
LYS CD  CE   sing N N 208 
LYS CD  HD2  sing N N 209 
LYS CD  HD3  sing N N 210 
LYS CE  NZ   sing N N 211 
LYS CE  HE2  sing N N 212 
LYS CE  HE3  sing N N 213 
LYS NZ  HZ1  sing N N 214 
LYS NZ  HZ2  sing N N 215 
LYS NZ  HZ3  sing N N 216 
LYS OXT HXT  sing N N 217 
MET N   CA   sing N N 218 
MET N   H    sing N N 219 
MET N   H2   sing N N 220 
MET CA  C    sing N N 221 
MET CA  CB   sing N N 222 
MET CA  HA   sing N N 223 
MET C   O    doub N N 224 
MET C   OXT  sing N N 225 
MET CB  CG   sing N N 226 
MET CB  HB2  sing N N 227 
MET CB  HB3  sing N N 228 
MET CG  SD   sing N N 229 
MET CG  HG2  sing N N 230 
MET CG  HG3  sing N N 231 
MET SD  CE   sing N N 232 
MET CE  HE1  sing N N 233 
MET CE  HE2  sing N N 234 
MET CE  HE3  sing N N 235 
MET OXT HXT  sing N N 236 
PHE N   CA   sing N N 237 
PHE N   H    sing N N 238 
PHE N   H2   sing N N 239 
PHE CA  C    sing N N 240 
PHE CA  CB   sing N N 241 
PHE CA  HA   sing N N 242 
PHE C   O    doub N N 243 
PHE C   OXT  sing N N 244 
PHE CB  CG   sing N N 245 
PHE CB  HB2  sing N N 246 
PHE CB  HB3  sing N N 247 
PHE CG  CD1  doub Y N 248 
PHE CG  CD2  sing Y N 249 
PHE CD1 CE1  sing Y N 250 
PHE CD1 HD1  sing N N 251 
PHE CD2 CE2  doub Y N 252 
PHE CD2 HD2  sing N N 253 
PHE CE1 CZ   doub Y N 254 
PHE CE1 HE1  sing N N 255 
PHE CE2 CZ   sing Y N 256 
PHE CE2 HE2  sing N N 257 
PHE CZ  HZ   sing N N 258 
PHE OXT HXT  sing N N 259 
PRO N   CA   sing N N 260 
PRO N   CD   sing N N 261 
PRO N   H    sing N N 262 
PRO CA  C    sing N N 263 
PRO CA  CB   sing N N 264 
PRO CA  HA   sing N N 265 
PRO C   O    doub N N 266 
PRO C   OXT  sing N N 267 
PRO CB  CG   sing N N 268 
PRO CB  HB2  sing N N 269 
PRO CB  HB3  sing N N 270 
PRO CG  CD   sing N N 271 
PRO CG  HG2  sing N N 272 
PRO CG  HG3  sing N N 273 
PRO CD  HD2  sing N N 274 
PRO CD  HD3  sing N N 275 
PRO OXT HXT  sing N N 276 
SER N   CA   sing N N 277 
SER N   H    sing N N 278 
SER N   H2   sing N N 279 
SER CA  C    sing N N 280 
SER CA  CB   sing N N 281 
SER CA  HA   sing N N 282 
SER C   O    doub N N 283 
SER C   OXT  sing N N 284 
SER CB  OG   sing N N 285 
SER CB  HB2  sing N N 286 
SER CB  HB3  sing N N 287 
SER OG  HG   sing N N 288 
SER OXT HXT  sing N N 289 
THR N   CA   sing N N 290 
THR N   H    sing N N 291 
THR N   H2   sing N N 292 
THR CA  C    sing N N 293 
THR CA  CB   sing N N 294 
THR CA  HA   sing N N 295 
THR C   O    doub N N 296 
THR C   OXT  sing N N 297 
THR CB  OG1  sing N N 298 
THR CB  CG2  sing N N 299 
THR CB  HB   sing N N 300 
THR OG1 HG1  sing N N 301 
THR CG2 HG21 sing N N 302 
THR CG2 HG22 sing N N 303 
THR CG2 HG23 sing N N 304 
THR OXT HXT  sing N N 305 
TYR N   CA   sing N N 306 
TYR N   H    sing N N 307 
TYR N   H2   sing N N 308 
TYR CA  C    sing N N 309 
TYR CA  CB   sing N N 310 
TYR CA  HA   sing N N 311 
TYR C   O    doub N N 312 
TYR C   OXT  sing N N 313 
TYR CB  CG   sing N N 314 
TYR CB  HB2  sing N N 315 
TYR CB  HB3  sing N N 316 
TYR CG  CD1  doub Y N 317 
TYR CG  CD2  sing Y N 318 
TYR CD1 CE1  sing Y N 319 
TYR CD1 HD1  sing N N 320 
TYR CD2 CE2  doub Y N 321 
TYR CD2 HD2  sing N N 322 
TYR CE1 CZ   doub Y N 323 
TYR CE1 HE1  sing N N 324 
TYR CE2 CZ   sing Y N 325 
TYR CE2 HE2  sing N N 326 
TYR CZ  OH   sing N N 327 
TYR OH  HH   sing N N 328 
TYR OXT HXT  sing N N 329 
VAL N   CA   sing N N 330 
VAL N   H    sing N N 331 
VAL N   H2   sing N N 332 
VAL CA  C    sing N N 333 
VAL CA  CB   sing N N 334 
VAL CA  HA   sing N N 335 
VAL C   O    doub N N 336 
VAL C   OXT  sing N N 337 
VAL CB  CG1  sing N N 338 
VAL CB  CG2  sing N N 339 
VAL CB  HB   sing N N 340 
VAL CG1 HG11 sing N N 341 
VAL CG1 HG12 sing N N 342 
VAL CG1 HG13 sing N N 343 
VAL CG2 HG21 sing N N 344 
VAL CG2 HG22 sing N N 345 
VAL CG2 HG23 sing N N 346 
VAL OXT HXT  sing N N 347 
# 
_atom_sites.entry_id                    1A4P 
_atom_sites.fract_transf_matrix[1][1]   0.00183809 
_atom_sites.fract_transf_matrix[1][2]   -0.01721706 
_atom_sites.fract_transf_matrix[1][3]   0.00019513 
_atom_sites.fract_transf_matrix[2][1]   0.00046337 
_atom_sites.fract_transf_matrix[2][2]   -0.00009078 
_atom_sites.fract_transf_matrix[2][3]   -0.01237500 
_atom_sites.fract_transf_matrix[3][1]   0.01040347 
_atom_sites.fract_transf_matrix[3][2]   0.00111499 
_atom_sites.fract_transf_matrix[3][3]   0.00038137 
_atom_sites.fract_transf_vector[1]      1.021543 
_atom_sites.fract_transf_vector[2]      0.728248 
_atom_sites.fract_transf_vector[3]      0.570743 
# 
loop_
_atom_type.symbol 
C 
N 
O 
S 
# 
loop_
_atom_site.group_PDB 
_atom_site.id 
_atom_site.type_symbol 
_atom_site.label_atom_id 
_atom_site.label_alt_id 
_atom_site.label_comp_id 
_atom_site.label_asym_id 
_atom_site.label_entity_id 
_atom_site.label_seq_id 
_atom_site.pdbx_PDB_ins_code 
_atom_site.Cartn_x 
_atom_site.Cartn_y 
_atom_site.Cartn_z 
_atom_site.occupancy 
_atom_site.B_iso_or_equiv 
_atom_site.pdbx_formal_charge 
_atom_site.auth_seq_id 
_atom_site.auth_comp_id 
_atom_site.auth_asym_id 
_atom_site.auth_atom_id 
_atom_site.pdbx_PDB_model_num 
ATOM   1    N N   . PRO A 1 1  ? -1.995  -23.813 13.337  1.00 31.61 ? 1   PRO A N   1 
ATOM   2    C CA  . PRO A 1 1  ? -2.890  -25.021 13.220  1.00 31.45 ? 1   PRO A CA  1 
ATOM   3    C C   . PRO A 1 1  ? -4.174  -24.939 12.513  1.00 27.40 ? 1   PRO A C   1 
ATOM   4    O O   . PRO A 1 1  ? -4.398  -26.070 12.050  1.00 28.53 ? 1   PRO A O   1 
ATOM   5    C CB  . PRO A 1 1  ? -2.604  -25.694 14.542  1.00 31.62 ? 1   PRO A CB  1 
ATOM   6    C CG  . PRO A 1 1  ? -1.090  -25.786 14.341  1.00 31.48 ? 1   PRO A CG  1 
ATOM   7    C CD  . PRO A 1 1  ? -0.695  -24.576 13.550  1.00 32.16 ? 1   PRO A CD  1 
ATOM   8    N N   . SER A 1 2  ? -4.959  -23.922 12.225  1.00 24.66 ? 2   SER A N   1 
ATOM   9    C CA  . SER A 1 2  ? -6.110  -24.238 11.326  1.00 21.37 ? 2   SER A CA  1 
ATOM   10   C C   . SER A 1 2  ? -5.492  -24.395 9.916   1.00 22.72 ? 2   SER A C   1 
ATOM   11   O O   . SER A 1 2  ? -4.293  -24.148 9.661   1.00 17.58 ? 2   SER A O   1 
ATOM   12   C CB  . SER A 1 2  ? -7.028  -23.052 11.244  1.00 19.39 ? 2   SER A CB  1 
ATOM   13   O OG  . SER A 1 2  ? -6.400  -21.830 10.914  1.00 16.40 ? 2   SER A OG  1 
ATOM   14   N N   . GLN A 1 3  ? -6.323  -24.726 8.931   1.00 22.63 ? 3   GLN A N   1 
ATOM   15   C CA  . GLN A 1 3  ? -5.927  -24.856 7.550   1.00 21.55 ? 3   GLN A CA  1 
ATOM   16   C C   . GLN A 1 3  ? -5.494  -23.489 7.035   1.00 19.11 ? 3   GLN A C   1 
ATOM   17   O O   . GLN A 1 3  ? -4.533  -23.420 6.298   1.00 18.00 ? 3   GLN A O   1 
ATOM   18   C CB  . GLN A 1 3  ? -7.015  -25.377 6.608   1.00 26.06 ? 3   GLN A CB  1 
ATOM   19   C CG  . GLN A 1 3  ? -7.226  -26.870 6.705   1.00 31.01 ? 3   GLN A CG  1 
ATOM   20   C CD  . GLN A 1 3  ? -6.097  -27.705 6.155   1.00 35.27 ? 3   GLN A CD  1 
ATOM   21   O OE1 . GLN A 1 3  ? -5.787  -27.636 4.953   1.00 38.67 ? 3   GLN A OE1 1 
ATOM   22   N NE2 . GLN A 1 3  ? -5.459  -28.519 7.006   1.00 35.77 ? 3   GLN A NE2 1 
ATOM   23   N N   . MET A 1 4  ? -6.173  -22.411 7.357   1.00 16.34 ? 4   MET A N   1 
ATOM   24   C CA  . MET A 1 4  ? -5.758  -21.103 6.898   1.00 17.97 ? 4   MET A CA  1 
ATOM   25   C C   . MET A 1 4  ? -4.403  -20.659 7.531   1.00 19.20 ? 4   MET A C   1 
ATOM   26   O O   . MET A 1 4  ? -3.615  -20.036 6.824   1.00 17.74 ? 4   MET A O   1 
ATOM   27   C CB  . MET A 1 4  ? -6.823  -20.069 7.260   1.00 16.81 ? 4   MET A CB  1 
ATOM   28   C CG  . MET A 1 4  ? -8.119  -20.239 6.446   1.00 21.12 ? 4   MET A CG  1 
ATOM   29   S SD  . MET A 1 4  ? -7.852  -19.804 4.709   1.00 23.81 ? 4   MET A SD  1 
ATOM   30   C CE  . MET A 1 4  ? -7.676  -18.058 4.889   1.00 21.88 ? 4   MET A CE  1 
ATOM   31   N N   . GLU A 1 5  ? -4.166  -20.951 8.808   1.00 16.63 ? 5   GLU A N   1 
ATOM   32   C CA  . GLU A 1 5  ? -2.922  -20.572 9.477   1.00 20.85 ? 5   GLU A CA  1 
ATOM   33   C C   . GLU A 1 5  ? -1.748  -21.273 8.769   1.00 20.48 ? 5   GLU A C   1 
ATOM   34   O O   . GLU A 1 5  ? -0.807  -20.599 8.413   1.00 18.61 ? 5   GLU A O   1 
ATOM   35   C CB  . GLU A 1 5  ? -2.975  -20.789 10.980  1.00 19.12 ? 5   GLU A CB  1 
ATOM   36   C CG  . GLU A 1 5  ? -4.030  -19.812 11.576  1.00 18.13 ? 5   GLU A CG  1 
ATOM   37   C CD  . GLU A 1 5  ? -4.208  -20.218 13.027  1.00 18.25 ? 5   GLU A CD  1 
ATOM   38   O OE1 . GLU A 1 5  ? -4.268  -21.420 13.287  1.00 18.69 ? 5   GLU A OE1 1 
ATOM   39   O OE2 . GLU A 1 5  ? -4.290  -19.368 13.913  1.00 21.06 ? 5   GLU A OE2 1 
ATOM   40   N N   . HIS A 1 6  ? -1.877  -22.550 8.466   1.00 21.74 ? 6   HIS A N   1 
ATOM   41   C CA  . HIS A 1 6  ? -0.913  -23.299 7.734   1.00 25.75 ? 6   HIS A CA  1 
ATOM   42   C C   . HIS A 1 6  ? -0.692  -22.651 6.366   1.00 26.58 ? 6   HIS A C   1 
ATOM   43   O O   . HIS A 1 6  ? 0.472   -22.491 6.027   1.00 26.05 ? 6   HIS A O   1 
ATOM   44   C CB  . HIS A 1 6  ? -1.310  -24.770 7.533   1.00 28.85 ? 6   HIS A CB  1 
ATOM   45   C CG  A HIS A 1 6  ? -0.750  -25.566 8.672   0.50 31.94 ? 6   HIS A CG  1 
ATOM   46   N ND1 A HIS A 1 6  ? -1.700  -26.470 9.213   0.50 31.78 ? 6   HIS A ND1 1 
ATOM   47   N ND1 B HIS A 1 6  ? -1.228  -25.669 9.943   0.50 34.48 ? 6   HIS A ND1 1 
ATOM   48   C CD2 A HIS A 1 6  ? 0.360   -25.739 9.389   0.50 31.56 ? 6   HIS A CD2 1 
ATOM   49   C CD2 B HIS A 1 6  ? 0.401   -26.302 8.623   0.50 33.59 ? 6   HIS A CD2 1 
ATOM   50   C CE1 A HIS A 1 6  ? -1.165  -27.142 10.208  0.50 31.90 ? 6   HIS A CE1 1 
ATOM   51   C CE1 B HIS A 1 6  ? -0.430  -26.450 10.654  0.50 34.77 ? 6   HIS A CE1 1 
ATOM   52   N NE2 A HIS A 1 6  ? 0.086   -26.714 10.329  0.50 32.67 ? 6   HIS A NE2 1 
ATOM   53   N NE2 B HIS A 1 6  ? 0.564   -26.847 9.875   0.50 35.19 ? 6   HIS A NE2 1 
ATOM   54   N N   . ALA A 1 7  ? -1.744  -22.269 5.635   1.00 23.11 ? 7   ALA A N   1 
ATOM   55   C CA  . ALA A 1 7  ? -1.588  -21.643 4.367   1.00 20.74 ? 7   ALA A CA  1 
ATOM   56   C C   . ALA A 1 7  ? -0.833  -20.308 4.464   1.00 19.78 ? 7   ALA A C   1 
ATOM   57   O O   . ALA A 1 7  ? 0.037   -20.066 3.616   1.00 16.51 ? 7   ALA A O   1 
ATOM   58   C CB  . ALA A 1 7  ? -2.875  -21.378 3.614   1.00 18.61 ? 7   ALA A CB  1 
ATOM   59   N N   . MET A 1 8  ? -1.177  -19.435 5.373   1.00 21.08 ? 8   MET A N   1 
ATOM   60   C CA  . MET A 1 8  ? -0.503  -18.154 5.521   1.00 23.55 ? 8   MET A CA  1 
ATOM   61   C C   . MET A 1 8  ? 1.000   -18.361 5.874   1.00 24.57 ? 8   MET A C   1 
ATOM   62   O O   . MET A 1 8  ? 1.905   -17.697 5.388   1.00 23.04 ? 8   MET A O   1 
ATOM   63   C CB  . MET A 1 8  ? -1.120  -17.354 6.641   1.00 25.59 ? 8   MET A CB  1 
ATOM   64   C CG  . MET A 1 8  ? -2.569  -16.978 6.365   1.00 30.29 ? 8   MET A CG  1 
ATOM   65   S SD  . MET A 1 8  ? -3.508  -16.499 7.831   1.00 33.44 ? 8   MET A SD  1 
ATOM   66   C CE  . MET A 1 8  ? -2.754  -14.971 8.330   1.00 30.07 ? 8   MET A CE  1 
ATOM   67   N N   . GLU A 1 9  ? 1.261   -19.333 6.704   1.00 24.32 ? 9   GLU A N   1 
ATOM   68   C CA  . GLU A 1 9  ? 2.593   -19.679 7.122   1.00 28.34 ? 9   GLU A CA  1 
ATOM   69   C C   . GLU A 1 9  ? 3.405   -20.085 5.880   1.00 27.73 ? 9   GLU A C   1 
ATOM   70   O O   . GLU A 1 9  ? 4.497   -19.522 5.692   1.00 24.11 ? 9   GLU A O   1 
ATOM   71   C CB  . GLU A 1 9  ? 2.553   -20.759 8.179   1.00 30.43 ? 9   GLU A CB  1 
ATOM   72   C CG  . GLU A 1 9  ? 3.915   -20.877 8.840   1.00 38.85 ? 9   GLU A CG  1 
ATOM   73   C CD  . GLU A 1 9  ? 4.104   -22.156 9.620   1.00 40.45 ? 9   GLU A CD  1 
ATOM   74   O OE1 . GLU A 1 9  ? 4.081   -23.257 9.056   1.00 43.10 ? 9   GLU A OE1 1 
ATOM   75   O OE2 . GLU A 1 9  ? 4.282   -22.003 10.836  1.00 43.86 ? 9   GLU A OE2 1 
ATOM   76   N N   . THR A 1 10 ? 2.837   -20.979 5.052   1.00 27.07 ? 10  THR A N   1 
ATOM   77   C CA  . THR A 1 10 ? 3.555   -21.373 3.860   1.00 26.82 ? 10  THR A CA  1 
ATOM   78   C C   . THR A 1 10 ? 3.759   -20.209 2.904   1.00 26.08 ? 10  THR A C   1 
ATOM   79   O O   . THR A 1 10 ? 4.809   -20.249 2.241   1.00 27.08 ? 10  THR A O   1 
ATOM   80   C CB  . THR A 1 10 ? 3.256   -22.673 3.137   1.00 26.50 ? 10  THR A CB  1 
ATOM   81   O OG1 . THR A 1 10 ? 3.038   -22.471 1.732   1.00 28.96 ? 10  THR A OG1 1 
ATOM   82   C CG2 . THR A 1 10 ? 2.265   -23.548 3.791   1.00 22.64 ? 10  THR A CG2 1 
ATOM   83   N N   . MET A 1 11 ? 2.960   -19.181 2.839   1.00 24.66 ? 11  MET A N   1 
ATOM   84   C CA  . MET A 1 11 ? 3.253   -18.077 1.926   1.00 26.39 ? 11  MET A CA  1 
ATOM   85   C C   . MET A 1 11 ? 4.401   -17.198 2.454   1.00 26.35 ? 11  MET A C   1 
ATOM   86   O O   . MET A 1 11 ? 5.180   -16.627 1.707   1.00 24.31 ? 11  MET A O   1 
ATOM   87   C CB  . MET A 1 11 ? 1.993   -17.238 1.765   1.00 25.71 ? 11  MET A CB  1 
ATOM   88   C CG  . MET A 1 11 ? 0.929   -18.148 1.086   1.00 30.20 ? 11  MET A CG  1 
ATOM   89   S SD  . MET A 1 11 ? -0.497  -17.160 0.629   1.00 32.60 ? 11  MET A SD  1 
ATOM   90   C CE  . MET A 1 11 ? -0.839  -16.324 2.162   1.00 32.85 ? 11  MET A CE  1 
ATOM   91   N N   . MET A 1 12 ? 4.410   -17.049 3.764   1.00 25.46 ? 12  MET A N   1 
ATOM   92   C CA  . MET A 1 12 ? 5.369   -16.284 4.503   1.00 28.42 ? 12  MET A CA  1 
ATOM   93   C C   . MET A 1 12 ? 6.754   -16.952 4.399   1.00 25.94 ? 12  MET A C   1 
ATOM   94   O O   . MET A 1 12 ? 7.628   -16.253 3.994   1.00 24.02 ? 12  MET A O   1 
ATOM   95   C CB  . MET A 1 12 ? 5.048   -16.193 5.991   1.00 29.34 ? 12  MET A CB  1 
ATOM   96   C CG  . MET A 1 12 ? 4.283   -14.886 6.227   1.00 33.93 ? 12  MET A CG  1 
ATOM   97   S SD  . MET A 1 12 ? 3.651   -14.942 7.928   1.00 40.41 ? 12  MET A SD  1 
ATOM   98   C CE  . MET A 1 12 ? 5.204   -15.224 8.816   1.00 35.30 ? 12  MET A CE  1 
ATOM   99   N N   . PHE A 1 13 ? 6.836   -18.218 4.734   1.00 26.32 ? 13  PHE A N   1 
ATOM   100  C CA  . PHE A 1 13 ? 8.050   -18.969 4.665   1.00 28.95 ? 13  PHE A CA  1 
ATOM   101  C C   . PHE A 1 13 ? 8.575   -18.994 3.225   1.00 30.45 ? 13  PHE A C   1 
ATOM   102  O O   . PHE A 1 13 ? 9.788   -18.847 3.011   1.00 30.47 ? 13  PHE A O   1 
ATOM   103  C CB  . PHE A 1 13 ? 7.856   -20.359 5.258   1.00 31.56 ? 13  PHE A CB  1 
ATOM   104  C CG  . PHE A 1 13 ? 7.666   -20.404 6.757   1.00 35.39 ? 13  PHE A CG  1 
ATOM   105  C CD1 . PHE A 1 13 ? 7.628   -19.266 7.547   1.00 36.30 ? 13  PHE A CD1 1 
ATOM   106  C CD2 . PHE A 1 13 ? 7.511   -21.628 7.394   1.00 36.72 ? 13  PHE A CD2 1 
ATOM   107  C CE1 . PHE A 1 13 ? 7.461   -19.328 8.910   1.00 37.45 ? 13  PHE A CE1 1 
ATOM   108  C CE2 . PHE A 1 13 ? 7.335   -21.718 8.767   1.00 37.12 ? 13  PHE A CE2 1 
ATOM   109  C CZ  . PHE A 1 13 ? 7.311   -20.559 9.525   1.00 37.31 ? 13  PHE A CZ  1 
ATOM   110  N N   . THR A 1 14 ? 7.698   -19.154 2.234   1.00 27.34 ? 14  THR A N   1 
ATOM   111  C CA  . THR A 1 14 ? 8.058   -19.220 0.853   1.00 26.29 ? 14  THR A CA  1 
ATOM   112  C C   . THR A 1 14 ? 8.806   -17.964 0.448   1.00 27.79 ? 14  THR A C   1 
ATOM   113  O O   . THR A 1 14 ? 9.904   -18.014 -0.120  1.00 29.73 ? 14  THR A O   1 
ATOM   114  C CB  . THR A 1 14 ? 6.898   -19.526 -0.115  1.00 24.79 ? 14  THR A CB  1 
ATOM   115  O OG1 . THR A 1 14 ? 6.587   -20.905 0.197   1.00 24.41 ? 14  THR A OG1 1 
ATOM   116  C CG2 . THR A 1 14 ? 7.353   -19.381 -1.559  1.00 24.32 ? 14  THR A CG2 1 
ATOM   117  N N   . PHE A 1 15 ? 8.157   -16.864 0.751   1.00 24.65 ? 15  PHE A N   1 
ATOM   118  C CA  . PHE A 1 15 ? 8.747   -15.599 0.465   1.00 24.44 ? 15  PHE A CA  1 
ATOM   119  C C   . PHE A 1 15 ? 10.113  -15.431 1.188   1.00 26.12 ? 15  PHE A C   1 
ATOM   120  O O   . PHE A 1 15 ? 11.019  -14.921 0.519   1.00 25.29 ? 15  PHE A O   1 
ATOM   121  C CB  . PHE A 1 15 ? 7.836   -14.488 0.946   1.00 21.47 ? 15  PHE A CB  1 
ATOM   122  C CG  . PHE A 1 15 ? 8.381   -13.116 0.813   1.00 21.48 ? 15  PHE A CG  1 
ATOM   123  C CD1 . PHE A 1 15 ? 8.361   -12.438 -0.380  1.00 22.02 ? 15  PHE A CD1 1 
ATOM   124  C CD2 . PHE A 1 15 ? 8.947   -12.478 1.912   1.00 23.08 ? 15  PHE A CD2 1 
ATOM   125  C CE1 . PHE A 1 15 ? 8.865   -11.156 -0.515  1.00 21.12 ? 15  PHE A CE1 1 
ATOM   126  C CE2 . PHE A 1 15 ? 9.457   -11.203 1.794   1.00 20.35 ? 15  PHE A CE2 1 
ATOM   127  C CZ  . PHE A 1 15 ? 9.408   -10.563 0.587   1.00 20.65 ? 15  PHE A CZ  1 
ATOM   128  N N   . HIS A 1 16 ? 10.219  -15.767 2.461   1.00 25.35 ? 16  HIS A N   1 
ATOM   129  C CA  . HIS A 1 16 ? 11.458  -15.578 3.187   1.00 26.11 ? 16  HIS A CA  1 
ATOM   130  C C   . HIS A 1 16 ? 12.576  -16.470 2.652   1.00 28.38 ? 16  HIS A C   1 
ATOM   131  O O   . HIS A 1 16 ? 13.695  -15.978 2.589   1.00 26.94 ? 16  HIS A O   1 
ATOM   132  C CB  . HIS A 1 16 ? 11.315  -15.601 4.710   1.00 22.12 ? 16  HIS A CB  1 
ATOM   133  C CG  . HIS A 1 16 ? 10.643  -14.325 5.104   1.00 21.18 ? 16  HIS A CG  1 
ATOM   134  N ND1 . HIS A 1 16 ? 11.240  -13.105 5.097   1.00 21.59 ? 16  HIS A ND1 1 
ATOM   135  C CD2 . HIS A 1 16 ? 9.377   -14.075 5.516   1.00 20.43 ? 16  HIS A CD2 1 
ATOM   136  C CE1 . HIS A 1 16 ? 10.427  -12.139 5.478   1.00 21.14 ? 16  HIS A CE1 1 
ATOM   137  N NE2 . HIS A 1 16 ? 9.281   -12.728 5.736   1.00 20.01 ? 16  HIS A NE2 1 
ATOM   138  N N   . LYS A 1 17 ? 12.293  -17.689 2.256   1.00 30.05 ? 17  LYS A N   1 
ATOM   139  C CA  . LYS A 1 17 ? 13.189  -18.638 1.689   1.00 34.40 ? 17  LYS A CA  1 
ATOM   140  C C   . LYS A 1 17 ? 13.916  -18.082 0.442   1.00 35.54 ? 17  LYS A C   1 
ATOM   141  O O   . LYS A 1 17 ? 15.114  -18.291 0.338   1.00 33.51 ? 17  LYS A O   1 
ATOM   142  C CB  . LYS A 1 17 ? 12.375  -19.824 1.152   1.00 38.29 ? 17  LYS A CB  1 
ATOM   143  C CG  . LYS A 1 17 ? 13.181  -21.016 0.660   1.00 43.05 ? 17  LYS A CG  1 
ATOM   144  C CD  . LYS A 1 17 ? 12.325  -21.900 -0.255  1.00 45.71 ? 17  LYS A CD  1 
ATOM   145  C CE  . LYS A 1 17 ? 13.027  -23.199 -0.603  1.00 47.91 ? 17  LYS A CE  1 
ATOM   146  N NZ  . LYS A 1 17 ? 13.359  -23.332 -2.048  1.00 48.64 ? 17  LYS A NZ  1 
ATOM   147  N N   . PHE A 1 18 ? 13.147  -17.427 -0.439  1.00 33.22 ? 18  PHE A N   1 
ATOM   148  C CA  . PHE A 1 18 ? 13.670  -16.857 -1.650  1.00 31.91 ? 18  PHE A CA  1 
ATOM   149  C C   . PHE A 1 18 ? 14.158  -15.431 -1.411  1.00 30.49 ? 18  PHE A C   1 
ATOM   150  O O   . PHE A 1 18 ? 14.926  -14.953 -2.265  1.00 30.73 ? 18  PHE A O   1 
ATOM   151  C CB  . PHE A 1 18 ? 12.706  -16.821 -2.843  1.00 33.39 ? 18  PHE A CB  1 
ATOM   152  C CG  . PHE A 1 18 ? 12.359  -18.195 -3.316  1.00 34.90 ? 18  PHE A CG  1 
ATOM   153  C CD1 . PHE A 1 18 ? 11.305  -18.891 -2.751  1.00 35.54 ? 18  PHE A CD1 1 
ATOM   154  C CD2 . PHE A 1 18 ? 13.098  -18.799 -4.327  1.00 35.98 ? 18  PHE A CD2 1 
ATOM   155  C CE1 . PHE A 1 18 ? 10.985  -20.172 -3.185  1.00 36.05 ? 18  PHE A CE1 1 
ATOM   156  C CE2 . PHE A 1 18 ? 12.786  -20.077 -4.765  1.00 35.06 ? 18  PHE A CE2 1 
ATOM   157  C CZ  . PHE A 1 18 ? 11.734  -20.756 -4.194  1.00 36.61 ? 18  PHE A CZ  1 
ATOM   158  N N   . ALA A 1 19 ? 13.751  -14.778 -0.332  1.00 25.47 ? 19  ALA A N   1 
ATOM   159  C CA  . ALA A 1 19 ? 14.251  -13.442 -0.115  1.00 25.48 ? 19  ALA A CA  1 
ATOM   160  C C   . ALA A 1 19 ? 15.601  -13.491 0.671   1.00 26.04 ? 19  ALA A C   1 
ATOM   161  O O   . ALA A 1 19 ? 16.421  -12.594 0.513   1.00 26.03 ? 19  ALA A O   1 
ATOM   162  C CB  . ALA A 1 19 ? 13.327  -12.517 0.621   1.00 22.89 ? 19  ALA A CB  1 
ATOM   163  N N   . GLY A 1 20 ? 15.829  -14.477 1.485   1.00 25.87 ? 20  GLY A N   1 
ATOM   164  C CA  . GLY A 1 20 ? 17.005  -14.627 2.308   1.00 29.92 ? 20  GLY A CA  1 
ATOM   165  C C   . GLY A 1 20 ? 17.058  -13.455 3.291   1.00 32.39 ? 20  GLY A C   1 
ATOM   166  O O   . GLY A 1 20 ? 16.132  -12.640 3.402   1.00 32.33 ? 20  GLY A O   1 
ATOM   167  N N   . ASP A 1 21 ? 18.175  -13.320 3.987   1.00 34.28 ? 21  ASP A N   1 
ATOM   168  C CA  . ASP A 1 21 ? 18.397  -12.288 4.991   1.00 36.01 ? 21  ASP A CA  1 
ATOM   169  C C   . ASP A 1 21 ? 18.109  -10.867 4.584   1.00 33.98 ? 21  ASP A C   1 
ATOM   170  O O   . ASP A 1 21 ? 17.742  -10.073 5.487   1.00 36.18 ? 21  ASP A O   1 
ATOM   171  C CB  . ASP A 1 21 ? 19.808  -12.367 5.581   1.00 40.66 ? 21  ASP A CB  1 
ATOM   172  C CG  . ASP A 1 21 ? 20.197  -13.686 6.202   1.00 45.33 ? 21  ASP A CG  1 
ATOM   173  O OD1 . ASP A 1 21 ? 19.844  -13.930 7.384   1.00 49.48 ? 21  ASP A OD1 1 
ATOM   174  O OD2 . ASP A 1 21 ? 20.866  -14.556 5.592   1.00 47.36 ? 21  ASP A OD2 1 
ATOM   175  N N   . LYS A 1 22 ? 18.217  -10.446 3.324   1.00 29.56 ? 22  LYS A N   1 
ATOM   176  C CA  . LYS A 1 22 ? 17.901  -9.056  3.025   1.00 26.87 ? 22  LYS A CA  1 
ATOM   177  C C   . LYS A 1 22 ? 16.378  -8.835  3.140   1.00 27.27 ? 22  LYS A C   1 
ATOM   178  O O   . LYS A 1 22 ? 15.997  -7.676  3.252   1.00 25.81 ? 22  LYS A O   1 
ATOM   179  C CB  . LYS A 1 22 ? 18.281  -8.635  1.604   1.00 25.22 ? 22  LYS A CB  1 
ATOM   180  C CG  . LYS A 1 22 ? 17.792  -9.626  0.532   1.00 22.44 ? 22  LYS A CG  1 
ATOM   181  C CD  . LYS A 1 22 ? 18.364  -9.286  -0.837  1.00 18.87 ? 22  LYS A CD  1 
ATOM   182  C CE  . LYS A 1 22 ? 17.904  -10.140 -1.989  1.00 14.58 ? 22  LYS A CE  1 
ATOM   183  N NZ  A LYS A 1 22 ? 17.228  -9.333  -3.023  0.40 16.95 ? 22  LYS A NZ  1 
ATOM   184  N NZ  B LYS A 1 22 ? 18.060  -11.582 -1.801  0.60 14.91 ? 22  LYS A NZ  1 
ATOM   185  N N   . GLY A 1 23 ? 15.561  -9.895  3.031   1.00 27.94 ? 23  GLY A N   1 
ATOM   186  C CA  . GLY A 1 23 ? 14.129  -9.711  3.119   1.00 31.09 ? 23  GLY A CA  1 
ATOM   187  C C   . GLY A 1 23 ? 13.399  -8.938  2.068   1.00 32.30 ? 23  GLY A C   1 
ATOM   188  O O   . GLY A 1 23 ? 12.493  -8.139  2.325   1.00 35.02 ? 23  GLY A O   1 
ATOM   189  N N   . TYR A 1 24 ? 13.762  -9.094  0.803   1.00 33.03 ? 24  TYR A N   1 
ATOM   190  C CA  . TYR A 1 24 ? 13.130  -8.445  -0.340  1.00 30.93 ? 24  TYR A CA  1 
ATOM   191  C C   . TYR A 1 24 ? 13.537  -9.339  -1.524  1.00 30.05 ? 24  TYR A C   1 
ATOM   192  O O   . TYR A 1 24 ? 14.504  -10.114 -1.463  1.00 28.72 ? 24  TYR A O   1 
ATOM   193  C CB  . TYR A 1 24 ? 13.360  -6.976  -0.577  1.00 33.59 ? 24  TYR A CB  1 
ATOM   194  C CG  . TYR A 1 24 ? 14.797  -6.533  -0.784  1.00 36.57 ? 24  TYR A CG  1 
ATOM   195  C CD1 . TYR A 1 24 ? 15.458  -6.727  -1.991  1.00 37.05 ? 24  TYR A CD1 1 
ATOM   196  C CD2 . TYR A 1 24 ? 15.498  -5.915  0.257   1.00 37.19 ? 24  TYR A CD2 1 
ATOM   197  C CE1 . TYR A 1 24 ? 16.780  -6.315  -2.162  1.00 37.86 ? 24  TYR A CE1 1 
ATOM   198  C CE2 . TYR A 1 24 ? 16.800  -5.505  0.099   1.00 37.05 ? 24  TYR A CE2 1 
ATOM   199  C CZ  . TYR A 1 24 ? 17.439  -5.711  -1.115  1.00 38.32 ? 24  TYR A CZ  1 
ATOM   200  O OH  . TYR A 1 24 ? 18.746  -5.299  -1.257  1.00 37.91 ? 24  TYR A OH  1 
ATOM   201  N N   . LEU A 1 25 ? 12.756  -9.234  -2.577  1.00 27.95 ? 25  LEU A N   1 
ATOM   202  C CA  . LEU A 1 25 ? 13.027  -10.004 -3.767  1.00 27.71 ? 25  LEU A CA  1 
ATOM   203  C C   . LEU A 1 25 ? 13.597  -9.064  -4.867  1.00 26.90 ? 25  LEU A C   1 
ATOM   204  O O   . LEU A 1 25 ? 13.061  -7.980  -5.077  1.00 24.45 ? 25  LEU A O   1 
ATOM   205  C CB  . LEU A 1 25 ? 11.787  -10.665 -4.418  1.00 26.07 ? 25  LEU A CB  1 
ATOM   206  C CG  . LEU A 1 25 ? 10.979  -11.635 -3.525  1.00 27.00 ? 25  LEU A CG  1 
ATOM   207  C CD1 . LEU A 1 25 ? 9.616   -11.951 -4.141  1.00 26.64 ? 25  LEU A CD1 1 
ATOM   208  C CD2 . LEU A 1 25 ? 11.764  -12.903 -3.292  1.00 24.11 ? 25  LEU A CD2 1 
ATOM   209  N N   . THR A 1 26 ? 14.642  -9.585  -5.502  1.00 26.70 ? 26  THR A N   1 
ATOM   210  C CA  . THR A 1 26 ? 15.193  -8.832  -6.650  1.00 29.33 ? 26  THR A CA  1 
ATOM   211  C C   . THR A 1 26 ? 14.484  -9.485  -7.839  1.00 30.85 ? 26  THR A C   1 
ATOM   212  O O   . THR A 1 26 ? 13.906  -10.592 -7.673  1.00 31.84 ? 26  THR A O   1 
ATOM   213  C CB  . THR A 1 26 ? 16.701  -9.041  -6.912  1.00 26.82 ? 26  THR A CB  1 
ATOM   214  O OG1 . THR A 1 26 ? 16.895  -10.429 -7.180  1.00 27.05 ? 26  THR A OG1 1 
ATOM   215  C CG2 . THR A 1 26 ? 17.541  -8.662  -5.715  1.00 25.75 ? 26  THR A CG2 1 
ATOM   216  N N   . LYS A 1 27 ? 14.561  -8.899  -9.021  1.00 33.40 ? 27  LYS A N   1 
ATOM   217  C CA  . LYS A 1 27 ? 13.917  -9.496  -10.209 1.00 34.89 ? 27  LYS A CA  1 
ATOM   218  C C   . LYS A 1 27 ? 14.295  -10.951 -10.378 1.00 34.48 ? 27  LYS A C   1 
ATOM   219  O O   . LYS A 1 27 ? 13.561  -11.893 -10.667 1.00 34.84 ? 27  LYS A O   1 
ATOM   220  C CB  . LYS A 1 27 ? 14.298  -8.675  -11.432 1.00 37.75 ? 27  LYS A CB  1 
ATOM   221  C CG  . LYS A 1 27 ? 13.487  -9.013  -12.678 1.00 41.34 ? 27  LYS A CG  1 
ATOM   222  C CD  . LYS A 1 27 ? 13.479  -7.824  -13.645 0.80 42.65 ? 27  LYS A CD  1 
ATOM   223  C CE  . LYS A 1 27 ? 14.432  -8.100  -14.798 0.60 44.07 ? 27  LYS A CE  1 
ATOM   224  N NZ  . LYS A 1 27 ? 14.291  -7.108  -15.906 0.50 44.89 ? 27  LYS A NZ  1 
ATOM   225  N N   . GLU A 1 28 ? 15.558  -11.266 -10.162 1.00 34.56 ? 28  GLU A N   1 
ATOM   226  C CA  . GLU A 1 28 ? 16.095  -12.615 -10.265 1.00 34.47 ? 28  GLU A CA  1 
ATOM   227  C C   . GLU A 1 28 ? 15.604  -13.529 -9.169  1.00 32.63 ? 28  GLU A C   1 
ATOM   228  O O   . GLU A 1 28 ? 15.478  -14.745 -9.402  1.00 32.51 ? 28  GLU A O   1 
ATOM   229  C CB  . GLU A 1 28 ? 17.626  -12.471 -10.449 1.00 35.70 ? 28  GLU A CB  1 
ATOM   230  C CG  A GLU A 1 28 ? 17.938  -11.840 -11.811 0.50 36.95 ? 28  GLU A CG  1 
ATOM   231  C CG  B GLU A 1 28 ? 18.190  -11.235 -9.768  0.50 35.79 ? 28  GLU A CG  1 
ATOM   232  C CD  A GLU A 1 28 ? 17.186  -12.451 -12.979 0.50 38.18 ? 28  GLU A CD  1 
ATOM   233  C CD  B GLU A 1 28 ? 18.170  -9.926  -10.523 0.50 35.96 ? 28  GLU A CD  1 
ATOM   234  O OE1 A GLU A 1 28 ? 17.512  -13.580 -13.402 0.50 38.97 ? 28  GLU A OE1 1 
ATOM   235  O OE1 B GLU A 1 28 ? 18.673  -9.880  -11.675 0.50 37.37 ? 28  GLU A OE1 1 
ATOM   236  O OE2 A GLU A 1 28 ? 16.243  -11.820 -13.506 0.50 38.58 ? 28  GLU A OE2 1 
ATOM   237  O OE2 B GLU A 1 28 ? 17.665  -8.902  -10.015 0.50 34.04 ? 28  GLU A OE2 1 
ATOM   238  N N   . ASP A 1 29 ? 15.312  -13.014 -7.971  1.00 30.71 ? 29  ASP A N   1 
ATOM   239  C CA  . ASP A 1 29 ? 14.787  -13.917 -6.919  1.00 27.24 ? 29  ASP A CA  1 
ATOM   240  C C   . ASP A 1 29 ? 13.332  -14.199 -7.370  1.00 26.57 ? 29  ASP A C   1 
ATOM   241  O O   . ASP A 1 29 ? 12.875  -15.326 -7.334  1.00 24.64 ? 29  ASP A O   1 
ATOM   242  C CB  . ASP A 1 29 ? 14.856  -13.248 -5.564  1.00 26.97 ? 29  ASP A CB  1 
ATOM   243  C CG  . ASP A 1 29 ? 16.231  -12.886 -5.007  1.00 26.21 ? 29  ASP A CG  1 
ATOM   244  O OD1 . ASP A 1 29 ? 17.182  -13.648 -5.202  1.00 22.68 ? 29  ASP A OD1 1 
ATOM   245  O OD2 . ASP A 1 29 ? 16.343  -11.826 -4.357  1.00 26.45 ? 29  ASP A OD2 1 
ATOM   246  N N   . LEU A 1 30 ? 12.637  -13.172 -7.839  1.00 25.71 ? 30  LEU A N   1 
ATOM   247  C CA  . LEU A 1 30 ? 11.280  -13.257 -8.335  1.00 30.06 ? 30  LEU A CA  1 
ATOM   248  C C   . LEU A 1 30 ? 11.177  -14.350 -9.416  1.00 31.87 ? 30  LEU A C   1 
ATOM   249  O O   . LEU A 1 30 ? 10.275  -15.205 -9.365  1.00 29.43 ? 30  LEU A O   1 
ATOM   250  C CB  . LEU A 1 30 ? 10.781  -11.956 -8.943  1.00 29.57 ? 30  LEU A CB  1 
ATOM   251  C CG  . LEU A 1 30 ? 9.344   -11.506 -8.706  1.00 32.56 ? 30  LEU A CG  1 
ATOM   252  C CD1 . LEU A 1 30 ? 8.882   -10.556 -9.798  1.00 31.83 ? 30  LEU A CD1 1 
ATOM   253  C CD2 . LEU A 1 30 ? 8.356   -12.666 -8.583  1.00 31.89 ? 30  LEU A CD2 1 
ATOM   254  N N   . ARG A 1 31 ? 12.130  -14.281 -10.350 1.00 32.10 ? 31  ARG A N   1 
ATOM   255  C CA  . ARG A 1 31 ? 12.211  -15.234 -11.439 1.00 33.88 ? 31  ARG A CA  1 
ATOM   256  C C   . ARG A 1 31 ? 12.411  -16.629 -10.896 1.00 31.92 ? 31  ARG A C   1 
ATOM   257  O O   . ARG A 1 31 ? 11.746  -17.579 -11.300 1.00 31.55 ? 31  ARG A O   1 
ATOM   258  C CB  . ARG A 1 31 ? 13.324  -14.872 -12.453 1.00 37.03 ? 31  ARG A CB  1 
ATOM   259  C CG  . ARG A 1 31 ? 13.383  -15.741 -13.689 1.00 39.53 ? 31  ARG A CG  1 
ATOM   260  C CD  . ARG A 1 31 ? 14.531  -15.510 -14.657 1.00 42.25 ? 31  ARG A CD  1 
ATOM   261  N NE  . ARG A 1 31 ? 15.195  -14.221 -14.493 1.00 44.57 ? 31  ARG A NE  1 
ATOM   262  C CZ  . ARG A 1 31 ? 14.790  -13.103 -15.096 1.00 46.10 ? 31  ARG A CZ  1 
ATOM   263  N NH1 . ARG A 1 31 ? 13.734  -13.113 -15.906 1.00 47.12 ? 31  ARG A NH1 1 
ATOM   264  N NH2 . ARG A 1 31 ? 15.454  -11.975 -14.880 1.00 46.54 ? 31  ARG A NH2 1 
ATOM   265  N N   . VAL A 1 32 ? 13.337  -16.820 -9.960  1.00 32.32 ? 32  VAL A N   1 
ATOM   266  C CA  . VAL A 1 32 ? 13.506  -18.169 -9.429  1.00 32.44 ? 32  VAL A CA  1 
ATOM   267  C C   . VAL A 1 32 ? 12.246  -18.608 -8.669  1.00 31.68 ? 32  VAL A C   1 
ATOM   268  O O   . VAL A 1 32 ? 11.855  -19.762 -8.756  1.00 31.35 ? 32  VAL A O   1 
ATOM   269  C CB  . VAL A 1 32 ? 14.732  -18.181 -8.516  1.00 34.02 ? 32  VAL A CB  1 
ATOM   270  C CG1 . VAL A 1 32 ? 14.956  -19.560 -7.909  1.00 34.43 ? 32  VAL A CG1 1 
ATOM   271  C CG2 . VAL A 1 32 ? 15.923  -17.739 -9.353  1.00 36.76 ? 32  VAL A CG2 1 
ATOM   272  N N   . LEU A 1 33 ? 11.622  -17.718 -7.905  1.00 30.29 ? 33  LEU A N   1 
ATOM   273  C CA  . LEU A 1 33 ? 10.424  -18.001 -7.131  1.00 29.68 ? 33  LEU A CA  1 
ATOM   274  C C   . LEU A 1 33 ? 9.291   -18.465 -8.061  1.00 29.19 ? 33  LEU A C   1 
ATOM   275  O O   . LEU A 1 33 ? 8.679   -19.497 -7.810  1.00 26.11 ? 33  LEU A O   1 
ATOM   276  C CB  . LEU A 1 33 ? 9.969   -16.784 -6.336  1.00 28.72 ? 33  LEU A CB  1 
ATOM   277  C CG  . LEU A 1 33 ? 8.632   -16.777 -5.589  1.00 29.65 ? 33  LEU A CG  1 
ATOM   278  C CD1 . LEU A 1 33 ? 8.263   -18.112 -5.004  1.00 29.95 ? 33  LEU A CD1 1 
ATOM   279  C CD2 . LEU A 1 33 ? 8.645   -15.757 -4.461  1.00 31.05 ? 33  LEU A CD2 1 
ATOM   280  N N   . MET A 1 34 ? 9.054   -17.701 -9.123  1.00 30.80 ? 34  MET A N   1 
ATOM   281  C CA  . MET A 1 34 ? 7.985   -18.042 -10.051 1.00 34.90 ? 34  MET A CA  1 
ATOM   282  C C   . MET A 1 34 ? 8.164   -19.359 -10.774 1.00 35.86 ? 34  MET A C   1 
ATOM   283  O O   . MET A 1 34 ? 7.180   -20.103 -10.930 1.00 32.72 ? 34  MET A O   1 
ATOM   284  C CB  . MET A 1 34 ? 7.681   -16.829 -10.942 1.00 36.69 ? 34  MET A CB  1 
ATOM   285  C CG  . MET A 1 34 ? 6.967   -15.804 -10.041 1.00 39.87 ? 34  MET A CG  1 
ATOM   286  S SD  . MET A 1 34 ? 6.165   -14.504 -10.956 1.00 44.61 ? 34  MET A SD  1 
ATOM   287  C CE  . MET A 1 34 ? 4.932   -15.451 -11.866 1.00 44.23 ? 34  MET A CE  1 
ATOM   288  N N   . GLU A 1 35 ? 9.391   -19.687 -11.182 1.00 36.43 ? 35  GLU A N   1 
ATOM   289  C CA  . GLU A 1 35 ? 9.661   -20.922 -11.886 1.00 38.52 ? 35  GLU A CA  1 
ATOM   290  C C   . GLU A 1 35 ? 9.481   -22.111 -10.966 1.00 37.62 ? 35  GLU A C   1 
ATOM   291  O O   . GLU A 1 35 ? 9.094   -23.196 -11.400 1.00 38.41 ? 35  GLU A O   1 
ATOM   292  C CB  . GLU A 1 35 ? 11.088  -20.973 -12.465 1.00 40.29 ? 35  GLU A CB  1 
ATOM   293  C CG  . GLU A 1 35 ? 11.311  -19.821 -13.433 1.00 44.49 ? 35  GLU A CG  1 
ATOM   294  C CD  . GLU A 1 35 ? 12.726  -19.707 -13.973 1.00 46.22 ? 35  GLU A CD  1 
ATOM   295  O OE1 . GLU A 1 35 ? 13.541  -20.628 -13.777 1.00 46.93 ? 35  GLU A OE1 1 
ATOM   296  O OE2 . GLU A 1 35 ? 12.998  -18.661 -14.605 1.00 47.78 ? 35  GLU A OE2 1 
ATOM   297  N N   . LYS A 1 36 ? 9.808   -21.881 -9.704  1.00 36.24 ? 36  LYS A N   1 
ATOM   298  C CA  . LYS A 1 36 ? 9.655   -22.962 -8.747  1.00 37.60 ? 36  LYS A CA  1 
ATOM   299  C C   . LYS A 1 36 ? 8.230   -23.071 -8.178  1.00 36.68 ? 36  LYS A C   1 
ATOM   300  O O   . LYS A 1 36 ? 7.672   -24.155 -8.073  1.00 36.42 ? 36  LYS A O   1 
ATOM   301  C CB  . LYS A 1 36 ? 10.631  -22.651 -7.596  1.00 39.65 ? 36  LYS A CB  1 
ATOM   302  C CG  . LYS A 1 36 ? 11.685  -23.709 -7.364  1.00 41.69 ? 36  LYS A CG  1 
ATOM   303  C CD  . LYS A 1 36 ? 13.010  -23.294 -7.993  1.00 43.16 ? 36  LYS A CD  1 
ATOM   304  C CE  . LYS A 1 36 ? 14.157  -23.620 -7.042  0.70 43.82 ? 36  LYS A CE  1 
ATOM   305  N NZ  . LYS A 1 36 ? 14.917  -24.832 -7.451  0.50 43.47 ? 36  LYS A NZ  1 
ATOM   306  N N   . GLU A 1 37 ? 7.633   -21.962 -7.772  1.00 35.17 ? 37  GLU A N   1 
ATOM   307  C CA  . GLU A 1 37 ? 6.345   -21.906 -7.126  1.00 36.14 ? 37  GLU A CA  1 
ATOM   308  C C   . GLU A 1 37 ? 5.064   -21.564 -7.831  1.00 36.86 ? 37  GLU A C   1 
ATOM   309  O O   . GLU A 1 37 ? 3.949   -21.731 -7.296  1.00 37.17 ? 37  GLU A O   1 
ATOM   310  C CB  . GLU A 1 37 ? 6.495   -20.920 -5.912  1.00 33.62 ? 37  GLU A CB  1 
ATOM   311  C CG  . GLU A 1 37 ? 7.503   -21.496 -4.917  1.00 33.03 ? 37  GLU A CG  1 
ATOM   312  C CD  . GLU A 1 37 ? 7.001   -22.762 -4.257  1.00 33.73 ? 37  GLU A CD  1 
ATOM   313  O OE1 . GLU A 1 37 ? 5.791   -23.035 -4.351  1.00 33.37 ? 37  GLU A OE1 1 
ATOM   314  O OE2 . GLU A 1 37 ? 7.749   -23.531 -3.625  1.00 33.94 ? 37  GLU A OE2 1 
ATOM   315  N N   . PHE A 1 38 ? 5.148   -21.106 -9.074  1.00 37.88 ? 38  PHE A N   1 
ATOM   316  C CA  . PHE A 1 38 ? 4.030   -20.765 -9.920  1.00 37.84 ? 38  PHE A CA  1 
ATOM   317  C C   . PHE A 1 38 ? 4.191   -21.385 -11.301 1.00 38.67 ? 38  PHE A C   1 
ATOM   318  O O   . PHE A 1 38 ? 4.102   -20.688 -12.318 1.00 37.97 ? 38  PHE A O   1 
ATOM   319  C CB  . PHE A 1 38 ? 3.844   -19.248 -10.018 1.00 37.40 ? 38  PHE A CB  1 
ATOM   320  C CG  . PHE A 1 38 ? 3.458   -18.608 -8.719  1.00 38.53 ? 38  PHE A CG  1 
ATOM   321  C CD1 . PHE A 1 38 ? 2.352   -19.041 -8.004  1.00 39.78 ? 38  PHE A CD1 1 
ATOM   322  C CD2 . PHE A 1 38 ? 4.202   -17.580 -8.184  1.00 39.26 ? 38  PHE A CD2 1 
ATOM   323  C CE1 . PHE A 1 38 ? 2.001   -18.460 -6.802  1.00 38.94 ? 38  PHE A CE1 1 
ATOM   324  C CE2 . PHE A 1 38 ? 3.859   -16.988 -6.977  1.00 39.74 ? 38  PHE A CE2 1 
ATOM   325  C CZ  . PHE A 1 38 ? 2.750   -17.431 -6.288  1.00 39.20 ? 38  PHE A CZ  1 
ATOM   326  N N   . PRO A 1 39 ? 4.447   -22.679 -11.367 1.00 40.25 ? 39  PRO A N   1 
ATOM   327  C CA  . PRO A 1 39 ? 4.595   -23.365 -12.644 1.00 42.98 ? 39  PRO A CA  1 
ATOM   328  C C   . PRO A 1 39 ? 3.290   -23.209 -13.414 1.00 46.43 ? 39  PRO A C   1 
ATOM   329  O O   . PRO A 1 39 ? 3.265   -22.695 -14.531 1.00 47.02 ? 39  PRO A O   1 
ATOM   330  C CB  . PRO A 1 39 ? 4.897   -24.810 -12.314 1.00 41.95 ? 39  PRO A CB  1 
ATOM   331  C CG  . PRO A 1 39 ? 4.459   -25.005 -10.906 1.00 41.53 ? 39  PRO A CG  1 
ATOM   332  C CD  . PRO A 1 39 ? 4.561   -23.653 -10.268 1.00 40.76 ? 39  PRO A CD  1 
ATOM   333  N N   . GLY A 1 40 ? 2.181   -23.602 -12.787 1.00 49.00 ? 40  GLY A N   1 
ATOM   334  C CA  . GLY A 1 40 ? 0.849   -23.515 -13.360 1.00 51.76 ? 40  GLY A CA  1 
ATOM   335  C C   . GLY A 1 40 ? 0.629   -22.213 -14.110 1.00 53.90 ? 40  GLY A C   1 
ATOM   336  O O   . GLY A 1 40 ? 0.200   -22.226 -15.271 1.00 54.43 ? 40  GLY A O   1 
ATOM   337  N N   . PHE A 1 41 ? 0.927   -21.076 -13.486 1.00 55.29 ? 41  PHE A N   1 
ATOM   338  C CA  . PHE A 1 41 ? 0.771   -19.796 -14.175 1.00 57.63 ? 41  PHE A CA  1 
ATOM   339  C C   . PHE A 1 41 ? 1.830   -19.605 -15.265 1.00 60.02 ? 41  PHE A C   1 
ATOM   340  O O   . PHE A 1 41 ? 1.576   -18.928 -16.270 1.00 60.44 ? 41  PHE A O   1 
ATOM   341  C CB  . PHE A 1 41 ? 0.896   -18.654 -13.180 1.00 56.01 ? 41  PHE A CB  1 
ATOM   342  C CG  . PHE A 1 41 ? 0.955   -17.283 -13.777 1.00 55.27 ? 41  PHE A CG  1 
ATOM   343  C CD1 . PHE A 1 41 ? -0.206  -16.649 -14.189 1.00 54.94 ? 41  PHE A CD1 1 
ATOM   344  C CD2 . PHE A 1 41 ? 2.171   -16.634 -13.926 1.00 54.84 ? 41  PHE A CD2 1 
ATOM   345  C CE1 . PHE A 1 41 ? -0.161  -15.379 -14.739 1.00 54.88 ? 41  PHE A CE1 1 
ATOM   346  C CE2 . PHE A 1 41 ? 2.219   -15.366 -14.475 1.00 54.84 ? 41  PHE A CE2 1 
ATOM   347  C CZ  . PHE A 1 41 ? 1.059   -14.739 -14.880 1.00 54.57 ? 41  PHE A CZ  1 
ATOM   348  N N   . LEU A 1 42 ? 3.014   -20.178 -15.073 1.00 62.84 ? 42  LEU A N   1 
ATOM   349  C CA  . LEU A 1 42 ? 4.071   -20.019 -16.069 1.00 67.07 ? 42  LEU A CA  1 
ATOM   350  C C   . LEU A 1 42 ? 3.830   -20.903 -17.282 1.00 70.00 ? 42  LEU A C   1 
ATOM   351  O O   . LEU A 1 42 ? 4.146   -20.463 -18.393 1.00 70.40 ? 42  LEU A O   1 
ATOM   352  C CB  . LEU A 1 42 ? 5.444   -20.215 -15.447 1.00 66.57 ? 42  LEU A CB  1 
ATOM   353  C CG  . LEU A 1 42 ? 6.373   -19.007 -15.300 1.00 66.08 ? 42  LEU A CG  1 
ATOM   354  C CD1 . LEU A 1 42 ? 5.680   -17.738 -14.854 1.00 65.60 ? 42  LEU A CD1 1 
ATOM   355  C CD2 . LEU A 1 42 ? 7.510   -19.364 -14.345 1.00 65.54 ? 42  LEU A CD2 1 
ATOM   356  N N   . GLU A 1 43 ? 3.255   -22.094 -17.107 1.00 73.73 ? 43  GLU A N   1 
ATOM   357  C CA  . GLU A 1 43 ? 3.003   -22.947 -18.260 1.00 77.73 ? 43  GLU A CA  1 
ATOM   358  C C   . GLU A 1 43 ? 1.821   -22.457 -19.099 1.00 79.82 ? 43  GLU A C   1 
ATOM   359  O O   . GLU A 1 43 ? 1.817   -22.738 -20.299 1.00 80.04 ? 43  GLU A O   1 
ATOM   360  C CB  . GLU A 1 43 ? 2.778   -24.411 -17.930 1.00 78.66 ? 43  GLU A CB  1 
ATOM   361  C CG  . GLU A 1 43 ? 3.285   -24.983 -16.637 1.00 80.53 ? 43  GLU A CG  1 
ATOM   362  C CD  . GLU A 1 43 ? 4.780   -25.216 -16.551 1.00 81.50 ? 43  GLU A CD  1 
ATOM   363  O OE1 . GLU A 1 43 ? 5.274   -26.155 -17.216 1.00 81.48 ? 43  GLU A OE1 1 
ATOM   364  O OE2 . GLU A 1 43 ? 5.449   -24.453 -15.809 1.00 81.75 ? 43  GLU A OE2 1 
ATOM   365  N N   . ASN A 1 44 ? 0.853   -21.760 -18.527 1.00 82.60 ? 44  ASN A N   1 
ATOM   366  C CA  . ASN A 1 44 ? -0.311  -21.282 -19.244 1.00 85.49 ? 44  ASN A CA  1 
ATOM   367  C C   . ASN A 1 44 ? -0.197  -19.976 -20.010 1.00 87.27 ? 44  ASN A C   1 
ATOM   368  O O   . ASN A 1 44 ? -0.809  -19.839 -21.079 1.00 87.38 ? 44  ASN A O   1 
ATOM   369  C CB  . ASN A 1 44 ? -1.483  -21.140 -18.246 1.00 86.27 ? 44  ASN A CB  1 
ATOM   370  C CG  . ASN A 1 44 ? -1.871  -22.478 -17.647 1.00 87.22 ? 44  ASN A CG  1 
ATOM   371  O OD1 . ASN A 1 44 ? -2.106  -22.610 -16.443 1.00 87.36 ? 44  ASN A OD1 1 
ATOM   372  N ND2 . ASN A 1 44 ? -1.939  -23.500 -18.496 1.00 87.75 ? 44  ASN A ND2 1 
ATOM   373  N N   . GLN A 1 45 ? 0.532   -19.004 -19.497 1.00 89.23 ? 45  GLN A N   1 
ATOM   374  C CA  . GLN A 1 45 ? 0.675   -17.709 -20.173 1.00 91.40 ? 45  GLN A CA  1 
ATOM   375  C C   . GLN A 1 45 ? 2.086   -17.662 -20.743 1.00 91.97 ? 45  GLN A C   1 
ATOM   376  O O   . GLN A 1 45 ? 3.026   -17.287 -20.035 1.00 92.46 ? 45  GLN A O   1 
ATOM   377  C CB  . GLN A 1 45 ? 0.381   -16.594 -19.179 1.00 92.58 ? 45  GLN A CB  1 
ATOM   378  C CG  . GLN A 1 45 ? 0.490   -15.185 -19.721 1.00 93.79 ? 45  GLN A CG  1 
ATOM   379  C CD  . GLN A 1 45 ? -0.186  -14.134 -18.872 1.00 94.10 ? 45  GLN A CD  1 
ATOM   380  O OE1 . GLN A 1 45 ? -0.207  -12.957 -19.233 1.00 94.57 ? 45  GLN A OE1 1 
ATOM   381  N NE2 . GLN A 1 45 ? -0.749  -14.523 -17.737 1.00 94.37 ? 45  GLN A NE2 1 
ATOM   382  N N   . LYS A 1 46 ? 2.228   -18.059 -22.010 1.00 92.14 ? 46  LYS A N   1 
ATOM   383  C CA  . LYS A 1 46 ? 3.545   -18.103 -22.602 1.00 92.67 ? 46  LYS A CA  1 
ATOM   384  C C   . LYS A 1 46 ? 4.176   -16.901 -23.260 1.00 92.17 ? 46  LYS A C   1 
ATOM   385  O O   . LYS A 1 46 ? 4.510   -16.945 -24.451 1.00 92.62 ? 46  LYS A O   1 
ATOM   386  C CB  . LYS A 1 46 ? 3.666   -19.315 -23.555 1.00 93.46 ? 46  LYS A CB  1 
ATOM   387  C CG  . LYS A 1 46 ? 4.917   -20.139 -23.303 1.00 94.30 ? 46  LYS A CG  1 
ATOM   388  C CD  . LYS A 1 46 ? 6.206   -19.334 -23.313 1.00 94.63 ? 46  LYS A CD  1 
ATOM   389  C CE  . LYS A 1 46 ? 7.023   -19.533 -22.048 1.00 94.85 ? 46  LYS A CE  1 
ATOM   390  N NZ  . LYS A 1 46 ? 8.268   -18.710 -22.042 1.00 94.69 ? 46  LYS A NZ  1 
ATOM   391  N N   . ASP A 1 47 ? 4.397   -15.846 -22.483 1.00 91.09 ? 47  ASP A N   1 
ATOM   392  C CA  . ASP A 1 47 ? 5.092   -14.675 -23.060 1.00 89.62 ? 47  ASP A CA  1 
ATOM   393  C C   . ASP A 1 47 ? 6.481   -14.864 -22.452 1.00 88.00 ? 47  ASP A C   1 
ATOM   394  O O   . ASP A 1 47 ? 6.636   -15.191 -21.272 1.00 88.24 ? 47  ASP A O   1 
ATOM   395  C CB  . ASP A 1 47 ? 4.406   -13.365 -22.842 1.00 90.24 ? 47  ASP A CB  1 
ATOM   396  C CG  . ASP A 1 47 ? 5.202   -12.106 -22.648 1.00 90.58 ? 47  ASP A CG  1 
ATOM   397  O OD1 . ASP A 1 47 ? 6.433   -12.066 -22.826 1.00 90.77 ? 47  ASP A OD1 1 
ATOM   398  O OD2 . ASP A 1 47 ? 4.567   -11.080 -22.294 1.00 90.84 ? 47  ASP A OD2 1 
ATOM   399  N N   . PRO A 1 48 ? 7.518   -14.692 -23.263 1.00 85.95 ? 48  PRO A N   1 
ATOM   400  C CA  . PRO A 1 48 ? 8.891   -14.841 -22.821 1.00 83.67 ? 48  PRO A CA  1 
ATOM   401  C C   . PRO A 1 48 ? 9.261   -13.883 -21.702 1.00 80.80 ? 48  PRO A C   1 
ATOM   402  O O   . PRO A 1 48 ? 10.137  -14.161 -20.889 1.00 80.70 ? 48  PRO A O   1 
ATOM   403  C CB  . PRO A 1 48 ? 9.714   -14.548 -24.076 1.00 84.25 ? 48  PRO A CB  1 
ATOM   404  C CG  . PRO A 1 48 ? 8.810   -13.738 -24.942 1.00 84.79 ? 48  PRO A CG  1 
ATOM   405  C CD  . PRO A 1 48 ? 7.436   -14.312 -24.696 1.00 85.34 ? 48  PRO A CD  1 
ATOM   406  N N   . LEU A 1 49 ? 8.614   -12.730 -21.640 1.00 77.48 ? 49  LEU A N   1 
ATOM   407  C CA  . LEU A 1 49 ? 8.828   -11.692 -20.661 1.00 74.53 ? 49  LEU A CA  1 
ATOM   408  C C   . LEU A 1 49 ? 7.803   -11.580 -19.545 1.00 71.78 ? 49  LEU A C   1 
ATOM   409  O O   . LEU A 1 49 ? 7.668   -10.505 -18.957 1.00 71.59 ? 49  LEU A O   1 
ATOM   410  C CB  . LEU A 1 49 ? 8.893   -10.359 -21.442 1.00 75.00 ? 49  LEU A CB  1 
ATOM   411  C CG  . LEU A 1 49 ? 9.966   -10.325 -22.539 1.00 75.34 ? 49  LEU A CG  1 
ATOM   412  C CD1 . LEU A 1 49 ? 9.790   -9.100  -23.420 1.00 75.40 ? 49  LEU A CD1 1 
ATOM   413  C CD2 . LEU A 1 49 ? 11.365  -10.385 -21.943 1.00 75.38 ? 49  LEU A CD2 1 
ATOM   414  N N   . ALA A 1 50 ? 7.074   -12.627 -19.197 1.00 68.44 ? 50  ALA A N   1 
ATOM   415  C CA  . ALA A 1 50 ? 6.076   -12.591 -18.132 1.00 65.68 ? 50  ALA A CA  1 
ATOM   416  C C   . ALA A 1 50 ? 6.650   -11.996 -16.855 1.00 62.70 ? 50  ALA A C   1 
ATOM   417  O O   . ALA A 1 50 ? 6.180   -10.985 -16.351 1.00 61.60 ? 50  ALA A O   1 
ATOM   418  C CB  . ALA A 1 50 ? 5.495   -13.979 -17.893 1.00 65.69 ? 50  ALA A CB  1 
ATOM   419  N N   . VAL A 1 51 ? 7.705   -12.591 -16.327 1.00 60.69 ? 51  VAL A N   1 
ATOM   420  C CA  . VAL A 1 51 ? 8.395   -12.148 -15.123 1.00 59.19 ? 51  VAL A CA  1 
ATOM   421  C C   . VAL A 1 51 ? 8.848   -10.702 -15.211 1.00 57.99 ? 51  VAL A C   1 
ATOM   422  O O   . VAL A 1 51 ? 8.782   -9.986  -14.206 1.00 58.65 ? 51  VAL A O   1 
ATOM   423  C CB  . VAL A 1 51 ? 9.554   -13.104 -14.786 1.00 58.83 ? 51  VAL A CB  1 
ATOM   424  C CG1 . VAL A 1 51 ? 10.300  -12.682 -13.533 1.00 58.39 ? 51  VAL A CG1 1 
ATOM   425  C CG2 . VAL A 1 51 ? 8.988   -14.517 -14.644 1.00 57.98 ? 51  VAL A CG2 1 
ATOM   426  N N   . ASP A 1 52 ? 9.274   -10.211 -16.363 1.00 56.40 ? 52  ASP A N   1 
ATOM   427  C CA  . ASP A 1 52 ? 9.689   -8.831  -16.543 1.00 54.95 ? 52  ASP A CA  1 
ATOM   428  C C   . ASP A 1 52 ? 8.489   -7.900  -16.436 1.00 52.86 ? 52  ASP A C   1 
ATOM   429  O O   . ASP A 1 52 ? 8.578   -6.784  -15.923 1.00 51.77 ? 52  ASP A O   1 
ATOM   430  C CB  . ASP A 1 52 ? 10.399  -8.621  -17.892 1.00 56.47 ? 52  ASP A CB  1 
ATOM   431  C CG  . ASP A 1 52 ? 11.785  -9.246  -17.842 1.00 57.63 ? 52  ASP A CG  1 
ATOM   432  O OD1 . ASP A 1 52 ? 12.706  -8.657  -17.231 1.00 58.04 ? 52  ASP A OD1 1 
ATOM   433  O OD2 . ASP A 1 52 ? 11.939  -10.347 -18.415 1.00 58.97 ? 52  ASP A OD2 1 
ATOM   434  N N   . LYS A 1 53 ? 7.331   -8.361  -16.910 1.00 51.02 ? 53  LYS A N   1 
ATOM   435  C CA  . LYS A 1 53 ? 6.145   -7.515  -16.823 1.00 50.19 ? 53  LYS A CA  1 
ATOM   436  C C   . LYS A 1 53 ? 5.584   -7.530  -15.400 1.00 47.95 ? 53  LYS A C   1 
ATOM   437  O O   . LYS A 1 53 ? 5.045   -6.503  -14.982 1.00 45.87 ? 53  LYS A O   1 
ATOM   438  C CB  . LYS A 1 53 ? 5.078   -7.866  -17.847 1.00 51.36 ? 53  LYS A CB  1 
ATOM   439  C CG  . LYS A 1 53 ? 5.014   -6.842  -18.982 0.80 52.31 ? 53  LYS A CG  1 
ATOM   440  C CD  . LYS A 1 53 ? 5.935   -7.262  -20.121 0.70 53.43 ? 53  LYS A CD  1 
ATOM   441  C CE  . LYS A 1 53 ? 5.434   -8.516  -20.819 0.60 53.58 ? 53  LYS A CE  1 
ATOM   442  N NZ  . LYS A 1 53 ? 5.487   -8.383  -22.303 0.50 53.80 ? 53  LYS A NZ  1 
ATOM   443  N N   . ILE A 1 54 ? 5.738   -8.655  -14.698 1.00 46.21 ? 54  ILE A N   1 
ATOM   444  C CA  . ILE A 1 54 ? 5.222   -8.671  -13.326 1.00 46.56 ? 54  ILE A CA  1 
ATOM   445  C C   . ILE A 1 54 ? 6.096   -7.766  -12.461 1.00 46.17 ? 54  ILE A C   1 
ATOM   446  O O   . ILE A 1 54 ? 5.582   -6.972  -11.672 1.00 44.33 ? 54  ILE A O   1 
ATOM   447  C CB  . ILE A 1 54 ? 5.032   -10.070 -12.749 1.00 46.55 ? 54  ILE A CB  1 
ATOM   448  C CG1 . ILE A 1 54 ? 3.607   -10.539 -13.113 1.00 47.35 ? 54  ILE A CG1 1 
ATOM   449  C CG2 . ILE A 1 54 ? 5.181   -10.115 -11.239 1.00 45.46 ? 54  ILE A CG2 1 
ATOM   450  C CD1 . ILE A 1 54 ? 3.519   -11.983 -13.543 1.00 47.86 ? 54  ILE A CD1 1 
ATOM   451  N N   . MET A 1 55 ? 7.414   -7.859  -12.642 1.00 46.60 ? 55  MET A N   1 
ATOM   452  C CA  . MET A 1 55 ? 8.346   -7.045  -11.880 1.00 47.21 ? 55  MET A CA  1 
ATOM   453  C C   . MET A 1 55 ? 8.105   -5.557  -12.041 1.00 48.43 ? 55  MET A C   1 
ATOM   454  O O   . MET A 1 55 ? 8.184   -4.821  -11.047 1.00 46.59 ? 55  MET A O   1 
ATOM   455  C CB  . MET A 1 55 ? 9.796   -7.373  -12.264 1.00 46.35 ? 55  MET A CB  1 
ATOM   456  C CG  . MET A 1 55 ? 10.777  -6.538  -11.462 1.00 45.07 ? 55  MET A CG  1 
ATOM   457  S SD  . MET A 1 55 ? 10.894  -7.087  -9.736  1.00 42.69 ? 55  MET A SD  1 
ATOM   458  C CE  . MET A 1 55 ? 11.422  -5.529  -9.028  1.00 42.96 ? 55  MET A CE  1 
ATOM   459  N N   . LYS A 1 56 ? 7.807   -5.112  -13.269 1.00 51.42 ? 56  LYS A N   1 
ATOM   460  C CA  . LYS A 1 56 ? 7.550   -3.671  -13.434 1.00 54.70 ? 56  LYS A CA  1 
ATOM   461  C C   . LYS A 1 56 ? 6.234   -3.351  -12.726 1.00 55.29 ? 56  LYS A C   1 
ATOM   462  O O   . LYS A 1 56 ? 6.130   -2.298  -12.096 1.00 55.46 ? 56  LYS A O   1 
ATOM   463  C CB  . LYS A 1 56 ? 7.528   -3.191  -14.873 1.00 56.80 ? 56  LYS A CB  1 
ATOM   464  C CG  . LYS A 1 56 ? 6.959   -1.796  -15.083 1.00 59.00 ? 56  LYS A CG  1 
ATOM   465  C CD  . LYS A 1 56 ? 7.964   -0.685  -14.821 1.00 60.56 ? 56  LYS A CD  1 
ATOM   466  C CE  . LYS A 1 56 ? 7.361   0.681   -15.129 1.00 61.70 ? 56  LYS A CE  1 
ATOM   467  N NZ  . LYS A 1 56 ? 8.371   1.710   -15.517 1.00 62.36 ? 56  LYS A NZ  1 
ATOM   468  N N   . ASP A 1 57 ? 5.258   -4.261  -12.825 1.00 55.86 ? 57  ASP A N   1 
ATOM   469  C CA  . ASP A 1 57 ? 3.975   -4.048  -12.158 1.00 56.15 ? 57  ASP A CA  1 
ATOM   470  C C   . ASP A 1 57 ? 4.166   -3.949  -10.643 1.00 54.23 ? 57  ASP A C   1 
ATOM   471  O O   . ASP A 1 57 ? 3.636   -3.057  -9.992  1.00 54.22 ? 57  ASP A O   1 
ATOM   472  C CB  . ASP A 1 57 ? 2.983   -5.173  -12.486 1.00 58.50 ? 57  ASP A CB  1 
ATOM   473  C CG  . ASP A 1 57 ? 2.161   -4.927  -13.738 1.00 60.29 ? 57  ASP A CG  1 
ATOM   474  O OD1 . ASP A 1 57 ? 1.545   -3.841  -13.848 1.00 61.50 ? 57  ASP A OD1 1 
ATOM   475  O OD2 . ASP A 1 57 ? 2.099   -5.794  -14.644 1.00 61.16 ? 57  ASP A OD2 1 
ATOM   476  N N   . LEU A 1 58 ? 4.940   -4.863  -10.070 1.00 52.21 ? 58  LEU A N   1 
ATOM   477  C CA  . LEU A 1 58 ? 5.224   -4.949  -8.671  1.00 50.70 ? 58  LEU A CA  1 
ATOM   478  C C   . LEU A 1 58 ? 6.171   -3.946  -8.050  1.00 52.10 ? 58  LEU A C   1 
ATOM   479  O O   . LEU A 1 58 ? 6.025   -3.680  -6.847  1.00 51.56 ? 58  LEU A O   1 
ATOM   480  C CB  . LEU A 1 58 ? 5.782   -6.347  -8.345  1.00 48.90 ? 58  LEU A CB  1 
ATOM   481  C CG  . LEU A 1 58 ? 4.797   -7.514  -8.347  1.00 46.85 ? 58  LEU A CG  1 
ATOM   482  C CD1 . LEU A 1 58 ? 5.487   -8.777  -7.879  1.00 45.71 ? 58  LEU A CD1 1 
ATOM   483  C CD2 . LEU A 1 58 ? 3.581   -7.204  -7.487  1.00 46.88 ? 58  LEU A CD2 1 
ATOM   484  N N   . ASP A 1 59 ? 7.122   -3.395  -8.789  1.00 53.53 ? 59  ASP A N   1 
ATOM   485  C CA  . ASP A 1 59 ? 8.088   -2.434  -8.249  1.00 53.69 ? 59  ASP A CA  1 
ATOM   486  C C   . ASP A 1 59 ? 7.592   -1.007  -8.368  1.00 53.85 ? 59  ASP A C   1 
ATOM   487  O O   . ASP A 1 59 ? 8.075   -0.191  -9.158  1.00 51.88 ? 59  ASP A O   1 
ATOM   488  C CB  . ASP A 1 59 ? 9.414   -2.628  -8.987  1.00 54.65 ? 59  ASP A CB  1 
ATOM   489  C CG  . ASP A 1 59 ? 10.591  -1.846  -8.461  1.00 55.30 ? 59  ASP A CG  1 
ATOM   490  O OD1 . ASP A 1 59 ? 10.500  -1.205  -7.389  1.00 55.18 ? 59  ASP A OD1 1 
ATOM   491  O OD2 . ASP A 1 59 ? 11.644  -1.862  -9.134  1.00 55.45 ? 59  ASP A OD2 1 
ATOM   492  N N   . GLN A 1 60 ? 6.602   -0.668  -7.546  1.00 54.64 ? 60  GLN A N   1 
ATOM   493  C CA  . GLN A 1 60 ? 5.986   0.650   -7.525  1.00 55.76 ? 60  GLN A CA  1 
ATOM   494  C C   . GLN A 1 60 ? 6.987   1.730   -7.148  1.00 54.53 ? 60  GLN A C   1 
ATOM   495  O O   . GLN A 1 60 ? 6.864   2.852   -7.637  1.00 55.35 ? 60  GLN A O   1 
ATOM   496  C CB  . GLN A 1 60 ? 4.783   0.762   -6.585  1.00 58.16 ? 60  GLN A CB  1 
ATOM   497  C CG  . GLN A 1 60 ? 4.118   -0.529  -6.157  1.00 60.94 ? 60  GLN A CG  1 
ATOM   498  C CD  . GLN A 1 60 ? 4.360   -0.906  -4.708  1.00 62.59 ? 60  GLN A CD  1 
ATOM   499  O OE1 . GLN A 1 60 ? 4.900   -0.127  -3.911  1.00 63.75 ? 60  GLN A OE1 1 
ATOM   500  N NE2 . GLN A 1 60 ? 3.946   -2.126  -4.366  1.00 62.74 ? 60  GLN A NE2 1 
ATOM   501  N N   . CYS A 1 61 ? 7.962   1.403   -6.308  1.00 52.67 ? 61  CYS A N   1 
ATOM   502  C CA  . CYS A 1 61 ? 8.981   2.366   -5.907  1.00 51.29 ? 61  CYS A CA  1 
ATOM   503  C C   . CYS A 1 61 ? 10.124  2.444   -6.910  1.00 51.93 ? 61  CYS A C   1 
ATOM   504  O O   . CYS A 1 61 ? 11.050  3.249   -6.761  1.00 51.42 ? 61  CYS A O   1 
ATOM   505  C CB  . CYS A 1 61 ? 9.449   2.042   -4.484  1.00 49.83 ? 61  CYS A CB  1 
ATOM   506  S SG  . CYS A 1 61 ? 8.067   2.266   -3.298  1.00 47.51 ? 61  CYS A SG  1 
ATOM   507  N N   . ARG A 1 62 ? 10.093  1.628   -7.962  1.00 51.56 ? 62  ARG A N   1 
ATOM   508  C CA  . ARG A 1 62 ? 11.091  1.616   -9.013  1.00 52.05 ? 62  ARG A CA  1 
ATOM   509  C C   . ARG A 1 62 ? 12.494  1.544   -8.417  1.00 48.88 ? 62  ARG A C   1 
ATOM   510  O O   . ARG A 1 62 ? 13.356  2.349   -8.766  1.00 48.84 ? 62  ARG A O   1 
ATOM   511  C CB  . ARG A 1 62 ? 10.966  2.897   -9.855  1.00 55.67 ? 62  ARG A CB  1 
ATOM   512  C CG  . ARG A 1 62 ? 9.755   3.053   -10.744 1.00 59.46 ? 62  ARG A CG  1 
ATOM   513  C CD  . ARG A 1 62 ? 8.559   3.645   -10.025 1.00 63.28 ? 62  ARG A CD  1 
ATOM   514  N NE  . ARG A 1 62 ? 7.920   4.788   -10.650 1.00 65.83 ? 62  ARG A NE  1 
ATOM   515  C CZ  . ARG A 1 62 ? 6.623   5.003   -10.835 1.00 67.16 ? 62  ARG A CZ  1 
ATOM   516  N NH1 . ARG A 1 62 ? 5.715   4.113   -10.439 1.00 68.04 ? 62  ARG A NH1 1 
ATOM   517  N NH2 . ARG A 1 62 ? 6.207   6.121   -11.428 1.00 67.24 ? 62  ARG A NH2 1 
ATOM   518  N N   . ASP A 1 63 ? 12.714  0.596   -7.525  1.00 44.32 ? 63  ASP A N   1 
ATOM   519  C CA  . ASP A 1 63 ? 13.988  0.451   -6.854  1.00 40.89 ? 63  ASP A CA  1 
ATOM   520  C C   . ASP A 1 63 ? 14.457  -0.985  -6.888  1.00 38.63 ? 63  ASP A C   1 
ATOM   521  O O   . ASP A 1 63 ? 15.296  -1.411  -6.107  1.00 38.03 ? 63  ASP A O   1 
ATOM   522  C CB  . ASP A 1 63 ? 13.766  0.897   -5.410  1.00 42.36 ? 63  ASP A CB  1 
ATOM   523  C CG  . ASP A 1 63 ? 12.940  -0.056  -4.569  1.00 42.44 ? 63  ASP A CG  1 
ATOM   524  O OD1 . ASP A 1 63 ? 12.378  -1.071  -5.043  1.00 41.62 ? 63  ASP A OD1 1 
ATOM   525  O OD2 . ASP A 1 63 ? 12.871  0.233   -3.358  1.00 42.60 ? 63  ASP A OD2 1 
ATOM   526  N N   . GLY A 1 64 ? 13.848  -1.766  -7.755  1.00 36.75 ? 64  GLY A N   1 
ATOM   527  C CA  . GLY A 1 64 ? 14.136  -3.171  -7.932  1.00 36.97 ? 64  GLY A CA  1 
ATOM   528  C C   . GLY A 1 64 ? 13.944  -4.036  -6.703  1.00 36.76 ? 64  GLY A C   1 
ATOM   529  O O   . GLY A 1 64 ? 14.518  -5.132  -6.694  1.00 36.39 ? 64  GLY A O   1 
ATOM   530  N N   . LYS A 1 65 ? 13.184  -3.597  -5.689  1.00 36.64 ? 65  LYS A N   1 
ATOM   531  C CA  . LYS A 1 65 ? 13.055  -4.456  -4.499  1.00 37.72 ? 65  LYS A CA  1 
ATOM   532  C C   . LYS A 1 65 ? 11.615  -4.861  -4.176  1.00 34.98 ? 65  LYS A C   1 
ATOM   533  O O   . LYS A 1 65 ? 10.843  -3.953  -3.865  1.00 34.69 ? 65  LYS A O   1 
ATOM   534  C CB  . LYS A 1 65 ? 13.673  -3.700  -3.313  1.00 39.06 ? 65  LYS A CB  1 
ATOM   535  C CG  . LYS A 1 65 ? 15.155  -3.359  -3.446  1.00 41.27 ? 65  LYS A CG  1 
ATOM   536  C CD  . LYS A 1 65 ? 15.781  -2.948  -2.118  1.00 42.15 ? 65  LYS A CD  1 
ATOM   537  C CE  . LYS A 1 65 ? 15.961  -1.444  -2.081  1.00 44.47 ? 65  LYS A CE  1 
ATOM   538  N NZ  . LYS A 1 65 ? 17.099  -1.021  -1.208  1.00 46.28 ? 65  LYS A NZ  1 
ATOM   539  N N   . VAL A 1 66 ? 11.286  -6.144  -4.239  1.00 31.66 ? 66  VAL A N   1 
ATOM   540  C CA  . VAL A 1 66 ? 9.916   -6.553  -3.939  1.00 29.48 ? 66  VAL A CA  1 
ATOM   541  C C   . VAL A 1 66 ? 9.684   -7.017  -2.501  1.00 24.30 ? 66  VAL A C   1 
ATOM   542  O O   . VAL A 1 66 ? 10.081  -8.068  -2.069  1.00 20.57 ? 66  VAL A O   1 
ATOM   543  C CB  . VAL A 1 66 ? 9.414   -7.644  -4.919  1.00 30.36 ? 66  VAL A CB  1 
ATOM   544  C CG1 . VAL A 1 66 ? 8.020   -8.133  -4.558  1.00 29.51 ? 66  VAL A CG1 1 
ATOM   545  C CG2 . VAL A 1 66 ? 9.411   -7.086  -6.336  1.00 30.67 ? 66  VAL A CG2 1 
ATOM   546  N N   . GLY A 1 67 ? 8.980   -6.192  -1.764  1.00 24.13 ? 67  GLY A N   1 
ATOM   547  C CA  . GLY A 1 67 ? 8.587   -6.382  -0.377  1.00 25.48 ? 67  GLY A CA  1 
ATOM   548  C C   . GLY A 1 67 ? 7.459   -7.442  -0.243  1.00 25.40 ? 67  GLY A C   1 
ATOM   549  O O   . GLY A 1 67 ? 6.921   -7.864  -1.265  1.00 22.28 ? 67  GLY A O   1 
ATOM   550  N N   . PHE A 1 68 ? 7.174   -7.856  0.993   1.00 24.46 ? 68  PHE A N   1 
ATOM   551  C CA  . PHE A 1 68 ? 6.152   -8.873  1.196   1.00 26.05 ? 68  PHE A CA  1 
ATOM   552  C C   . PHE A 1 68 ? 4.777   -8.386  0.711   1.00 25.25 ? 68  PHE A C   1 
ATOM   553  O O   . PHE A 1 68 ? 4.085   -9.108  0.016   1.00 24.11 ? 68  PHE A O   1 
ATOM   554  C CB  . PHE A 1 68 ? 6.128   -9.359  2.635   1.00 25.81 ? 68  PHE A CB  1 
ATOM   555  C CG  . PHE A 1 68 ? 5.144   -10.481 2.846   1.00 27.57 ? 68  PHE A CG  1 
ATOM   556  C CD1 . PHE A 1 68 ? 5.471   -11.773 2.474   1.00 28.06 ? 68  PHE A CD1 1 
ATOM   557  C CD2 . PHE A 1 68 ? 3.893   -10.246 3.417   1.00 26.41 ? 68  PHE A CD2 1 
ATOM   558  C CE1 . PHE A 1 68 ? 4.570   -12.806 2.666   1.00 28.03 ? 68  PHE A CE1 1 
ATOM   559  C CE2 . PHE A 1 68 ? 3.011   -11.293 3.599   1.00 25.73 ? 68  PHE A CE2 1 
ATOM   560  C CZ  . PHE A 1 68 ? 3.333   -12.579 3.226   1.00 25.23 ? 68  PHE A CZ  1 
ATOM   561  N N   . GLN A 1 69 ? 4.394   -7.193  1.036   1.00 25.74 ? 69  GLN A N   1 
ATOM   562  C CA  . GLN A 1 69 ? 3.151   -6.555  0.674   1.00 29.92 ? 69  GLN A CA  1 
ATOM   563  C C   . GLN A 1 69 ? 2.969   -6.603  -0.832  1.00 30.66 ? 69  GLN A C   1 
ATOM   564  O O   . GLN A 1 69 ? 1.973   -7.204  -1.278  1.00 30.03 ? 69  GLN A O   1 
ATOM   565  C CB  . GLN A 1 69 ? 3.158   -5.155  1.255   1.00 32.23 ? 69  GLN A CB  1 
ATOM   566  C CG  . GLN A 1 69 ? 1.838   -4.427  1.120   1.00 38.35 ? 69  GLN A CG  1 
ATOM   567  C CD  . GLN A 1 69 ? 1.661   -3.417  2.247   1.00 41.60 ? 69  GLN A CD  1 
ATOM   568  O OE1 . GLN A 1 69 ? 0.820   -2.524  2.103   1.00 44.04 ? 69  GLN A OE1 1 
ATOM   569  N NE2 . GLN A 1 69 ? 2.445   -3.579  3.311   1.00 43.52 ? 69  GLN A NE2 1 
ATOM   570  N N   . SER A 1 70 ? 3.937   -6.068  -1.608  1.00 28.33 ? 70  SER A N   1 
ATOM   571  C CA  . SER A 1 70 ? 3.820   -6.132  -3.058  1.00 26.68 ? 70  SER A CA  1 
ATOM   572  C C   . SER A 1 70 ? 3.750   -7.575  -3.480  1.00 24.83 ? 70  SER A C   1 
ATOM   573  O O   . SER A 1 70 ? 2.965   -8.023  -4.325  1.00 27.47 ? 70  SER A O   1 
ATOM   574  C CB  . SER A 1 70 ? 5.031   -5.521  -3.812  1.00 26.69 ? 70  SER A CB  1 
ATOM   575  O OG  . SER A 1 70 ? 5.026   -4.143  -3.505  1.00 27.88 ? 70  SER A OG  1 
ATOM   576  N N   . PHE A 1 71 ? 4.611   -8.389  -2.874  1.00 21.92 ? 71  PHE A N   1 
ATOM   577  C CA  . PHE A 1 71 ? 4.511   -9.797  -3.286  1.00 24.30 ? 71  PHE A CA  1 
ATOM   578  C C   . PHE A 1 71 ? 3.052   -10.309 -3.106  1.00 26.21 ? 71  PHE A C   1 
ATOM   579  O O   . PHE A 1 71 ? 2.594   -11.066 -3.958  1.00 26.23 ? 71  PHE A O   1 
ATOM   580  C CB  . PHE A 1 71 ? 5.411   -10.630 -2.456  1.00 20.82 ? 71  PHE A CB  1 
ATOM   581  C CG  . PHE A 1 71 ? 5.331   -12.116 -2.559  1.00 21.71 ? 71  PHE A CG  1 
ATOM   582  C CD1 . PHE A 1 71 ? 5.428   -12.760 -3.767  1.00 23.27 ? 71  PHE A CD1 1 
ATOM   583  C CD2 . PHE A 1 71 ? 5.168   -12.886 -1.424  1.00 22.18 ? 71  PHE A CD2 1 
ATOM   584  C CE1 . PHE A 1 71 ? 5.375   -14.137 -3.872  1.00 20.72 ? 71  PHE A CE1 1 
ATOM   585  C CE2 . PHE A 1 71 ? 5.100   -14.259 -1.483  1.00 22.77 ? 71  PHE A CE2 1 
ATOM   586  C CZ  . PHE A 1 71 ? 5.208   -14.857 -2.725  1.00 23.99 ? 71  PHE A CZ  1 
ATOM   587  N N   . PHE A 1 72 ? 2.410   -9.975  -1.977  1.00 25.50 ? 72  PHE A N   1 
ATOM   588  C CA  . PHE A 1 72 ? 1.073   -10.388 -1.623  1.00 27.69 ? 72  PHE A CA  1 
ATOM   589  C C   . PHE A 1 72 ? 0.059   -9.985  -2.705  1.00 26.36 ? 72  PHE A C   1 
ATOM   590  O O   . PHE A 1 72 ? -0.831  -10.773 -2.948  1.00 23.99 ? 72  PHE A O   1 
ATOM   591  C CB  . PHE A 1 72 ? 0.598   -9.948  -0.210  1.00 27.30 ? 72  PHE A CB  1 
ATOM   592  C CG  . PHE A 1 72 ? -0.271  -11.068 0.322   1.00 28.69 ? 72  PHE A CG  1 
ATOM   593  C CD1 . PHE A 1 72 ? 0.293   -12.162 0.916   1.00 29.14 ? 72  PHE A CD1 1 
ATOM   594  C CD2 . PHE A 1 72 ? -1.656  -11.010 0.191   1.00 28.96 ? 72  PHE A CD2 1 
ATOM   595  C CE1 . PHE A 1 72 ? -0.473  -13.192 1.392   1.00 30.32 ? 72  PHE A CE1 1 
ATOM   596  C CE2 . PHE A 1 72 ? -2.417  -12.053 0.666   1.00 30.20 ? 72  PHE A CE2 1 
ATOM   597  C CZ  . PHE A 1 72 ? -1.849  -13.145 1.272   1.00 30.14 ? 72  PHE A CZ  1 
ATOM   598  N N   . SER A 1 73 ? 0.195   -8.865  -3.382  1.00 27.22 ? 73  SER A N   1 
ATOM   599  C CA  . SER A 1 73 ? -0.664  -8.451  -4.460  1.00 30.05 ? 73  SER A CA  1 
ATOM   600  C C   . SER A 1 73 ? -0.669  -9.472  -5.602  1.00 31.79 ? 73  SER A C   1 
ATOM   601  O O   . SER A 1 73 ? -1.682  -9.781  -6.242  1.00 32.67 ? 73  SER A O   1 
ATOM   602  C CB  . SER A 1 73 ? -0.113  -7.174  -5.108  1.00 30.63 ? 73  SER A CB  1 
ATOM   603  O OG  . SER A 1 73 ? -0.635  -6.097  -4.337  1.00 34.48 ? 73  SER A OG  1 
ATOM   604  N N   . LEU A 1 74 ? 0.528   -9.993  -5.881  1.00 30.12 ? 74  LEU A N   1 
ATOM   605  C CA  . LEU A 1 74 ? 0.704   -10.976 -6.919  1.00 29.45 ? 74  LEU A CA  1 
ATOM   606  C C   . LEU A 1 74 ? -0.138  -12.206 -6.577  1.00 28.74 ? 74  LEU A C   1 
ATOM   607  O O   . LEU A 1 74 ? -0.929  -12.702 -7.376  1.00 27.82 ? 74  LEU A O   1 
ATOM   608  C CB  . LEU A 1 74 ? 2.169   -11.412 -7.041  1.00 29.44 ? 74  LEU A CB  1 
ATOM   609  C CG  . LEU A 1 74 ? 2.397   -12.548 -8.041  1.00 30.94 ? 74  LEU A CG  1 
ATOM   610  C CD1 . LEU A 1 74 ? 1.764   -12.163 -9.374  1.00 31.79 ? 74  LEU A CD1 1 
ATOM   611  C CD2 . LEU A 1 74 ? 3.885   -12.832 -8.190  1.00 32.30 ? 74  LEU A CD2 1 
ATOM   612  N N   . ILE A 1 75 ? 0.069   -12.677 -5.350  1.00 27.01 ? 75  ILE A N   1 
ATOM   613  C CA  . ILE A 1 75 ? -0.638  -13.827 -4.828  1.00 27.80 ? 75  ILE A CA  1 
ATOM   614  C C   . ILE A 1 75 ? -2.158  -13.561 -4.898  1.00 26.97 ? 75  ILE A C   1 
ATOM   615  O O   . ILE A 1 75 ? -2.867  -14.488 -5.291  1.00 27.22 ? 75  ILE A O   1 
ATOM   616  C CB  . ILE A 1 75 ? -0.291  -14.201 -3.382  1.00 28.47 ? 75  ILE A CB  1 
ATOM   617  C CG1 . ILE A 1 75 ? 1.185   -14.652 -3.247  1.00 30.08 ? 75  ILE A CG1 1 
ATOM   618  C CG2 . ILE A 1 75 ? -1.230  -15.291 -2.857  1.00 27.55 ? 75  ILE A CG2 1 
ATOM   619  C CD1 . ILE A 1 75 ? 1.600   -14.707 -1.778  1.00 29.92 ? 75  ILE A CD1 1 
ATOM   620  N N   . ALA A 1 76 ? -2.590  -12.383 -4.528  1.00 25.19 ? 76  ALA A N   1 
ATOM   621  C CA  . ALA A 1 76 ? -3.978  -11.980 -4.544  1.00 27.52 ? 76  ALA A CA  1 
ATOM   622  C C   . ALA A 1 76 ? -4.533  -12.120 -5.967  1.00 30.14 ? 76  ALA A C   1 
ATOM   623  O O   . ALA A 1 76 ? -5.506  -12.841 -6.218  1.00 29.50 ? 76  ALA A O   1 
ATOM   624  C CB  . ALA A 1 76 ? -4.075  -10.529 -4.103  1.00 25.54 ? 76  ALA A CB  1 
ATOM   625  N N   . GLY A 1 77 ? -3.848  -11.433 -6.899  1.00 29.93 ? 77  GLY A N   1 
ATOM   626  C CA  . GLY A 1 77 ? -4.209  -11.457 -8.300  1.00 30.77 ? 77  GLY A CA  1 
ATOM   627  C C   . GLY A 1 77 ? -4.403  -12.870 -8.820  1.00 31.14 ? 77  GLY A C   1 
ATOM   628  O O   . GLY A 1 77 ? -5.448  -13.210 -9.368  1.00 31.75 ? 77  GLY A O   1 
ATOM   629  N N   . LEU A 1 78 ? -3.423  -13.736 -8.643  1.00 30.46 ? 78  LEU A N   1 
ATOM   630  C CA  . LEU A 1 78 ? -3.494  -15.102 -9.086  1.00 30.76 ? 78  LEU A CA  1 
ATOM   631  C C   . LEU A 1 78 ? -4.494  -15.946 -8.315  1.00 30.36 ? 78  LEU A C   1 
ATOM   632  O O   . LEU A 1 78 ? -5.034  -16.878 -8.939  1.00 31.05 ? 78  LEU A O   1 
ATOM   633  C CB  . LEU A 1 78 ? -2.128  -15.817 -9.009  1.00 31.53 ? 78  LEU A CB  1 
ATOM   634  C CG  . LEU A 1 78 ? -0.986  -15.196 -9.828  1.00 33.66 ? 78  LEU A CG  1 
ATOM   635  C CD1 . LEU A 1 78 ? 0.332   -15.920 -9.544  1.00 32.32 ? 78  LEU A CD1 1 
ATOM   636  C CD2 . LEU A 1 78 ? -1.301  -15.303 -11.312 1.00 32.49 ? 78  LEU A CD2 1 
ATOM   637  N N   . THR A 1 79 ? -4.708  -15.711 -7.022  1.00 27.95 ? 79  THR A N   1 
ATOM   638  C CA  . THR A 1 79 ? -5.680  -16.548 -6.297  1.00 26.78 ? 79  THR A CA  1 
ATOM   639  C C   . THR A 1 79 ? -7.109  -16.211 -6.750  1.00 23.99 ? 79  THR A C   1 
ATOM   640  O O   . THR A 1 79 ? -7.872  -17.135 -6.888  1.00 22.71 ? 79  THR A O   1 
ATOM   641  C CB  . THR A 1 79 ? -5.646  -16.428 -4.758  1.00 27.58 ? 79  THR A CB  1 
ATOM   642  O OG1 . THR A 1 79 ? -4.331  -16.757 -4.312  1.00 28.61 ? 79  THR A OG1 1 
ATOM   643  C CG2 . THR A 1 79 ? -6.662  -17.371 -4.125  1.00 26.57 ? 79  THR A CG2 1 
ATOM   644  N N   . ILE A 1 80 ? -7.429  -14.975 -6.955  1.00 24.14 ? 80  ILE A N   1 
ATOM   645  C CA  . ILE A 1 80 ? -8.719  -14.482 -7.401  1.00 28.96 ? 80  ILE A CA  1 
ATOM   646  C C   . ILE A 1 80 ? -9.051  -14.995 -8.796  1.00 31.92 ? 80  ILE A C   1 
ATOM   647  O O   . ILE A 1 80 ? -10.158 -15.491 -9.067  1.00 30.48 ? 80  ILE A O   1 
ATOM   648  C CB  . ILE A 1 80 ? -8.719  -12.945 -7.303  1.00 28.64 ? 80  ILE A CB  1 
ATOM   649  C CG1 . ILE A 1 80 ? -8.775  -12.579 -5.811  1.00 27.98 ? 80  ILE A CG1 1 
ATOM   650  C CG2 . ILE A 1 80 ? -9.858  -12.310 -8.079  1.00 29.94 ? 80  ILE A CG2 1 
ATOM   651  C CD1 . ILE A 1 80 ? -8.841  -11.115 -5.509  1.00 27.78 ? 80  ILE A CD1 1 
ATOM   652  N N   . ALA A 1 81 ? -8.062  -14.968 -9.709  1.00 34.80 ? 81  ALA A N   1 
ATOM   653  C CA  . ALA A 1 81 ? -8.320  -15.487 -11.074 1.00 35.31 ? 81  ALA A CA  1 
ATOM   654  C C   . ALA A 1 81 ? -8.483  -16.992 -10.981 1.00 36.41 ? 81  ALA A C   1 
ATOM   655  O O   . ALA A 1 81 ? -9.287  -17.607 -11.693 1.00 37.27 ? 81  ALA A O   1 
ATOM   656  C CB  . ALA A 1 81 ? -7.252  -15.068 -12.051 1.00 35.18 ? 81  ALA A CB  1 
ATOM   657  N N   . CYS A 1 82 ? -7.753  -17.638 -10.062 1.00 36.11 ? 82  CYS A N   1 
ATOM   658  C CA  . CYS A 1 82 ? -7.921  -19.078 -9.901  1.00 37.02 ? 82  CYS A CA  1 
ATOM   659  C C   . CYS A 1 82 ? -9.355  -19.378 -9.411  1.00 36.46 ? 82  CYS A C   1 
ATOM   660  O O   . CYS A 1 82 ? -9.919  -20.407 -9.767  1.00 35.00 ? 82  CYS A O   1 
ATOM   661  C CB  . CYS A 1 82 ? -6.943  -19.631 -8.885  1.00 38.82 ? 82  CYS A CB  1 
ATOM   662  S SG  . CYS A 1 82 ? -7.063  -21.416 -8.593  1.00 43.79 ? 82  CYS A SG  1 
ATOM   663  N N   . ASN A 1 83 ? -9.904  -18.492 -8.576  1.00 35.05 ? 83  ASN A N   1 
ATOM   664  C CA  . ASN A 1 83 ? -11.243 -18.641 -8.036  1.00 35.10 ? 83  ASN A CA  1 
ATOM   665  C C   . ASN A 1 83 ? -12.293 -18.384 -9.127  1.00 34.71 ? 83  ASN A C   1 
ATOM   666  O O   . ASN A 1 83 ? -13.277 -19.109 -9.208  1.00 32.76 ? 83  ASN A O   1 
ATOM   667  C CB  . ASN A 1 83 ? -11.524 -17.746 -6.835  1.00 31.25 ? 83  ASN A CB  1 
ATOM   668  C CG  . ASN A 1 83 ? -12.936 -17.959 -6.281  1.00 28.91 ? 83  ASN A CG  1 
ATOM   669  O OD1 . ASN A 1 83 ? -13.720 -17.010 -6.330  1.00 29.85 ? 83  ASN A OD1 1 
ATOM   670  N ND2 . ASN A 1 83 ? -13.268 -19.124 -5.770  1.00 25.43 ? 83  ASN A ND2 1 
ATOM   671  N N   . ASP A 1 84 ? -12.062 -17.369 -9.944  1.00 36.98 ? 84  ASP A N   1 
ATOM   672  C CA  . ASP A 1 84 ? -12.982 -17.056 -11.058 1.00 39.98 ? 84  ASP A CA  1 
ATOM   673  C C   . ASP A 1 84 ? -13.087 -18.303 -11.920 1.00 41.76 ? 84  ASP A C   1 
ATOM   674  O O   . ASP A 1 84 ? -14.170 -18.840 -12.179 1.00 41.64 ? 84  ASP A O   1 
ATOM   675  C CB  . ASP A 1 84 ? -12.463 -15.827 -11.767 1.00 41.46 ? 84  ASP A CB  1 
ATOM   676  C CG  . ASP A 1 84 ? -12.823 -14.583 -10.999 1.00 42.94 ? 84  ASP A CG  1 
ATOM   677  O OD1 . ASP A 1 84 ? -13.707 -14.664 -10.118 1.00 46.15 ? 84  ASP A OD1 1 
ATOM   678  O OD2 . ASP A 1 84 ? -12.277 -13.488 -11.211 1.00 45.22 ? 84  ASP A OD2 1 
ATOM   679  N N   . TYR A 1 85 ? -11.938 -18.856 -12.305 1.00 43.82 ? 85  TYR A N   1 
ATOM   680  C CA  . TYR A 1 85 ? -11.901 -20.095 -13.077 1.00 45.82 ? 85  TYR A CA  1 
ATOM   681  C C   . TYR A 1 85 ? -12.631 -21.213 -12.337 1.00 46.51 ? 85  TYR A C   1 
ATOM   682  O O   . TYR A 1 85 ? -13.432 -21.942 -12.935 1.00 48.83 ? 85  TYR A O   1 
ATOM   683  C CB  . TYR A 1 85 ? -10.471 -20.554 -13.396 1.00 45.83 ? 85  TYR A CB  1 
ATOM   684  C CG  A TYR A 1 85 ? -10.295 -22.052 -13.527 0.30 45.64 ? 85  TYR A CG  1 
ATOM   685  C CG  B TYR A 1 85 ? -10.411 -21.832 -14.206 0.30 46.42 ? 85  TYR A CG  1 
ATOM   686  C CD1 A TYR A 1 85 ? -10.541 -22.690 -14.736 0.30 45.67 ? 85  TYR A CD1 1 
ATOM   687  C CD1 B TYR A 1 85 ? -10.650 -21.820 -15.574 0.30 46.49 ? 85  TYR A CD1 1 
ATOM   688  C CD2 A TYR A 1 85 ? -9.896  -22.827 -12.444 0.30 45.61 ? 85  TYR A CD2 1 
ATOM   689  C CD2 B TYR A 1 85 ? -10.117 -23.046 -13.601 0.30 46.55 ? 85  TYR A CD2 1 
ATOM   690  C CE1 A TYR A 1 85 ? -10.389 -24.060 -14.864 0.30 45.51 ? 85  TYR A CE1 1 
ATOM   691  C CE1 B TYR A 1 85 ? -10.595 -22.990 -16.313 0.30 46.71 ? 85  TYR A CE1 1 
ATOM   692  C CE2 A TYR A 1 85 ? -9.743  -24.195 -12.563 0.30 45.42 ? 85  TYR A CE2 1 
ATOM   693  C CE2 B TYR A 1 85 ? -10.062 -24.218 -14.332 0.30 46.69 ? 85  TYR A CE2 1 
ATOM   694  C CZ  A TYR A 1 85 ? -9.990  -24.804 -13.772 0.30 45.34 ? 85  TYR A CZ  1 
ATOM   695  C CZ  B TYR A 1 85 ? -10.302 -24.182 -15.690 0.30 46.61 ? 85  TYR A CZ  1 
ATOM   696  O OH  A TYR A 1 85 ? -9.837  -26.162 -13.900 0.30 45.26 ? 85  TYR A OH  1 
ATOM   697  O OH  B TYR A 1 85 ? -10.248 -25.344 -16.426 0.30 46.66 ? 85  TYR A OH  1 
ATOM   698  N N   . PHE A 1 86 ? -12.350 -21.415 -11.063 1.00 45.65 ? 86  PHE A N   1 
ATOM   699  C CA  . PHE A 1 86 ? -12.995 -22.483 -10.304 1.00 45.72 ? 86  PHE A CA  1 
ATOM   700  C C   . PHE A 1 86 ? -14.513 -22.297 -10.314 1.00 45.95 ? 86  PHE A C   1 
ATOM   701  O O   . PHE A 1 86 ? -15.216 -23.257 -10.643 1.00 44.96 ? 86  PHE A O   1 
ATOM   702  C CB  . PHE A 1 86 ? -12.355 -22.623 -8.923  1.00 44.12 ? 86  PHE A CB  1 
ATOM   703  C CG  . PHE A 1 86 ? -12.947 -23.659 -8.015  1.00 42.58 ? 86  PHE A CG  1 
ATOM   704  C CD1 . PHE A 1 86 ? -12.740 -25.001 -8.235  1.00 42.90 ? 86  PHE A CD1 1 
ATOM   705  C CD2 . PHE A 1 86 ? -13.722 -23.273 -6.928  1.00 42.00 ? 86  PHE A CD2 1 
ATOM   706  C CE1 . PHE A 1 86 ? -13.290 -25.966 -7.395  1.00 42.89 ? 86  PHE A CE1 1 
ATOM   707  C CE2 . PHE A 1 86 ? -14.274 -24.219 -6.082  1.00 42.20 ? 86  PHE A CE2 1 
ATOM   708  C CZ  . PHE A 1 86 ? -14.065 -25.570 -6.310  1.00 42.67 ? 86  PHE A CZ  1 
ATOM   709  N N   . VAL A 1 87 ? -15.037 -21.124 -9.993  1.00 47.12 ? 87  VAL A N   1 
ATOM   710  C CA  . VAL A 1 87 ? -16.490 -20.941 -9.993  1.00 49.47 ? 87  VAL A CA  1 
ATOM   711  C C   . VAL A 1 87 ? -17.058 -21.220 -11.371 1.00 52.34 ? 87  VAL A C   1 
ATOM   712  O O   . VAL A 1 87 ? -17.958 -22.062 -11.493 1.00 51.80 ? 87  VAL A O   1 
ATOM   713  C CB  . VAL A 1 87 ? -16.953 -19.625 -9.368  1.00 48.52 ? 87  VAL A CB  1 
ATOM   714  C CG1 . VAL A 1 87 ? -16.309 -19.479 -7.982  1.00 47.89 ? 87  VAL A CG1 1 
ATOM   715  C CG2 . VAL A 1 87 ? -16.669 -18.423 -10.247 1.00 48.19 ? 87  VAL A CG2 1 
ATOM   716  N N   . VAL A 1 88 ? -16.551 -20.633 -12.444 1.00 55.78 ? 88  VAL A N   1 
ATOM   717  C CA  . VAL A 1 88 ? -17.018 -20.900 -13.806 1.00 59.21 ? 88  VAL A CA  1 
ATOM   718  C C   . VAL A 1 88 ? -17.074 -22.397 -14.089 1.00 61.57 ? 88  VAL A C   1 
ATOM   719  O O   . VAL A 1 88 ? -17.928 -22.833 -14.873 1.00 61.78 ? 88  VAL A O   1 
ATOM   720  C CB  . VAL A 1 88 ? -16.195 -20.123 -14.837 0.80 59.15 ? 88  VAL A CB  1 
ATOM   721  C CG1 . VAL A 1 88 ? -16.363 -20.631 -16.258 0.70 60.08 ? 88  VAL A CG1 1 
ATOM   722  C CG2 . VAL A 1 88 ? -16.571 -18.645 -14.785 0.70 59.05 ? 88  VAL A CG2 1 
ATOM   723  N N   . HIS A 1 89 ? -16.232 -23.241 -13.501 0.80 64.50 ? 89  HIS A N   1 
ATOM   724  C CA  . HIS A 1 89 ? -16.321 -24.679 -13.723 0.80 67.10 ? 89  HIS A CA  1 
ATOM   725  C C   . HIS A 1 89 ? -17.713 -25.077 -13.213 0.80 69.14 ? 89  HIS A C   1 
ATOM   726  O O   . HIS A 1 89 ? -18.638 -25.290 -13.988 0.80 69.82 ? 89  HIS A O   1 
ATOM   727  C CB  . HIS A 1 89 ? -15.270 -25.451 -12.952 0.80 67.27 ? 89  HIS A CB  1 
ATOM   728  C CG  . HIS A 1 89 ? -15.043 -26.841 -13.458 0.70 67.87 ? 89  HIS A CG  1 
ATOM   729  N ND1 . HIS A 1 89 ? -14.474 -27.097 -14.686 0.60 68.04 ? 89  HIS A ND1 1 
ATOM   730  C CD2 . HIS A 1 89 ? -15.309 -28.046 -12.901 0.60 68.06 ? 89  HIS A CD2 1 
ATOM   731  C CE1 . HIS A 1 89 ? -14.399 -28.406 -14.863 0.60 68.32 ? 89  HIS A CE1 1 
ATOM   732  N NE2 . HIS A 1 89 ? -14.899 -29.005 -13.796 0.60 68.12 ? 89  HIS A NE2 1 
ATOM   733  N N   . MET A 1 90 ? -17.836 -25.140 -11.886 0.70 71.29 ? 90  MET A N   1 
ATOM   734  C CA  . MET A 1 90 ? -19.109 -25.494 -11.254 0.60 72.60 ? 90  MET A CA  1 
ATOM   735  C C   . MET A 1 90 ? -20.188 -25.628 -12.324 0.50 73.45 ? 90  MET A C   1 
ATOM   736  O O   . MET A 1 90 ? -20.663 -24.638 -12.874 0.50 73.61 ? 90  MET A O   1 
ATOM   737  C CB  . MET A 1 90 ? -19.498 -24.469 -10.195 0.50 72.69 ? 90  MET A CB  1 
ATOM   738  C CG  . MET A 1 90 ? -19.727 -25.023 -8.800  0.50 72.65 ? 90  MET A CG  1 
ATOM   739  S SD  . MET A 1 90 ? -18.205 -25.453 -7.943  0.50 72.56 ? 90  MET A SD  1 
ATOM   740  C CE  . MET A 1 90 ? -18.173 -24.235 -6.629  0.50 72.21 ? 90  MET A CE  1 
ATOM   741  N N   . LYS A 1 91 ? -20.558 -26.868 -12.624 0.50 74.69 ? 91  LYS A N   1 
ATOM   742  C CA  . LYS A 1 91 ? -21.564 -27.166 -13.631 0.50 75.70 ? 91  LYS A CA  1 
ATOM   743  C C   . LYS A 1 91 ? -21.813 -28.669 -13.719 0.50 76.51 ? 91  LYS A C   1 
ATOM   744  O O   . LYS A 1 91 ? -21.168 -29.446 -13.016 0.50 76.74 ? 91  LYS A O   1 
ATOM   745  C CB  . LYS A 1 91 ? -21.103 -26.659 -15.005 0.50 75.66 ? 91  LYS A CB  1 
ATOM   746  C CG  . LYS A 1 91 ? -19.941 -27.460 -15.571 0.50 75.46 ? 91  LYS A CG  1 
ATOM   747  C CD  . LYS A 1 91 ? -20.289 -28.124 -16.888 0.50 75.34 ? 91  LYS A CD  1 
ATOM   748  C CE  . LYS A 1 91 ? -21.196 -29.327 -16.704 0.50 75.31 ? 91  LYS A CE  1 
ATOM   749  N NZ  . LYS A 1 91 ? -22.257 -29.388 -17.748 0.50 74.97 ? 91  LYS A NZ  1 
ATOM   750  N N   . GLN A 1 92 ? -22.743 -29.064 -14.584 0.50 77.14 ? 92  GLN A N   1 
ATOM   751  C CA  . GLN A 1 92 ? -23.076 -30.468 -14.773 0.50 77.58 ? 92  GLN A CA  1 
ATOM   752  C C   . GLN A 1 92 ? -24.012 -30.656 -15.964 0.50 77.90 ? 92  GLN A C   1 
ATOM   753  O O   . GLN A 1 92 ? -25.229 -30.843 -15.747 0.50 78.06 ? 92  GLN A O   1 
ATOM   754  C CB  . GLN A 1 92 ? -23.727 -31.061 -13.524 0.50 77.97 ? 92  GLN A CB  1 
ATOM   755  C CG  . GLN A 1 92 ? -25.249 -30.975 -13.531 0.50 78.23 ? 92  GLN A CG  1 
ATOM   756  C CD  . GLN A 1 92 ? -25.782 -30.780 -12.124 0.50 78.34 ? 92  GLN A CD  1 
ATOM   757  O OE1 . GLN A 1 92 ? -26.434 -31.666 -11.573 0.50 78.57 ? 92  GLN A OE1 1 
ATOM   758  N NE2 . GLN A 1 92 ? -25.486 -29.613 -11.563 0.50 78.33 ? 92  GLN A NE2 1 
ATOM   759  N N   . PRO B 1 1  ? -14.889 30.854  -9.207  1.00 43.00 ? 1   PRO B N   1 
ATOM   760  C CA  . PRO B 1 1  ? -15.583 29.626  -9.739  1.00 42.25 ? 1   PRO B CA  1 
ATOM   761  C C   . PRO B 1 1  ? -16.310 28.759  -8.785  1.00 39.58 ? 1   PRO B C   1 
ATOM   762  O O   . PRO B 1 1  ? -17.542 28.852  -9.003  1.00 39.73 ? 1   PRO B O   1 
ATOM   763  C CB  . PRO B 1 1  ? -14.524 29.121  -10.708 1.00 42.98 ? 1   PRO B CB  1 
ATOM   764  C CG  . PRO B 1 1  ? -14.430 30.407  -11.507 1.00 42.15 ? 1   PRO B CG  1 
ATOM   765  C CD  . PRO B 1 1  ? -14.473 31.526  -10.487 1.00 42.89 ? 1   PRO B CD  1 
ATOM   766  N N   . SER B 1 2  ? -15.861 28.003  -7.808  1.00 36.60 ? 2   SER B N   1 
ATOM   767  C CA  . SER B 1 2  ? -16.861 27.283  -6.995  1.00 32.71 ? 2   SER B CA  1 
ATOM   768  C C   . SER B 1 2  ? -16.405 27.000  -5.569  1.00 32.48 ? 2   SER B C   1 
ATOM   769  O O   . SER B 1 2  ? -15.225 27.081  -5.236  1.00 29.37 ? 2   SER B O   1 
ATOM   770  C CB  . SER B 1 2  ? -17.332 26.020  -7.677  1.00 29.03 ? 2   SER B CB  1 
ATOM   771  O OG  . SER B 1 2  ? -16.594 24.880  -7.330  1.00 27.03 ? 2   SER B OG  1 
ATOM   772  N N   . GLN B 1 3  ? -17.393 26.669  -4.715  1.00 30.47 ? 3   GLN B N   1 
ATOM   773  C CA  . GLN B 1 3  ? -17.057 26.366  -3.341  1.00 30.27 ? 3   GLN B CA  1 
ATOM   774  C C   . GLN B 1 3  ? -16.226 25.080  -3.260  1.00 26.87 ? 3   GLN B C   1 
ATOM   775  O O   . GLN B 1 3  ? -15.328 24.997  -2.422  1.00 24.99 ? 3   GLN B O   1 
ATOM   776  C CB  . GLN B 1 3  ? -18.287 26.248  -2.429  1.00 31.57 ? 3   GLN B CB  1 
ATOM   777  C CG  . GLN B 1 3  ? -18.664 27.610  -1.895  1.00 36.56 ? 3   GLN B CG  1 
ATOM   778  C CD  . GLN B 1 3  ? -19.830 27.632  -0.940  1.00 40.37 ? 3   GLN B CD  1 
ATOM   779  O OE1 . GLN B 1 3  ? -20.452 26.628  -0.566  1.00 42.17 ? 3   GLN B OE1 1 
ATOM   780  N NE2 . GLN B 1 3  ? -20.134 28.862  -0.525  1.00 42.78 ? 3   GLN B NE2 1 
ATOM   781  N N   . MET B 1 4  ? -16.534 24.109  -4.084  1.00 23.67 ? 4   MET B N   1 
ATOM   782  C CA  . MET B 1 4  ? -15.843 22.853  -4.085  1.00 24.80 ? 4   MET B CA  1 
ATOM   783  C C   . MET B 1 4  ? -14.402 22.992  -4.606  1.00 24.95 ? 4   MET B C   1 
ATOM   784  O O   . MET B 1 4  ? -13.504 22.342  -4.075  1.00 24.87 ? 4   MET B O   1 
ATOM   785  C CB  . MET B 1 4  ? -16.581 21.808  -4.917  1.00 27.35 ? 4   MET B CB  1 
ATOM   786  C CG  . MET B 1 4  ? -17.702 21.135  -4.122  1.00 30.11 ? 4   MET B CG  1 
ATOM   787  S SD  . MET B 1 4  ? -17.069 20.254  -2.683  1.00 31.32 ? 4   MET B SD  1 
ATOM   788  C CE  . MET B 1 4  ? -16.326 18.811  -3.376  1.00 29.49 ? 4   MET B CE  1 
ATOM   789  N N   . GLU B 1 5  ? -14.228 23.807  -5.624  1.00 23.34 ? 5   GLU B N   1 
ATOM   790  C CA  . GLU B 1 5  ? -12.932 24.032  -6.233  1.00 26.03 ? 5   GLU B CA  1 
ATOM   791  C C   . GLU B 1 5  ? -12.034 24.767  -5.226  1.00 24.29 ? 5   GLU B C   1 
ATOM   792  O O   . GLU B 1 5  ? -10.895 24.390  -5.092  1.00 22.96 ? 5   GLU B O   1 
ATOM   793  C CB  . GLU B 1 5  ? -13.025 24.770  -7.567  1.00 25.49 ? 5   GLU B CB  1 
ATOM   794  C CG  . GLU B 1 5  ? -13.470 23.776  -8.638  1.00 29.26 ? 5   GLU B CG  1 
ATOM   795  C CD  . GLU B 1 5  ? -13.782 24.416  -9.972  1.00 30.18 ? 5   GLU B CD  1 
ATOM   796  O OE1 . GLU B 1 5  ? -13.617 25.619  -10.179 1.00 31.11 ? 5   GLU B OE1 1 
ATOM   797  O OE2 . GLU B 1 5  ? -14.215 23.688  -10.878 1.00 33.87 ? 5   GLU B OE2 1 
ATOM   798  N N   . HIS B 1 6  ? -12.614 25.760  -4.577  1.00 23.16 ? 6   HIS B N   1 
ATOM   799  C CA  . HIS B 1 6  ? -11.957 26.549  -3.566  1.00 23.52 ? 6   HIS B CA  1 
ATOM   800  C C   . HIS B 1 6  ? -11.477 25.644  -2.428  1.00 24.64 ? 6   HIS B C   1 
ATOM   801  O O   . HIS B 1 6  ? -10.330 25.770  -2.021  1.00 23.01 ? 6   HIS B O   1 
ATOM   802  C CB  . HIS B 1 6  ? -12.906 27.597  -3.059  1.00 23.30 ? 6   HIS B CB  1 
ATOM   803  C CG  . HIS B 1 6  ? -12.307 28.547  -2.073  1.00 24.80 ? 6   HIS B CG  1 
ATOM   804  N ND1 . HIS B 1 6  ? -11.672 29.700  -2.501  1.00 26.34 ? 6   HIS B ND1 1 
ATOM   805  C CD2 . HIS B 1 6  ? -12.234 28.529  -0.728  1.00 24.93 ? 6   HIS B CD2 1 
ATOM   806  C CE1 . HIS B 1 6  ? -11.243 30.339  -1.456  1.00 26.32 ? 6   HIS B CE1 1 
ATOM   807  N NE2 . HIS B 1 6  ? -11.568 29.660  -0.367  1.00 26.19 ? 6   HIS B NE2 1 
ATOM   808  N N   . ALA B 1 7  ? -12.305 24.717  -1.946  1.00 23.12 ? 7   ALA B N   1 
ATOM   809  C CA  . ALA B 1 7  ? -11.916 23.799  -0.905  1.00 22.85 ? 7   ALA B CA  1 
ATOM   810  C C   . ALA B 1 7  ? -10.811 22.842  -1.353  1.00 22.42 ? 7   ALA B C   1 
ATOM   811  O O   . ALA B 1 7  ? -9.963  22.369  -0.583  1.00 17.76 ? 7   ALA B O   1 
ATOM   812  C CB  . ALA B 1 7  ? -13.082 22.910  -0.438  1.00 21.92 ? 7   ALA B CB  1 
ATOM   813  N N   . MET B 1 8  ? -10.874 22.466  -2.636  1.00 23.40 ? 8   MET B N   1 
ATOM   814  C CA  . MET B 1 8  ? -9.868  21.554  -3.159  1.00 25.34 ? 8   MET B CA  1 
ATOM   815  C C   . MET B 1 8  ? -8.499  22.288  -3.108  1.00 24.00 ? 8   MET B C   1 
ATOM   816  O O   . MET B 1 8  ? -7.469  21.766  -2.729  1.00 20.24 ? 8   MET B O   1 
ATOM   817  C CB  . MET B 1 8  ? -10.196 21.120  -4.575  1.00 27.03 ? 8   MET B CB  1 
ATOM   818  C CG  . MET B 1 8  ? -11.235 19.991  -4.581  1.00 32.72 ? 8   MET B CG  1 
ATOM   819  S SD  . MET B 1 8  ? -12.124 19.874  -6.176  1.00 35.33 ? 8   MET B SD  1 
ATOM   820  C CE  . MET B 1 8  ? -11.299 18.473  -6.870  1.00 34.01 ? 8   MET B CE  1 
ATOM   821  N N   . GLU B 1 9  ? -8.539  23.546  -3.503  1.00 23.97 ? 9   GLU B N   1 
ATOM   822  C CA  . GLU B 1 9  ? -7.329  24.344  -3.502  1.00 26.83 ? 9   GLU B CA  1 
ATOM   823  C C   . GLU B 1 9  ? -6.804  24.525  -2.088  1.00 26.33 ? 9   GLU B C   1 
ATOM   824  O O   . GLU B 1 9  ? -5.553  24.481  -1.931  1.00 22.70 ? 9   GLU B O   1 
ATOM   825  C CB  . GLU B 1 9  ? -7.600  25.631  -4.295  1.00 29.63 ? 9   GLU B CB  1 
ATOM   826  C CG  . GLU B 1 9  ? -7.659  25.332  -5.779  1.00 33.74 ? 9   GLU B CG  1 
ATOM   827  C CD  . GLU B 1 9  ? -8.019  26.472  -6.700  1.00 37.09 ? 9   GLU B CD  1 
ATOM   828  O OE1 . GLU B 1 9  ? -8.218  27.603  -6.220  1.00 39.25 ? 9   GLU B OE1 1 
ATOM   829  O OE2 . GLU B 1 9  ? -8.114  26.234  -7.935  1.00 39.11 ? 9   GLU B OE2 1 
ATOM   830  N N   . THR B 1 10 ? -7.713  24.681  -1.088  1.00 24.72 ? 10  THR B N   1 
ATOM   831  C CA  . THR B 1 10 ? -7.222  24.881  0.261   1.00 24.03 ? 10  THR B CA  1 
ATOM   832  C C   . THR B 1 10 ? -6.414  23.668  0.687   1.00 23.83 ? 10  THR B C   1 
ATOM   833  O O   . THR B 1 10 ? -5.380  23.909  1.308   1.00 23.55 ? 10  THR B O   1 
ATOM   834  C CB  . THR B 1 10 ? -8.081  25.514  1.348   1.00 25.82 ? 10  THR B CB  1 
ATOM   835  O OG1 . THR B 1 10 ? -8.322  24.749  2.535   1.00 28.88 ? 10  THR B OG1 1 
ATOM   836  C CG2 . THR B 1 10 ? -9.355  26.088  0.869   1.00 23.63 ? 10  THR B CG2 1 
ATOM   837  N N   . MET B 1 11 ? -6.766  22.452  0.335   1.00 22.57 ? 11  MET B N   1 
ATOM   838  C CA  . MET B 1 11 ? -6.023  21.296  0.689   1.00 23.48 ? 11  MET B CA  1 
ATOM   839  C C   . MET B 1 11 ? -4.674  21.265  -0.083  1.00 23.86 ? 11  MET B C   1 
ATOM   840  O O   . MET B 1 11 ? -3.716  20.837  0.524   1.00 17.85 ? 11  MET B O   1 
ATOM   841  C CB  . MET B 1 11 ? -6.808  20.032  0.417   1.00 27.22 ? 11  MET B CB  1 
ATOM   842  C CG  . MET B 1 11 ? -8.237  20.117  1.044   1.00 29.51 ? 11  MET B CG  1 
ATOM   843  S SD  . MET B 1 11 ? -8.991  18.482  0.894   1.00 31.40 ? 11  MET B SD  1 
ATOM   844  C CE  . MET B 1 11 ? -10.144 18.546  2.274   1.00 33.19 ? 11  MET B CE  1 
ATOM   845  N N   . MET B 1 12 ? -4.703  21.655  -1.348  1.00 21.96 ? 12  MET B N   1 
ATOM   846  C CA  . MET B 1 12 ? -3.516  21.707  -2.175  1.00 24.60 ? 12  MET B CA  1 
ATOM   847  C C   . MET B 1 12 ? -2.569  22.749  -1.540  1.00 21.66 ? 12  MET B C   1 
ATOM   848  O O   . MET B 1 12 ? -1.466  22.345  -1.262  1.00 19.84 ? 12  MET B O   1 
ATOM   849  C CB  . MET B 1 12 ? -3.857  22.055  -3.615  1.00 27.74 ? 12  MET B CB  1 
ATOM   850  C CG  . MET B 1 12 ? -2.712  22.008  -4.619  1.00 30.83 ? 12  MET B CG  1 
ATOM   851  S SD  . MET B 1 12 ? -3.278  22.469  -6.285  1.00 34.53 ? 12  MET B SD  1 
ATOM   852  C CE  . MET B 1 12 ? -3.507  24.220  -6.131  1.00 31.01 ? 12  MET B CE  1 
ATOM   853  N N   . PHE B 1 13 ? -2.982  23.975  -1.263  1.00 20.47 ? 13  PHE B N   1 
ATOM   854  C CA  . PHE B 1 13 ? -2.205  24.988  -0.633  1.00 23.65 ? 13  PHE B CA  1 
ATOM   855  C C   . PHE B 1 13 ? -1.683  24.606  0.754   1.00 25.78 ? 13  PHE B C   1 
ATOM   856  O O   . PHE B 1 13 ? -0.580  24.998  1.087   1.00 22.55 ? 13  PHE B O   1 
ATOM   857  C CB  . PHE B 1 13 ? -2.865  26.364  -0.479  1.00 25.20 ? 13  PHE B CB  1 
ATOM   858  C CG  . PHE B 1 13 ? -3.084  26.978  -1.840  1.00 27.28 ? 13  PHE B CG  1 
ATOM   859  C CD1 . PHE B 1 13 ? -2.116  26.945  -2.809  1.00 28.08 ? 13  PHE B CD1 1 
ATOM   860  C CD2 . PHE B 1 13 ? -4.301  27.589  -2.134  1.00 28.52 ? 13  PHE B CD2 1 
ATOM   861  C CE1 . PHE B 1 13 ? -2.328  27.515  -4.055  1.00 30.24 ? 13  PHE B CE1 1 
ATOM   862  C CE2 . PHE B 1 13 ? -4.526  28.154  -3.367  1.00 28.91 ? 13  PHE B CE2 1 
ATOM   863  C CZ  . PHE B 1 13 ? -3.540  28.110  -4.327  1.00 28.97 ? 13  PHE B CZ  1 
ATOM   864  N N   . THR B 1 14 ? -2.482  23.860  1.525   1.00 25.92 ? 14  THR B N   1 
ATOM   865  C CA  . THR B 1 14 ? -2.109  23.399  2.833   1.00 24.35 ? 14  THR B CA  1 
ATOM   866  C C   . THR B 1 14 ? -0.947  22.419  2.710   1.00 23.84 ? 14  THR B C   1 
ATOM   867  O O   . THR B 1 14 ? 0.008   22.553  3.470   1.00 23.77 ? 14  THR B O   1 
ATOM   868  C CB  . THR B 1 14 ? -3.300  22.733  3.590   1.00 23.26 ? 14  THR B CB  1 
ATOM   869  O OG1 . THR B 1 14 ? -4.122  23.864  3.923   1.00 22.34 ? 14  THR B OG1 1 
ATOM   870  C CG2 . THR B 1 14 ? -2.831  21.992  4.810   1.00 19.68 ? 14  THR B CG2 1 
ATOM   871  N N   . PHE B 1 15 ? -1.003  21.467  1.814   1.00 23.00 ? 15  PHE B N   1 
ATOM   872  C CA  . PHE B 1 15 ? 0.121   20.553  1.642   1.00 24.89 ? 15  PHE B CA  1 
ATOM   873  C C   . PHE B 1 15 ? 1.426   21.328  1.316   1.00 25.83 ? 15  PHE B C   1 
ATOM   874  O O   . PHE B 1 15 ? 2.449   21.062  1.951   1.00 25.75 ? 15  PHE B O   1 
ATOM   875  C CB  . PHE B 1 15 ? -0.171  19.514  0.581   1.00 23.94 ? 15  PHE B CB  1 
ATOM   876  C CG  . PHE B 1 15 ? 1.016   18.699  0.151   1.00 25.08 ? 15  PHE B CG  1 
ATOM   877  C CD1 . PHE B 1 15 ? 1.357   17.525  0.792   1.00 25.67 ? 15  PHE B CD1 1 
ATOM   878  C CD2 . PHE B 1 15 ? 1.806   19.117  -0.917  1.00 24.81 ? 15  PHE B CD2 1 
ATOM   879  C CE1 . PHE B 1 15 ? 2.452   16.782  0.394   1.00 24.84 ? 15  PHE B CE1 1 
ATOM   880  C CE2 . PHE B 1 15 ? 2.899   18.368  -1.316  1.00 25.55 ? 15  PHE B CE2 1 
ATOM   881  C CZ  . PHE B 1 15 ? 3.227   17.209  -0.669  1.00 23.96 ? 15  PHE B CZ  1 
ATOM   882  N N   . HIS B 1 16 ? 1.460   22.273  0.395   1.00 24.82 ? 16  HIS B N   1 
ATOM   883  C CA  . HIS B 1 16 ? 2.661   22.998  0.035   1.00 28.16 ? 16  HIS B CA  1 
ATOM   884  C C   . HIS B 1 16 ? 3.181   23.945  1.104   1.00 29.38 ? 16  HIS B C   1 
ATOM   885  O O   . HIS B 1 16 ? 4.384   24.210  1.182   1.00 29.75 ? 16  HIS B O   1 
ATOM   886  C CB  . HIS B 1 16 ? 2.540   23.772  -1.299  1.00 25.70 ? 16  HIS B CB  1 
ATOM   887  C CG  . HIS B 1 16 ? 2.388   22.757  -2.392  1.00 26.99 ? 16  HIS B CG  1 
ATOM   888  N ND1 . HIS B 1 16 ? 3.366   21.854  -2.741  1.00 27.60 ? 16  HIS B ND1 1 
ATOM   889  C CD2 . HIS B 1 16 ? 1.338   22.498  -3.206  1.00 27.75 ? 16  HIS B CD2 1 
ATOM   890  C CE1 . HIS B 1 16 ? 2.956   21.085  -3.723  1.00 27.64 ? 16  HIS B CE1 1 
ATOM   891  N NE2 . HIS B 1 16 ? 1.722   21.461  -4.020  1.00 28.08 ? 16  HIS B NE2 1 
ATOM   892  N N   . LYS B 1 17 ? 2.291   24.470  1.926   1.00 28.97 ? 17  LYS B N   1 
ATOM   893  C CA  . LYS B 1 17 ? 2.621   25.342  3.020   1.00 29.33 ? 17  LYS B CA  1 
ATOM   894  C C   . LYS B 1 17 ? 3.567   24.582  3.966   1.00 28.19 ? 17  LYS B C   1 
ATOM   895  O O   . LYS B 1 17 ? 4.558   25.169  4.376   1.00 28.83 ? 17  LYS B O   1 
ATOM   896  C CB  . LYS B 1 17 ? 1.387   25.656  3.854   1.00 30.20 ? 17  LYS B CB  1 
ATOM   897  C CG  . LYS B 1 17 ? 1.397   26.959  4.609   1.00 31.92 ? 17  LYS B CG  1 
ATOM   898  C CD  . LYS B 1 17 ? 0.767   26.697  5.981   1.00 35.47 ? 17  LYS B CD  1 
ATOM   899  C CE  . LYS B 1 17 ? 0.216   27.983  6.581   1.00 35.59 ? 17  LYS B CE  1 
ATOM   900  N NZ  . LYS B 1 17 ? 0.426   28.010  8.058   1.00 38.34 ? 17  LYS B NZ  1 
ATOM   901  N N   . PHE B 1 18 ? 3.247   23.345  4.291   1.00 26.03 ? 18  PHE B N   1 
ATOM   902  C CA  . PHE B 1 18 ? 4.064   22.555  5.183   1.00 27.36 ? 18  PHE B CA  1 
ATOM   903  C C   . PHE B 1 18 ? 5.200   21.834  4.446   1.00 28.18 ? 18  PHE B C   1 
ATOM   904  O O   . PHE B 1 18 ? 6.244   21.521  5.024   1.00 27.60 ? 18  PHE B O   1 
ATOM   905  C CB  . PHE B 1 18 ? 3.161   21.608  5.992   1.00 27.13 ? 18  PHE B CB  1 
ATOM   906  C CG  . PHE B 1 18 ? 2.275   22.367  6.957   1.00 28.01 ? 18  PHE B CG  1 
ATOM   907  C CD1 . PHE B 1 18 ? 2.745   22.633  8.250   1.00 27.33 ? 18  PHE B CD1 1 
ATOM   908  C CD2 . PHE B 1 18 ? 1.005   22.808  6.583   1.00 25.87 ? 18  PHE B CD2 1 
ATOM   909  C CE1 . PHE B 1 18 ? 1.961   23.326  9.158   1.00 26.19 ? 18  PHE B CE1 1 
ATOM   910  C CE2 . PHE B 1 18 ? 0.224   23.500  7.493   1.00 25.81 ? 18  PHE B CE2 1 
ATOM   911  C CZ  . PHE B 1 18 ? 0.699   23.760  8.770   1.00 26.70 ? 18  PHE B CZ  1 
ATOM   912  N N   . ALA B 1 19 ? 5.048   21.542  3.170   1.00 27.33 ? 19  ALA B N   1 
ATOM   913  C CA  . ALA B 1 19 ? 6.031   20.886  2.348   1.00 28.20 ? 19  ALA B CA  1 
ATOM   914  C C   . ALA B 1 19 ? 7.167   21.892  2.065   1.00 29.06 ? 19  ALA B C   1 
ATOM   915  O O   . ALA B 1 19 ? 8.302   21.474  2.164   1.00 28.51 ? 19  ALA B O   1 
ATOM   916  C CB  . ALA B 1 19 ? 5.523   20.405  1.002   1.00 28.57 ? 19  ALA B CB  1 
ATOM   917  N N   . GLY B 1 20 ? 6.865   23.128  1.756   1.00 29.96 ? 20  GLY B N   1 
ATOM   918  C CA  . GLY B 1 20 ? 7.846   24.162  1.440   1.00 30.67 ? 20  GLY B CA  1 
ATOM   919  C C   . GLY B 1 20 ? 8.440   23.888  0.059   1.00 33.35 ? 20  GLY B C   1 
ATOM   920  O O   . GLY B 1 20 ? 8.006   22.948  -0.639  1.00 33.47 ? 20  GLY B O   1 
ATOM   921  N N   . ASP B 1 21 ? 9.473   24.623  -0.362  1.00 34.05 ? 21  ASP B N   1 
ATOM   922  C CA  . ASP B 1 21 ? 10.088  24.406  -1.663  1.00 34.91 ? 21  ASP B CA  1 
ATOM   923  C C   . ASP B 1 21 ? 10.342  22.955  -1.962  1.00 30.76 ? 21  ASP B C   1 
ATOM   924  O O   . ASP B 1 21 ? 10.091  22.555  -3.100  1.00 31.44 ? 21  ASP B O   1 
ATOM   925  C CB  . ASP B 1 21 ? 11.461  25.111  -1.879  1.00 39.07 ? 21  ASP B CB  1 
ATOM   926  C CG  . ASP B 1 21 ? 11.252  26.601  -1.784  1.00 43.45 ? 21  ASP B CG  1 
ATOM   927  O OD1 . ASP B 1 21 ? 10.589  27.169  -2.689  1.00 47.42 ? 21  ASP B OD1 1 
ATOM   928  O OD2 . ASP B 1 21 ? 11.738  27.212  -0.808  1.00 46.72 ? 21  ASP B OD2 1 
ATOM   929  N N   . LYS B 1 22 ? 10.820  22.162  -1.011  1.00 27.57 ? 22  LYS B N   1 
ATOM   930  C CA  . LYS B 1 22 ? 11.087  20.757  -1.292  1.00 25.62 ? 22  LYS B CA  1 
ATOM   931  C C   . LYS B 1 22 ? 9.946   19.970  -1.876  1.00 27.35 ? 22  LYS B C   1 
ATOM   932  O O   . LYS B 1 22 ? 10.182  18.875  -2.438  1.00 26.48 ? 22  LYS B O   1 
ATOM   933  C CB  . LYS B 1 22 ? 11.688  20.125  -0.057  1.00 28.02 ? 22  LYS B CB  1 
ATOM   934  C CG  . LYS B 1 22 ? 10.939  20.123  1.274   1.00 28.74 ? 22  LYS B CG  1 
ATOM   935  C CD  . LYS B 1 22 ? 11.240  18.883  2.075   1.00 28.54 ? 22  LYS B CD  1 
ATOM   936  C CE  . LYS B 1 22 ? 10.788  18.792  3.514   1.00 29.35 ? 22  LYS B CE  1 
ATOM   937  N NZ  . LYS B 1 22 ? 9.765   19.782  3.925   1.00 27.87 ? 22  LYS B NZ  1 
ATOM   938  N N   . GLY B 1 23 ? 8.658   20.394  -1.727  1.00 27.74 ? 23  GLY B N   1 
ATOM   939  C CA  . GLY B 1 23 ? 7.560   19.644  -2.296  1.00 24.57 ? 23  GLY B CA  1 
ATOM   940  C C   . GLY B 1 23 ? 7.240   18.310  -1.733  1.00 23.19 ? 23  GLY B C   1 
ATOM   941  O O   . GLY B 1 23 ? 6.613   17.468  -2.385  1.00 23.74 ? 23  GLY B O   1 
ATOM   942  N N   . TYR B 1 24 ? 7.662   18.010  -0.509  1.00 24.79 ? 24  TYR B N   1 
ATOM   943  C CA  . TYR B 1 24 ? 7.336   16.695  0.082   1.00 24.16 ? 24  TYR B CA  1 
ATOM   944  C C   . TYR B 1 24 ? 7.293   16.985  1.589   1.00 22.87 ? 24  TYR B C   1 
ATOM   945  O O   . TYR B 1 24 ? 7.786   18.018  2.022   1.00 21.83 ? 24  TYR B O   1 
ATOM   946  C CB  . TYR B 1 24 ? 8.176   15.492  -0.232  1.00 27.91 ? 24  TYR B CB  1 
ATOM   947  C CG  . TYR B 1 24 ? 9.669   15.725  -0.019  1.00 30.99 ? 24  TYR B CG  1 
ATOM   948  C CD1 . TYR B 1 24 ? 10.204  15.551  1.264   1.00 32.12 ? 24  TYR B CD1 1 
ATOM   949  C CD2 . TYR B 1 24 ? 10.500  16.103  -1.060  1.00 31.48 ? 24  TYR B CD2 1 
ATOM   950  C CE1 . TYR B 1 24 ? 11.560  15.756  1.482   1.00 32.76 ? 24  TYR B CE1 1 
ATOM   951  C CE2 . TYR B 1 24 ? 11.866  16.312  -0.854  1.00 32.58 ? 24  TYR B CE2 1 
ATOM   952  C CZ  . TYR B 1 24 ? 12.379  16.138  0.421   1.00 32.78 ? 24  TYR B CZ  1 
ATOM   953  O OH  . TYR B 1 24 ? 13.696  16.332  0.691   1.00 32.68 ? 24  TYR B OH  1 
ATOM   954  N N   . LEU B 1 25 ? 6.663   16.076  2.322   1.00 22.42 ? 25  LEU B N   1 
ATOM   955  C CA  . LEU B 1 25 ? 6.522   16.192  3.725   1.00 21.23 ? 25  LEU B CA  1 
ATOM   956  C C   . LEU B 1 25 ? 7.369   15.098  4.384   1.00 20.27 ? 25  LEU B C   1 
ATOM   957  O O   . LEU B 1 25 ? 7.255   13.959  3.944   1.00 19.24 ? 25  LEU B O   1 
ATOM   958  C CB  . LEU B 1 25 ? 5.091   15.929  4.283   1.00 23.63 ? 25  LEU B CB  1 
ATOM   959  C CG  . LEU B 1 25 ? 3.964   16.847  3.816   1.00 25.97 ? 25  LEU B CG  1 
ATOM   960  C CD1 . LEU B 1 25 ? 2.634   16.184  4.175   1.00 28.10 ? 25  LEU B CD1 1 
ATOM   961  C CD2 . LEU B 1 25 ? 4.005   18.235  4.425   1.00 24.59 ? 25  LEU B CD2 1 
ATOM   962  N N   . THR B 1 26 ? 8.126   15.507  5.398   1.00 19.57 ? 26  THR B N   1 
ATOM   963  C CA  . THR B 1 26 ? 8.870   14.486  6.140   1.00 22.90 ? 26  THR B CA  1 
ATOM   964  C C   . THR B 1 26 ? 7.944   14.180  7.327   1.00 25.40 ? 26  THR B C   1 
ATOM   965  O O   . THR B 1 26 ? 6.950   14.904  7.515   1.00 25.08 ? 26  THR B O   1 
ATOM   966  C CB  . THR B 1 26 ? 10.163  15.057  6.743   1.00 24.13 ? 26  THR B CB  1 
ATOM   967  O OG1 . THR B 1 26 ? 9.842   16.213  7.497   1.00 23.53 ? 26  THR B OG1 1 
ATOM   968  C CG2 . THR B 1 26 ? 11.152  15.539  5.655   1.00 24.57 ? 26  THR B CG2 1 
ATOM   969  N N   . LYS B 1 27 ? 8.237   13.208  8.157   1.00 27.09 ? 27  LYS B N   1 
ATOM   970  C CA  . LYS B 1 27 ? 7.460   12.877  9.309   1.00 30.27 ? 27  LYS B CA  1 
ATOM   971  C C   . LYS B 1 27 ? 7.223   14.073  10.224  1.00 30.96 ? 27  LYS B C   1 
ATOM   972  O O   . LYS B 1 27 ? 6.130   14.203  10.794  1.00 31.67 ? 27  LYS B O   1 
ATOM   973  C CB  . LYS B 1 27 ? 8.074   11.704  10.059  1.00 32.55 ? 27  LYS B CB  1 
ATOM   974  C CG  . LYS B 1 27 ? 7.303   11.288  11.303  1.00 34.77 ? 27  LYS B CG  1 
ATOM   975  C CD  . LYS B 1 27 ? 7.846   9.947   11.798  1.00 38.06 ? 27  LYS B CD  1 
ATOM   976  C CE  . LYS B 1 27 ? 8.981   10.203  12.791  1.00 39.93 ? 27  LYS B CE  1 
ATOM   977  N NZ  . LYS B 1 27 ? 9.795   8.963   12.979  1.00 43.14 ? 27  LYS B NZ  1 
ATOM   978  N N   . GLU B 1 28 ? 8.155   14.995  10.381  1.00 30.46 ? 28  GLU B N   1 
ATOM   979  C CA  . GLU B 1 28 ? 7.976   16.156  11.222  1.00 28.50 ? 28  GLU B CA  1 
ATOM   980  C C   . GLU B 1 28 ? 7.117   17.214  10.588  1.00 24.71 ? 28  GLU B C   1 
ATOM   981  O O   . GLU B 1 28 ? 6.488   18.007  11.277  1.00 22.60 ? 28  GLU B O   1 
ATOM   982  C CB  . GLU B 1 28 ? 9.353   16.797  11.514  1.00 31.59 ? 28  GLU B CB  1 
ATOM   983  C CG  . GLU B 1 28 ? 10.075  15.881  12.520  1.00 37.43 ? 28  GLU B CG  1 
ATOM   984  C CD  . GLU B 1 28 ? 9.544   16.246  13.899  1.00 40.75 ? 28  GLU B CD  1 
ATOM   985  O OE1 . GLU B 1 28 ? 9.515   17.475  14.164  1.00 42.61 ? 28  GLU B OE1 1 
ATOM   986  O OE2 . GLU B 1 28 ? 9.165   15.332  14.661  1.00 42.13 ? 28  GLU B OE2 1 
ATOM   987  N N   . ASP B 1 29 ? 7.160   17.262  9.252   1.00 23.35 ? 29  ASP B N   1 
ATOM   988  C CA  . ASP B 1 29 ? 6.314   18.256  8.591   1.00 21.18 ? 29  ASP B CA  1 
ATOM   989  C C   . ASP B 1 29 ? 4.837   17.736  8.789   1.00 17.30 ? 29  ASP B C   1 
ATOM   990  O O   . ASP B 1 29 ? 4.024   18.575  9.004   1.00 14.97 ? 29  ASP B O   1 
ATOM   991  C CB  . ASP B 1 29 ? 6.588   18.413  7.129   1.00 23.11 ? 29  ASP B CB  1 
ATOM   992  C CG  . ASP B 1 29 ? 7.988   18.925  6.731   1.00 24.93 ? 29  ASP B CG  1 
ATOM   993  O OD1 . ASP B 1 29 ? 8.513   19.854  7.355   1.00 25.26 ? 29  ASP B OD1 1 
ATOM   994  O OD2 . ASP B 1 29 ? 8.529   18.375  5.767   1.00 23.97 ? 29  ASP B OD2 1 
ATOM   995  N N   . LEU B 1 30 ? 4.606   16.472  8.696   1.00 15.38 ? 30  LEU B N   1 
ATOM   996  C CA  . LEU B 1 30 ? 3.373   15.757  8.809   1.00 22.20 ? 30  LEU B CA  1 
ATOM   997  C C   . LEU B 1 30 ? 2.827   16.020  10.235  1.00 23.75 ? 30  LEU B C   1 
ATOM   998  O O   . LEU B 1 30 ? 1.705   16.514  10.333  1.00 22.31 ? 30  LEU B O   1 
ATOM   999  C CB  . LEU B 1 30 ? 3.439   14.268  8.451   1.00 21.88 ? 30  LEU B CB  1 
ATOM   1000 C CG  . LEU B 1 30 ? 2.057   13.561  8.490   1.00 23.43 ? 30  LEU B CG  1 
ATOM   1001 C CD1 . LEU B 1 30 ? 1.079   14.188  7.487   1.00 23.03 ? 30  LEU B CD1 1 
ATOM   1002 C CD2 . LEU B 1 30 ? 2.094   12.083  8.263   1.00 22.55 ? 30  LEU B CD2 1 
ATOM   1003 N N   . ARG B 1 31 ? 3.679   15.787  11.250  1.00 21.34 ? 31  ARG B N   1 
ATOM   1004 C CA  . ARG B 1 31 ? 3.309   16.020  12.608  1.00 21.90 ? 31  ARG B CA  1 
ATOM   1005 C C   . ARG B 1 31 ? 2.856   17.452  12.851  1.00 21.39 ? 31  ARG B C   1 
ATOM   1006 O O   . ARG B 1 31 ? 1.782   17.670  13.417  1.00 18.19 ? 31  ARG B O   1 
ATOM   1007 C CB  . ARG B 1 31 ? 4.431   15.656  13.579  1.00 25.56 ? 31  ARG B CB  1 
ATOM   1008 C CG  . ARG B 1 31 ? 3.951   15.257  14.962  1.00 27.75 ? 31  ARG B CG  1 
ATOM   1009 C CD  . ARG B 1 31 ? 5.200   15.160  15.906  1.00 31.46 ? 31  ARG B CD  1 
ATOM   1010 N NE  . ARG B 1 31 ? 5.301   16.524  16.413  1.00 34.23 ? 31  ARG B NE  1 
ATOM   1011 C CZ  . ARG B 1 31 ? 6.326   17.333  16.286  1.00 33.92 ? 31  ARG B CZ  1 
ATOM   1012 N NH1 . ARG B 1 31 ? 7.347   16.822  15.641  1.00 35.04 ? 31  ARG B NH1 1 
ATOM   1013 N NH2 . ARG B 1 31 ? 6.257   18.543  16.789  1.00 34.82 ? 31  ARG B NH2 1 
ATOM   1014 N N   . VAL B 1 32 ? 3.634   18.423  12.396  1.00 19.01 ? 32  VAL B N   1 
ATOM   1015 C CA  . VAL B 1 32 ? 3.262   19.810  12.581  1.00 20.61 ? 32  VAL B CA  1 
ATOM   1016 C C   . VAL B 1 32 ? 1.987   20.208  11.814  1.00 20.16 ? 32  VAL B C   1 
ATOM   1017 O O   . VAL B 1 32 ? 1.242   21.090  12.252  1.00 16.18 ? 32  VAL B O   1 
ATOM   1018 C CB  . VAL B 1 32 ? 4.444   20.729  12.206  1.00 22.76 ? 32  VAL B CB  1 
ATOM   1019 C CG1 . VAL B 1 32 ? 4.080   22.185  12.325  1.00 21.96 ? 32  VAL B CG1 1 
ATOM   1020 C CG2 . VAL B 1 32 ? 5.614   20.397  13.157  1.00 25.64 ? 32  VAL B CG2 1 
ATOM   1021 N N   . LEU B 1 33 ? 1.799   19.627  10.631  1.00 18.34 ? 33  LEU B N   1 
ATOM   1022 C CA  . LEU B 1 33 ? 0.632   19.862  9.799   1.00 19.42 ? 33  LEU B CA  1 
ATOM   1023 C C   . LEU B 1 33 ? -0.619  19.473  10.654  1.00 15.69 ? 33  LEU B C   1 
ATOM   1024 O O   . LEU B 1 33 ? -1.489  20.259  10.786  1.00 15.35 ? 33  LEU B O   1 
ATOM   1025 C CB  . LEU B 1 33 ? 0.651   18.999  8.528   1.00 17.64 ? 33  LEU B CB  1 
ATOM   1026 C CG  . LEU B 1 33 ? -0.428  19.374  7.479   1.00 20.88 ? 33  LEU B CG  1 
ATOM   1027 C CD1 . LEU B 1 33 ? 0.093   19.114  6.062   1.00 19.53 ? 33  LEU B CD1 1 
ATOM   1028 C CD2 . LEU B 1 33 ? -1.678  18.533  7.799   1.00 18.41 ? 33  LEU B CD2 1 
ATOM   1029 N N   . MET B 1 34 ? -0.633  18.318  11.257  1.00 17.97 ? 34  MET B N   1 
ATOM   1030 C CA  . MET B 1 34 ? -1.683  17.805  12.091  1.00 22.35 ? 34  MET B CA  1 
ATOM   1031 C C   . MET B 1 34 ? -1.907  18.626  13.369  1.00 23.54 ? 34  MET B C   1 
ATOM   1032 O O   . MET B 1 34 ? -3.070  18.902  13.629  1.00 19.58 ? 34  MET B O   1 
ATOM   1033 C CB  . MET B 1 34 ? -1.409  16.431  12.667  1.00 23.55 ? 34  MET B CB  1 
ATOM   1034 C CG  . MET B 1 34 ? -0.731  15.656  11.574  1.00 31.01 ? 34  MET B CG  1 
ATOM   1035 S SD  . MET B 1 34 ? -2.074  14.952  10.612  1.00 38.30 ? 34  MET B SD  1 
ATOM   1036 C CE  . MET B 1 34 ? -1.748  13.298  11.272  1.00 30.78 ? 34  MET B CE  1 
ATOM   1037 N N   . GLU B 1 35 ? -0.779  18.967  14.019  1.00 19.62 ? 35  GLU B N   1 
ATOM   1038 C CA  . GLU B 1 35 ? -0.909  19.747  15.220  1.00 20.68 ? 35  GLU B CA  1 
ATOM   1039 C C   . GLU B 1 35 ? -1.611  21.033  14.906  1.00 18.62 ? 35  GLU B C   1 
ATOM   1040 O O   . GLU B 1 35 ? -2.435  21.459  15.716  1.00 19.23 ? 35  GLU B O   1 
ATOM   1041 C CB  . GLU B 1 35 ? 0.421   20.053  15.962  1.00 19.56 ? 35  GLU B CB  1 
ATOM   1042 C CG  . GLU B 1 35 ? 1.081   18.727  16.343  1.00 21.24 ? 35  GLU B CG  1 
ATOM   1043 C CD  . GLU B 1 35 ? 2.447   18.975  17.034  1.00 21.57 ? 35  GLU B CD  1 
ATOM   1044 O OE1 . GLU B 1 35 ? 2.863   20.119  17.065  1.00 20.02 ? 35  GLU B OE1 1 
ATOM   1045 O OE2 . GLU B 1 35 ? 3.063   18.032  17.538  1.00 20.01 ? 35  GLU B OE2 1 
ATOM   1046 N N   . LYS B 1 36 ? -1.283  21.643  13.786  1.00 18.64 ? 36  LYS B N   1 
ATOM   1047 C CA  . LYS B 1 36 ? -1.920  22.896  13.463  1.00 20.56 ? 36  LYS B CA  1 
ATOM   1048 C C   . LYS B 1 36 ? -3.259  22.793  12.709  1.00 21.44 ? 36  LYS B C   1 
ATOM   1049 O O   . LYS B 1 36 ? -4.095  23.689  12.850  1.00 18.68 ? 36  LYS B O   1 
ATOM   1050 C CB  . LYS B 1 36 ? -0.920  23.631  12.533  1.00 24.77 ? 36  LYS B CB  1 
ATOM   1051 C CG  . LYS B 1 36 ? -0.235  24.824  13.181  1.00 30.03 ? 36  LYS B CG  1 
ATOM   1052 C CD  . LYS B 1 36 ? 0.932   24.405  14.088  1.00 34.00 ? 36  LYS B CD  1 
ATOM   1053 C CE  . LYS B 1 36 ? 1.846   25.596  14.364  1.00 37.00 ? 36  LYS B CE  1 
ATOM   1054 N NZ  . LYS B 1 36 ? 1.495   26.365  15.603  1.00 38.44 ? 36  LYS B NZ  1 
ATOM   1055 N N   . GLU B 1 37 ? -3.438  21.773  11.858  1.00 19.80 ? 37  GLU B N   1 
ATOM   1056 C CA  . GLU B 1 37 ? -4.645  21.720  11.044  1.00 21.82 ? 37  GLU B CA  1 
ATOM   1057 C C   . GLU B 1 37 ? -5.774  20.936  11.655  1.00 20.71 ? 37  GLU B C   1 
ATOM   1058 O O   . GLU B 1 37 ? -6.961  21.166  11.394  1.00 22.75 ? 37  GLU B O   1 
ATOM   1059 C CB  . GLU B 1 37 ? -4.278  21.258  9.618   1.00 21.70 ? 37  GLU B CB  1 
ATOM   1060 C CG  . GLU B 1 37 ? -3.533  22.318  8.800   1.00 24.41 ? 37  GLU B CG  1 
ATOM   1061 C CD  . GLU B 1 37 ? -4.334  23.567  8.552   1.00 25.34 ? 37  GLU B CD  1 
ATOM   1062 O OE1 . GLU B 1 37 ? -5.548  23.496  8.259   1.00 24.59 ? 37  GLU B OE1 1 
ATOM   1063 O OE2 . GLU B 1 37 ? -3.813  24.695  8.635   1.00 26.57 ? 37  GLU B OE2 1 
ATOM   1064 N N   . PHE B 1 38 ? -5.492  19.965  12.493  1.00 19.28 ? 38  PHE B N   1 
ATOM   1065 C CA  . PHE B 1 38 ? -6.283  19.067  13.281  1.00 17.13 ? 38  PHE B CA  1 
ATOM   1066 C C   . PHE B 1 38 ? -5.917  19.116  14.754  1.00 14.79 ? 38  PHE B C   1 
ATOM   1067 O O   . PHE B 1 38 ? -5.479  18.159  15.361  1.00 13.13 ? 38  PHE B O   1 
ATOM   1068 C CB  . PHE B 1 38 ? -6.175  17.662  12.692  1.00 21.16 ? 38  PHE B CB  1 
ATOM   1069 C CG  . PHE B 1 38 ? -6.478  17.720  11.203  1.00 25.68 ? 38  PHE B CG  1 
ATOM   1070 C CD1 . PHE B 1 38 ? -7.737  18.163  10.772  1.00 26.01 ? 38  PHE B CD1 1 
ATOM   1071 C CD2 . PHE B 1 38 ? -5.543  17.376  10.247  1.00 25.49 ? 38  PHE B CD2 1 
ATOM   1072 C CE1 . PHE B 1 38 ? -8.028  18.241  9.419   1.00 25.70 ? 38  PHE B CE1 1 
ATOM   1073 C CE2 . PHE B 1 38 ? -5.816  17.443  8.901   1.00 24.86 ? 38  PHE B CE2 1 
ATOM   1074 C CZ  . PHE B 1 38 ? -7.071  17.881  8.496   1.00 27.16 ? 38  PHE B CZ  1 
ATOM   1075 N N   . PRO B 1 39 ? -6.046  20.247  15.410  1.00 18.36 ? 39  PRO B N   1 
ATOM   1076 C CA  . PRO B 1 39 ? -5.697  20.405  16.825  1.00 20.19 ? 39  PRO B CA  1 
ATOM   1077 C C   . PRO B 1 39 ? -6.344  19.333  17.669  1.00 19.49 ? 39  PRO B C   1 
ATOM   1078 O O   . PRO B 1 39 ? -7.505  19.037  17.596  1.00 23.77 ? 39  PRO B O   1 
ATOM   1079 C CB  . PRO B 1 39 ? -5.956  21.832  17.171  1.00 21.24 ? 39  PRO B CB  1 
ATOM   1080 C CG  . PRO B 1 39 ? -6.805  22.382  16.065  1.00 21.69 ? 39  PRO B CG  1 
ATOM   1081 C CD  . PRO B 1 39 ? -6.591  21.522  14.859  1.00 20.04 ? 39  PRO B CD  1 
ATOM   1082 N N   . GLY B 1 40 ? -5.555  18.628  18.447  1.00 18.21 ? 40  GLY B N   1 
ATOM   1083 C CA  . GLY B 1 40 ? -5.830  17.569  19.358  1.00 14.16 ? 40  GLY B CA  1 
ATOM   1084 C C   . GLY B 1 40 ? -5.852  16.225  18.712  1.00 11.99 ? 40  GLY B C   1 
ATOM   1085 O O   . GLY B 1 40 ? -5.876  15.238  19.443  1.00 14.20 ? 40  GLY B O   1 
ATOM   1086 N N   . PHE B 1 41 ? -5.867  16.129  17.399  1.00 13.09 ? 41  PHE B N   1 
ATOM   1087 C CA  . PHE B 1 41 ? -5.935  14.787  16.827  1.00 15.64 ? 41  PHE B CA  1 
ATOM   1088 C C   . PHE B 1 41 ? -4.806  13.878  17.282  1.00 17.96 ? 41  PHE B C   1 
ATOM   1089 O O   . PHE B 1 41 ? -5.052  12.776  17.761  1.00 18.65 ? 41  PHE B O   1 
ATOM   1090 C CB  . PHE B 1 41 ? -6.006  14.976  15.290  1.00 16.46 ? 41  PHE B CB  1 
ATOM   1091 C CG  . PHE B 1 41 ? -6.059  13.577  14.699  1.00 17.19 ? 41  PHE B CG  1 
ATOM   1092 C CD1 . PHE B 1 41 ? -7.266  12.872  14.727  1.00 19.24 ? 41  PHE B CD1 1 
ATOM   1093 C CD2 . PHE B 1 41 ? -4.971  12.970  14.153  1.00 18.31 ? 41  PHE B CD2 1 
ATOM   1094 C CE1 . PHE B 1 41 ? -7.356  11.605  14.207  1.00 20.24 ? 41  PHE B CE1 1 
ATOM   1095 C CE2 . PHE B 1 41 ? -5.034  11.688  13.632  1.00 19.48 ? 41  PHE B CE2 1 
ATOM   1096 C CZ  . PHE B 1 41 ? -6.232  10.994  13.655  1.00 20.08 ? 41  PHE B CZ  1 
ATOM   1097 N N   . LEU B 1 42 ? -3.523  14.303  17.146  1.00 17.83 ? 42  LEU B N   1 
ATOM   1098 C CA  . LEU B 1 42 ? -2.444  13.404  17.607  1.00 17.14 ? 42  LEU B CA  1 
ATOM   1099 C C   . LEU B 1 42 ? -2.330  13.416  19.122  1.00 15.45 ? 42  LEU B C   1 
ATOM   1100 O O   . LEU B 1 42 ? -2.098  12.404  19.741  1.00 14.65 ? 42  LEU B O   1 
ATOM   1101 C CB  . LEU B 1 42 ? -1.043  13.873  17.091  1.00 16.07 ? 42  LEU B CB  1 
ATOM   1102 C CG  . LEU B 1 42 ? -0.866  13.726  15.562  1.00 17.56 ? 42  LEU B CG  1 
ATOM   1103 C CD1 . LEU B 1 42 ? 0.297   14.479  14.941  1.00 15.98 ? 42  LEU B CD1 1 
ATOM   1104 C CD2 . LEU B 1 42 ? -0.872  12.269  15.175  1.00 16.11 ? 42  LEU B CD2 1 
ATOM   1105 N N   . GLU B 1 43 ? -2.492  14.565  19.715  1.00 17.71 ? 43  GLU B N   1 
ATOM   1106 C CA  . GLU B 1 43 ? -2.298  14.754  21.144  1.00 23.29 ? 43  GLU B CA  1 
ATOM   1107 C C   . GLU B 1 43 ? -3.161  13.882  22.061  1.00 26.20 ? 43  GLU B C   1 
ATOM   1108 O O   . GLU B 1 43 ? -2.608  13.406  23.069  1.00 24.57 ? 43  GLU B O   1 
ATOM   1109 C CB  . GLU B 1 43 ? -2.419  16.232  21.520  1.00 22.74 ? 43  GLU B CB  1 
ATOM   1110 C CG  . GLU B 1 43 ? -1.333  17.123  20.870  1.00 22.51 ? 43  GLU B CG  1 
ATOM   1111 C CD  . GLU B 1 43 ? -1.895  17.730  19.569  1.00 22.18 ? 43  GLU B CD  1 
ATOM   1112 O OE1 . GLU B 1 43 ? -2.687  16.998  18.900  1.00 18.42 ? 43  GLU B OE1 1 
ATOM   1113 O OE2 . GLU B 1 43 ? -1.544  18.894  19.267  1.00 19.86 ? 43  GLU B OE2 1 
ATOM   1114 N N   . ASN B 1 44 ? -4.435  13.693  21.668  1.00 24.06 ? 44  ASN B N   1 
ATOM   1115 C CA  . ASN B 1 44 ? -5.330  12.890  22.485  1.00 24.79 ? 44  ASN B CA  1 
ATOM   1116 C C   . ASN B 1 44 ? -5.252  11.409  22.215  1.00 26.56 ? 44  ASN B C   1 
ATOM   1117 O O   . ASN B 1 44 ? -5.967  10.643  22.875  1.00 28.15 ? 44  ASN B O   1 
ATOM   1118 C CB  . ASN B 1 44 ? -6.785  13.356  22.321  1.00 21.41 ? 44  ASN B CB  1 
ATOM   1119 C CG  . ASN B 1 44 ? -7.023  14.774  22.726  1.00 21.88 ? 44  ASN B CG  1 
ATOM   1120 O OD1 . ASN B 1 44 ? -6.737  15.260  23.815  1.00 22.83 ? 44  ASN B OD1 1 
ATOM   1121 N ND2 . ASN B 1 44 ? -7.597  15.631  21.889  1.00 24.94 ? 44  ASN B ND2 1 
ATOM   1122 N N   . GLN B 1 45 ? -4.400  10.974  21.293  1.00 28.18 ? 45  GLN B N   1 
ATOM   1123 C CA  . GLN B 1 45 ? -4.328  9.537   21.072  1.00 31.26 ? 45  GLN B CA  1 
ATOM   1124 C C   . GLN B 1 45 ? -3.665  8.844   22.245  1.00 31.97 ? 45  GLN B C   1 
ATOM   1125 O O   . GLN B 1 45 ? -2.925  9.450   23.010  1.00 31.57 ? 45  GLN B O   1 
ATOM   1126 C CB  . GLN B 1 45 ? -3.625  9.262   19.738  1.00 33.17 ? 45  GLN B CB  1 
ATOM   1127 C CG  . GLN B 1 45 ? -4.405  8.103   19.096  1.00 36.07 ? 45  GLN B CG  1 
ATOM   1128 C CD  . GLN B 1 45 ? -4.562  8.358   17.622  1.00 36.82 ? 45  GLN B CD  1 
ATOM   1129 O OE1 . GLN B 1 45 ? -4.142  7.461   16.878  1.00 38.84 ? 45  GLN B OE1 1 
ATOM   1130 N NE2 . GLN B 1 45 ? -5.123  9.515   17.307  1.00 37.03 ? 45  GLN B NE2 1 
ATOM   1131 N N   . LYS B 1 46 ? -3.891  7.564   22.450  1.00 35.26 ? 46  LYS B N   1 
ATOM   1132 C CA  . LYS B 1 46 ? -3.303  6.799   23.547  1.00 38.53 ? 46  LYS B CA  1 
ATOM   1133 C C   . LYS B 1 46 ? -1.794  6.652   23.300  1.00 38.49 ? 46  LYS B C   1 
ATOM   1134 O O   . LYS B 1 46 ? -0.960  6.798   24.194  1.00 39.21 ? 46  LYS B O   1 
ATOM   1135 C CB  . LYS B 1 46 ? -3.931  5.412   23.616  1.00 41.93 ? 46  LYS B CB  1 
ATOM   1136 C CG  . LYS B 1 46 ? -3.362  4.482   24.680  1.00 44.64 ? 46  LYS B CG  1 
ATOM   1137 C CD  . LYS B 1 46 ? -4.301  4.473   25.886  1.00 47.19 ? 46  LYS B CD  1 
ATOM   1138 C CE  . LYS B 1 46 ? -3.631  3.856   27.112  1.00 49.09 ? 46  LYS B CE  1 
ATOM   1139 N NZ  . LYS B 1 46 ? -4.368  4.248   28.357  1.00 50.00 ? 46  LYS B NZ  1 
ATOM   1140 N N   . ASP B 1 47 ? -1.508  6.385   22.028  1.00 35.28 ? 47  ASP B N   1 
ATOM   1141 C CA  . ASP B 1 47 ? -0.154  6.208   21.557  1.00 33.37 ? 47  ASP B CA  1 
ATOM   1142 C C   . ASP B 1 47 ? 0.435   7.531   21.129  1.00 31.30 ? 47  ASP B C   1 
ATOM   1143 O O   . ASP B 1 47 ? 0.017   8.195   20.193  1.00 33.37 ? 47  ASP B O   1 
ATOM   1144 C CB  . ASP B 1 47 ? -0.102  5.219   20.396  1.00 32.10 ? 47  ASP B CB  1 
ATOM   1145 C CG  . ASP B 1 47 ? 1.292   4.905   19.869  1.00 31.40 ? 47  ASP B CG  1 
ATOM   1146 O OD1 . ASP B 1 47 ? 2.305   5.456   20.335  1.00 30.37 ? 47  ASP B OD1 1 
ATOM   1147 O OD2 . ASP B 1 47 ? 1.327   4.062   18.937  1.00 31.48 ? 47  ASP B OD2 1 
ATOM   1148 N N   . PRO B 1 48 ? 1.485   7.937   21.827  1.00 29.43 ? 48  PRO B N   1 
ATOM   1149 C CA  . PRO B 1 48 ? 2.160   9.209   21.525  1.00 27.63 ? 48  PRO B CA  1 
ATOM   1150 C C   . PRO B 1 48 ? 3.001   9.090   20.261  1.00 25.69 ? 48  PRO B C   1 
ATOM   1151 O O   . PRO B 1 48 ? 3.396   10.088  19.689  1.00 23.70 ? 48  PRO B O   1 
ATOM   1152 C CB  . PRO B 1 48 ? 2.909   9.517   22.794  1.00 27.52 ? 48  PRO B CB  1 
ATOM   1153 C CG  . PRO B 1 48 ? 3.008   8.250   23.545  1.00 27.09 ? 48  PRO B CG  1 
ATOM   1154 C CD  . PRO B 1 48 ? 2.089   7.225   22.970  1.00 27.95 ? 48  PRO B CD  1 
ATOM   1155 N N   . LEU B 1 49 ? 3.250   7.870   19.779  1.00 26.07 ? 49  LEU B N   1 
ATOM   1156 C CA  . LEU B 1 49 ? 3.994   7.669   18.552  1.00 28.47 ? 49  LEU B CA  1 
ATOM   1157 C C   . LEU B 1 49 ? 3.076   7.288   17.389  1.00 29.24 ? 49  LEU B C   1 
ATOM   1158 O O   . LEU B 1 49 ? 3.511   6.730   16.373  1.00 27.17 ? 49  LEU B O   1 
ATOM   1159 C CB  . LEU B 1 49 ? 5.105   6.637   18.791  1.00 28.58 ? 49  LEU B CB  1 
ATOM   1160 C CG  . LEU B 1 49 ? 6.249   7.166   19.672  1.00 31.02 ? 49  LEU B CG  1 
ATOM   1161 C CD1 . LEU B 1 49 ? 7.417   6.179   19.656  1.00 32.20 ? 49  LEU B CD1 1 
ATOM   1162 C CD2 . LEU B 1 49 ? 6.758   8.524   19.231  1.00 29.26 ? 49  LEU B CD2 1 
ATOM   1163 N N   . ALA B 1 50 ? 1.777   7.623   17.490  1.00 29.82 ? 50  ALA B N   1 
ATOM   1164 C CA  . ALA B 1 50 ? 0.807   7.329   16.436  1.00 29.23 ? 50  ALA B CA  1 
ATOM   1165 C C   . ALA B 1 50 ? 1.268   7.955   15.120  1.00 27.42 ? 50  ALA B C   1 
ATOM   1166 O O   . ALA B 1 50 ? 1.078   7.282   14.103  1.00 28.20 ? 50  ALA B O   1 
ATOM   1167 C CB  . ALA B 1 50 ? -0.645  7.725   16.745  1.00 27.23 ? 50  ALA B CB  1 
ATOM   1168 N N   . VAL B 1 51 ? 1.862   9.136   15.081  1.00 27.15 ? 51  VAL B N   1 
ATOM   1169 C CA  . VAL B 1 51 ? 2.309   9.681   13.794  1.00 29.71 ? 51  VAL B CA  1 
ATOM   1170 C C   . VAL B 1 51 ? 3.258   8.720   13.083  1.00 31.23 ? 51  VAL B C   1 
ATOM   1171 O O   . VAL B 1 51 ? 3.233   8.661   11.848  1.00 33.41 ? 51  VAL B O   1 
ATOM   1172 C CB  . VAL B 1 51 ? 2.843   11.104  13.919  1.00 29.18 ? 51  VAL B CB  1 
ATOM   1173 C CG1 . VAL B 1 51 ? 4.145   11.165  14.728  1.00 29.38 ? 51  VAL B CG1 1 
ATOM   1174 C CG2 . VAL B 1 51 ? 3.053   11.766  12.575  1.00 29.33 ? 51  VAL B CG2 1 
ATOM   1175 N N   . ASP B 1 52 ? 4.073   7.914   13.722  1.00 32.89 ? 52  ASP B N   1 
ATOM   1176 C CA  . ASP B 1 52 ? 4.967   6.946   13.130  1.00 34.53 ? 52  ASP B CA  1 
ATOM   1177 C C   . ASP B 1 52 ? 4.167   5.849   12.422  1.00 34.09 ? 52  ASP B C   1 
ATOM   1178 O O   . ASP B 1 52 ? 4.569   5.369   11.361  1.00 34.30 ? 52  ASP B O   1 
ATOM   1179 C CB  . ASP B 1 52 ? 5.840   6.203   14.142  1.00 34.77 ? 52  ASP B CB  1 
ATOM   1180 C CG  . ASP B 1 52 ? 6.773   7.080   14.944  1.00 35.45 ? 52  ASP B CG  1 
ATOM   1181 O OD1 . ASP B 1 52 ? 6.959   8.290   14.746  1.00 35.11 ? 52  ASP B OD1 1 
ATOM   1182 O OD2 . ASP B 1 52 ? 7.363   6.461   15.855  1.00 37.62 ? 52  ASP B OD2 1 
ATOM   1183 N N   . LYS B 1 53 ? 3.051   5.442   13.032  1.00 32.38 ? 53  LYS B N   1 
ATOM   1184 C CA  . LYS B 1 53 ? 2.235   4.419   12.374  1.00 32.75 ? 53  LYS B CA  1 
ATOM   1185 C C   . LYS B 1 53 ? 1.589   5.080   11.146  1.00 32.27 ? 53  LYS B C   1 
ATOM   1186 O O   . LYS B 1 53 ? 1.511   4.459   10.087  1.00 32.24 ? 53  LYS B O   1 
ATOM   1187 C CB  . LYS B 1 53 ? 1.254   3.806   13.346  1.00 33.93 ? 53  LYS B CB  1 
ATOM   1188 C CG  A LYS B 1 53 ? 1.827   2.727   14.252  0.50 32.43 ? 53  LYS B CG  1 
ATOM   1189 C CG  B LYS B 1 53 ? 0.827   2.384   13.065  0.50 35.44 ? 53  LYS B CG  1 
ATOM   1190 C CD  A LYS B 1 53 ? 2.666   3.284   15.390  0.50 31.57 ? 53  LYS B CD  1 
ATOM   1191 C CD  B LYS B 1 53 ? 0.052   2.248   11.762  0.50 36.17 ? 53  LYS B CD  1 
ATOM   1192 C CE  A LYS B 1 53 ? 2.610   2.359   16.601  0.50 31.45 ? 53  LYS B CE  1 
ATOM   1193 C CE  B LYS B 1 53 ? 0.885   1.516   10.725  0.50 36.80 ? 53  LYS B CE  1 
ATOM   1194 N NZ  A LYS B 1 53 ? 3.341   2.893   17.777  0.50 29.84 ? 53  LYS B NZ  1 
ATOM   1195 N NZ  B LYS B 1 53 ? 0.312   0.185   10.391  0.50 38.02 ? 53  LYS B NZ  1 
ATOM   1196 N N   . ILE B 1 54 ? 1.179   6.347   11.226  1.00 30.16 ? 54  ILE B N   1 
ATOM   1197 C CA  . ILE B 1 54 ? 0.602   7.020   10.074  1.00 32.07 ? 54  ILE B CA  1 
ATOM   1198 C C   . ILE B 1 54 ? 1.623   7.194   8.951   1.00 33.67 ? 54  ILE B C   1 
ATOM   1199 O O   . ILE B 1 54 ? 1.359   7.001   7.769   1.00 34.16 ? 54  ILE B O   1 
ATOM   1200 C CB  . ILE B 1 54 ? 0.029   8.390   10.456  1.00 30.84 ? 54  ILE B CB  1 
ATOM   1201 C CG1 . ILE B 1 54 ? -1.138  8.155   11.435  1.00 30.46 ? 54  ILE B CG1 1 
ATOM   1202 C CG2 . ILE B 1 54 ? -0.321  9.222   9.243   1.00 28.04 ? 54  ILE B CG2 1 
ATOM   1203 C CD1 . ILE B 1 54 ? -1.593  9.451   12.096  1.00 30.44 ? 54  ILE B CD1 1 
ATOM   1204 N N   . MET B 1 55 ? 2.839   7.592   9.300   1.00 34.79 ? 55  MET B N   1 
ATOM   1205 C CA  . MET B 1 55 ? 3.918   7.779   8.353   1.00 35.24 ? 55  MET B CA  1 
ATOM   1206 C C   . MET B 1 55 ? 4.200   6.483   7.602   1.00 35.54 ? 55  MET B C   1 
ATOM   1207 O O   . MET B 1 55 ? 4.437   6.423   6.413   1.00 35.74 ? 55  MET B O   1 
ATOM   1208 C CB  . MET B 1 55 ? 5.180   8.180   9.140   1.00 35.21 ? 55  MET B CB  1 
ATOM   1209 C CG  . MET B 1 55 ? 6.293   8.576   8.182   1.00 35.19 ? 55  MET B CG  1 
ATOM   1210 S SD  . MET B 1 55 ? 5.843   10.097  7.332   1.00 33.44 ? 55  MET B SD  1 
ATOM   1211 C CE  . MET B 1 55 ? 7.229   10.220  6.195   1.00 34.90 ? 55  MET B CE  1 
ATOM   1212 N N   . LYS B 1 56 ? 4.169   5.369   8.291   1.00 37.83 ? 56  LYS B N   1 
ATOM   1213 C CA  . LYS B 1 56 ? 4.371   4.020   7.841   1.00 40.74 ? 56  LYS B CA  1 
ATOM   1214 C C   . LYS B 1 56 ? 3.362   3.616   6.777   1.00 42.78 ? 56  LYS B C   1 
ATOM   1215 O O   . LYS B 1 56 ? 3.727   2.995   5.766   1.00 45.15 ? 56  LYS B O   1 
ATOM   1216 C CB  . LYS B 1 56 ? 4.237   3.068   9.032   1.00 40.82 ? 56  LYS B CB  1 
ATOM   1217 C CG  . LYS B 1 56 ? 4.805   1.683   8.795   1.00 41.96 ? 56  LYS B CG  1 
ATOM   1218 C CD  . LYS B 1 56 ? 3.971   0.641   9.524   0.80 42.68 ? 56  LYS B CD  1 
ATOM   1219 C CE  . LYS B 1 56 ? 3.939   -0.712  8.832   0.60 42.37 ? 56  LYS B CE  1 
ATOM   1220 N NZ  . LYS B 1 56 ? 3.572   -1.793  9.794   0.50 42.72 ? 56  LYS B NZ  1 
ATOM   1221 N N   . ASP B 1 57 ? 2.086   3.942   6.980   1.00 42.85 ? 57  ASP B N   1 
ATOM   1222 C CA  . ASP B 1 57 ? 1.085   3.587   5.978   1.00 42.16 ? 57  ASP B CA  1 
ATOM   1223 C C   . ASP B 1 57 ? 1.218   4.524   4.779   1.00 40.49 ? 57  ASP B C   1 
ATOM   1224 O O   . ASP B 1 57 ? 0.889   4.113   3.672   1.00 40.36 ? 57  ASP B O   1 
ATOM   1225 C CB  . ASP B 1 57 ? -0.343  3.671   6.546   1.00 43.84 ? 57  ASP B CB  1 
ATOM   1226 C CG  . ASP B 1 57 ? -0.491  2.692   7.697   1.00 46.09 ? 57  ASP B CG  1 
ATOM   1227 O OD1 . ASP B 1 57 ? 0.213   1.659   7.692   1.00 46.50 ? 57  ASP B OD1 1 
ATOM   1228 O OD2 . ASP B 1 57 ? -1.304  2.948   8.612   1.00 48.05 ? 57  ASP B OD2 1 
ATOM   1229 N N   . LEU B 1 58 ? 1.674   5.754   4.996   1.00 37.76 ? 58  LEU B N   1 
ATOM   1230 C CA  . LEU B 1 58 ? 1.803   6.707   3.922   1.00 38.69 ? 58  LEU B CA  1 
ATOM   1231 C C   . LEU B 1 58 ? 3.107   6.751   3.133   1.00 39.73 ? 58  LEU B C   1 
ATOM   1232 O O   . LEU B 1 58 ? 3.107   7.347   2.041   1.00 39.56 ? 58  LEU B O   1 
ATOM   1233 C CB  . LEU B 1 58 ? 1.577   8.123   4.492   1.00 37.71 ? 58  LEU B CB  1 
ATOM   1234 C CG  . LEU B 1 58 ? 0.205   8.432   5.093   1.00 37.34 ? 58  LEU B CG  1 
ATOM   1235 C CD1 . LEU B 1 58 ? 0.140   9.932   5.369   1.00 37.15 ? 58  LEU B CD1 1 
ATOM   1236 C CD2 . LEU B 1 58 ? -0.924  7.997   4.182   1.00 36.05 ? 58  LEU B CD2 1 
ATOM   1237 N N   . ASP B 1 59 ? 4.196   6.198   3.652   1.00 40.02 ? 59  ASP B N   1 
ATOM   1238 C CA  . ASP B 1 59 ? 5.468   6.247   2.918   1.00 41.54 ? 59  ASP B CA  1 
ATOM   1239 C C   . ASP B 1 59 ? 5.751   4.857   2.371   1.00 42.14 ? 59  ASP B C   1 
ATOM   1240 O O   . ASP B 1 59 ? 6.491   4.082   2.969   1.00 41.52 ? 59  ASP B O   1 
ATOM   1241 C CB  . ASP B 1 59 ? 6.543   6.758   3.860   1.00 41.92 ? 59  ASP B CB  1 
ATOM   1242 C CG  . ASP B 1 59 ? 7.970   6.786   3.351   1.00 41.28 ? 59  ASP B CG  1 
ATOM   1243 O OD1 . ASP B 1 59 ? 8.221   6.631   2.140   1.00 41.06 ? 59  ASP B OD1 1 
ATOM   1244 O OD2 . ASP B 1 59 ? 8.852   6.973   4.215   1.00 40.76 ? 59  ASP B OD2 1 
ATOM   1245 N N   . GLN B 1 60 ? 5.138   4.520   1.240   1.00 44.75 ? 60  GLN B N   1 
ATOM   1246 C CA  . GLN B 1 60 ? 5.318   3.195   0.655   1.00 48.16 ? 60  GLN B CA  1 
ATOM   1247 C C   . GLN B 1 60 ? 6.774   2.849   0.370   1.00 47.18 ? 60  GLN B C   1 
ATOM   1248 O O   . GLN B 1 60 ? 7.250   1.769   0.707   1.00 47.73 ? 60  GLN B O   1 
ATOM   1249 C CB  . GLN B 1 60 ? 4.485   3.037   -0.613  1.00 51.20 ? 60  GLN B CB  1 
ATOM   1250 C CG  . GLN B 1 60 ? 4.682   4.135   -1.644  1.00 54.41 ? 60  GLN B CG  1 
ATOM   1251 C CD  . GLN B 1 60 ? 3.546   5.135   -1.633  1.00 56.90 ? 60  GLN B CD  1 
ATOM   1252 O OE1 . GLN B 1 60 ? 3.142   5.685   -2.669  1.00 58.27 ? 60  GLN B OE1 1 
ATOM   1253 N NE2 . GLN B 1 60 ? 3.014   5.382   -0.440  1.00 57.97 ? 60  GLN B NE2 1 
ATOM   1254 N N   . CYS B 1 61 ? 7.509   3.774   -0.222  1.00 46.06 ? 61  CYS B N   1 
ATOM   1255 C CA  . CYS B 1 61 ? 8.906   3.567   -0.560  1.00 47.02 ? 61  CYS B CA  1 
ATOM   1256 C C   . CYS B 1 61 ? 9.846   3.620   0.609   1.00 47.55 ? 61  CYS B C   1 
ATOM   1257 O O   . CYS B 1 61 ? 11.042  3.311   0.487   1.00 47.86 ? 61  CYS B O   1 
ATOM   1258 C CB  . CYS B 1 61 ? 9.245   4.531   -1.713  1.00 46.43 ? 61  CYS B CB  1 
ATOM   1259 S SG  . CYS B 1 61 ? 8.015   4.268   -3.050  1.00 45.47 ? 61  CYS B SG  1 
ATOM   1260 N N   . ARG B 1 62 ? 9.367   3.975   1.801   1.00 47.11 ? 62  ARG B N   1 
ATOM   1261 C CA  . ARG B 1 62 ? 10.224  4.038   2.969   1.00 47.36 ? 62  ARG B CA  1 
ATOM   1262 C C   . ARG B 1 62 ? 11.417  4.955   2.681   1.00 45.80 ? 62  ARG B C   1 
ATOM   1263 O O   . ARG B 1 62 ? 12.552  4.580   2.946   1.00 46.71 ? 62  ARG B O   1 
ATOM   1264 C CB  . ARG B 1 62 ? 10.746  2.700   3.437   1.00 49.62 ? 62  ARG B CB  1 
ATOM   1265 C CG  . ARG B 1 62 ? 10.051  1.379   3.302   1.00 51.87 ? 62  ARG B CG  1 
ATOM   1266 C CD  . ARG B 1 62 ? 11.050  0.311   2.873   0.80 53.88 ? 62  ARG B CD  1 
ATOM   1267 N NE  . ARG B 1 62 ? 10.595  -0.682  1.914   0.60 55.40 ? 62  ARG B NE  1 
ATOM   1268 C CZ  . ARG B 1 62 ? 11.321  -1.147  0.897   0.50 56.54 ? 62  ARG B CZ  1 
ATOM   1269 N NH1 . ARG B 1 62 ? 12.561  -0.713  0.684   0.50 56.89 ? 62  ARG B NH1 1 
ATOM   1270 N NH2 . ARG B 1 62 ? 10.834  -2.060  0.061   0.50 56.98 ? 62  ARG B NH2 1 
ATOM   1271 N N   . ASP B 1 63 ? 11.189  6.146   2.154   1.00 43.53 ? 63  ASP B N   1 
ATOM   1272 C CA  . ASP B 1 63 ? 12.263  7.082   1.886   1.00 42.43 ? 63  ASP B CA  1 
ATOM   1273 C C   . ASP B 1 63 ? 12.036  8.325   2.753   1.00 39.54 ? 63  ASP B C   1 
ATOM   1274 O O   . ASP B 1 63 ? 12.675  9.370   2.634   1.00 38.83 ? 63  ASP B O   1 
ATOM   1275 C CB  . ASP B 1 63 ? 12.446  7.405   0.429   1.00 44.59 ? 63  ASP B CB  1 
ATOM   1276 C CG  . ASP B 1 63 ? 11.226  7.924   -0.285  1.00 45.90 ? 63  ASP B CG  1 
ATOM   1277 O OD1 . ASP B 1 63 ? 10.257  8.257   0.427   1.00 47.30 ? 63  ASP B OD1 1 
ATOM   1278 O OD2 . ASP B 1 63 ? 11.249  7.996   -1.535  1.00 46.33 ? 63  ASP B OD2 1 
ATOM   1279 N N   . GLY B 1 64 ? 11.075  8.183   3.667   1.00 35.29 ? 64  GLY B N   1 
ATOM   1280 C CA  . GLY B 1 64 ? 10.727  9.232   4.609   1.00 32.64 ? 64  GLY B CA  1 
ATOM   1281 C C   . GLY B 1 64 ? 10.144  10.483  4.008   1.00 30.87 ? 64  GLY B C   1 
ATOM   1282 O O   . GLY B 1 64 ? 10.247  11.569  4.562   1.00 27.93 ? 64  GLY B O   1 
ATOM   1283 N N   . LYS B 1 65 ? 9.531   10.358  2.833   1.00 31.10 ? 65  LYS B N   1 
ATOM   1284 C CA  . LYS B 1 65 ? 8.961   11.508  2.146   1.00 33.91 ? 65  LYS B CA  1 
ATOM   1285 C C   . LYS B 1 65 ? 7.486   11.245  1.858   1.00 32.04 ? 65  LYS B C   1 
ATOM   1286 O O   . LYS B 1 65 ? 7.121   10.149  1.428   1.00 31.87 ? 65  LYS B O   1 
ATOM   1287 C CB  . LYS B 1 65 ? 9.761   11.777  0.865   1.00 36.79 ? 65  LYS B CB  1 
ATOM   1288 C CG  . LYS B 1 65 ? 11.246  11.987  1.143   1.00 40.24 ? 65  LYS B CG  1 
ATOM   1289 C CD  . LYS B 1 65 ? 11.971  12.777  0.070   1.00 43.54 ? 65  LYS B CD  1 
ATOM   1290 C CE  . LYS B 1 65 ? 13.220  12.015  -0.353  1.00 44.89 ? 65  LYS B CE  1 
ATOM   1291 N NZ  . LYS B 1 65 ? 12.765  10.659  -0.816  1.00 47.09 ? 65  LYS B NZ  1 
ATOM   1292 N N   . VAL B 1 66 ? 6.669   12.245  2.131   1.00 29.66 ? 66  VAL B N   1 
ATOM   1293 C CA  . VAL B 1 66 ? 5.217   12.054  1.881   1.00 28.16 ? 66  VAL B CA  1 
ATOM   1294 C C   . VAL B 1 66 ? 4.822   12.957  0.741   1.00 24.56 ? 66  VAL B C   1 
ATOM   1295 O O   . VAL B 1 66 ? 4.953   14.158  0.886   1.00 24.10 ? 66  VAL B O   1 
ATOM   1296 C CB  . VAL B 1 66 ? 4.415   12.258  3.177   1.00 28.38 ? 66  VAL B CB  1 
ATOM   1297 C CG1 . VAL B 1 66 ? 2.929   12.463  2.939   1.00 31.16 ? 66  VAL B CG1 1 
ATOM   1298 C CG2 . VAL B 1 66 ? 4.591   11.016  4.046   1.00 27.71 ? 66  VAL B CG2 1 
ATOM   1299 N N   . GLY B 1 67 ? 4.387   12.409  -0.389  1.00 25.10 ? 67  GLY B N   1 
ATOM   1300 C CA  . GLY B 1 67 ? 3.955   13.228  -1.537  1.00 25.70 ? 67  GLY B CA  1 
ATOM   1301 C C   . GLY B 1 67 ? 2.441   13.551  -1.407  1.00 25.10 ? 67  GLY B C   1 
ATOM   1302 O O   . GLY B 1 67 ? 1.769   13.006  -0.531  1.00 22.28 ? 67  GLY B O   1 
ATOM   1303 N N   . PHE B 1 68 ? 1.935   14.411  -2.275  1.00 26.21 ? 68  PHE B N   1 
ATOM   1304 C CA  . PHE B 1 68 ? 0.558   14.855  -2.337  1.00 28.05 ? 68  PHE B CA  1 
ATOM   1305 C C   . PHE B 1 68 ? -0.478  13.741  -2.351  1.00 28.01 ? 68  PHE B C   1 
ATOM   1306 O O   . PHE B 1 68 ? -1.428  13.669  -1.535  1.00 27.50 ? 68  PHE B O   1 
ATOM   1307 C CB  . PHE B 1 68 ? 0.330   15.857  -3.496  1.00 29.95 ? 68  PHE B CB  1 
ATOM   1308 C CG  . PHE B 1 68 ? -1.006  16.530  -3.279  1.00 31.07 ? 68  PHE B CG  1 
ATOM   1309 C CD1 . PHE B 1 68 ? -1.144  17.494  -2.298  1.00 31.45 ? 68  PHE B CD1 1 
ATOM   1310 C CD2 . PHE B 1 68 ? -2.118  16.183  -4.031  1.00 32.63 ? 68  PHE B CD2 1 
ATOM   1311 C CE1 . PHE B 1 68 ? -2.338  18.118  -2.054  1.00 31.35 ? 68  PHE B CE1 1 
ATOM   1312 C CE2 . PHE B 1 68 ? -3.330  16.801  -3.806  1.00 31.97 ? 68  PHE B CE2 1 
ATOM   1313 C CZ  . PHE B 1 68 ? -3.437  17.761  -2.822  1.00 32.38 ? 68  PHE B CZ  1 
ATOM   1314 N N   . GLN B 1 69 ? -0.345  12.797  -3.255  1.00 28.60 ? 69  GLN B N   1 
ATOM   1315 C CA  . GLN B 1 69 ? -1.286  11.668  -3.352  1.00 31.64 ? 69  GLN B CA  1 
ATOM   1316 C C   . GLN B 1 69 ? -1.410  10.947  -2.016  1.00 30.83 ? 69  GLN B C   1 
ATOM   1317 O O   . GLN B 1 69 ? -2.518  10.662  -1.516  1.00 29.90 ? 69  GLN B O   1 
ATOM   1318 C CB  . GLN B 1 69 ? -0.901  10.825  -4.544  1.00 34.06 ? 69  GLN B CB  1 
ATOM   1319 C CG  . GLN B 1 69 ? -1.486  9.445   -4.671  1.00 40.18 ? 69  GLN B CG  1 
ATOM   1320 C CD  . GLN B 1 69 ? -1.579  9.009   -6.133  1.00 43.91 ? 69  GLN B CD  1 
ATOM   1321 O OE1 . GLN B 1 69 ? -1.110  9.690   -7.058  1.00 46.30 ? 69  GLN B OE1 1 
ATOM   1322 N NE2 . GLN B 1 69 ? -2.200  7.852   -6.345  1.00 45.03 ? 69  GLN B NE2 1 
ATOM   1323 N N   . SER B 1 70 ? -0.318  10.612  -1.346  1.00 28.41 ? 70  SER B N   1 
ATOM   1324 C CA  . SER B 1 70 ? -0.358  9.961   -0.047  1.00 27.98 ? 70  SER B CA  1 
ATOM   1325 C C   . SER B 1 70 ? -1.034  10.830  1.017   1.00 25.64 ? 70  SER B C   1 
ATOM   1326 O O   . SER B 1 70 ? -1.833  10.409  1.851   1.00 26.48 ? 70  SER B O   1 
ATOM   1327 C CB  . SER B 1 70 ? 1.081   9.666   0.416   1.00 28.46 ? 70  SER B CB  1 
ATOM   1328 O OG  . SER B 1 70 ? 1.374   8.366   -0.044  1.00 31.59 ? 70  SER B OG  1 
ATOM   1329 N N   . PHE B 1 71 ? -0.734  12.116  1.004   1.00 23.45 ? 71  PHE B N   1 
ATOM   1330 C CA  . PHE B 1 71 ? -1.296  13.065  1.927   1.00 24.51 ? 71  PHE B CA  1 
ATOM   1331 C C   . PHE B 1 71 ? -2.835  12.996  1.789   1.00 25.50 ? 71  PHE B C   1 
ATOM   1332 O O   . PHE B 1 71 ? -3.538  12.988  2.764   1.00 25.05 ? 71  PHE B O   1 
ATOM   1333 C CB  . PHE B 1 71 ? -0.820  14.464  1.663   1.00 22.64 ? 71  PHE B CB  1 
ATOM   1334 C CG  . PHE B 1 71 ? -1.529  15.585  2.365   1.00 23.97 ? 71  PHE B CG  1 
ATOM   1335 C CD1 . PHE B 1 71 ? -1.572  15.641  3.749   1.00 25.44 ? 71  PHE B CD1 1 
ATOM   1336 C CD2 . PHE B 1 71 ? -2.152  16.575  1.652   1.00 24.38 ? 71  PHE B CD2 1 
ATOM   1337 C CE1 . PHE B 1 71 ? -2.220  16.660  4.399   1.00 25.11 ? 71  PHE B CE1 1 
ATOM   1338 C CE2 . PHE B 1 71 ? -2.808  17.614  2.276   1.00 26.59 ? 71  PHE B CE2 1 
ATOM   1339 C CZ  . PHE B 1 71 ? -2.833  17.651  3.665   1.00 27.49 ? 71  PHE B CZ  1 
ATOM   1340 N N   . PHE B 1 72 ? -3.313  12.988  0.557   1.00 27.65 ? 72  PHE B N   1 
ATOM   1341 C CA  . PHE B 1 72 ? -4.688  12.938  0.158   1.00 27.83 ? 72  PHE B CA  1 
ATOM   1342 C C   . PHE B 1 72 ? -5.381  11.737  0.771   1.00 27.59 ? 72  PHE B C   1 
ATOM   1343 O O   . PHE B 1 72 ? -6.471  11.867  1.347   1.00 25.69 ? 72  PHE B O   1 
ATOM   1344 C CB  . PHE B 1 72 ? -4.877  13.015  -1.384  1.00 29.11 ? 72  PHE B CB  1 
ATOM   1345 C CG  . PHE B 1 72 ? -6.150  13.806  -1.499  1.00 29.09 ? 72  PHE B CG  1 
ATOM   1346 C CD1 . PHE B 1 72 ? -6.095  15.178  -1.521  1.00 29.86 ? 72  PHE B CD1 1 
ATOM   1347 C CD2 . PHE B 1 72 ? -7.365  13.138  -1.543  1.00 29.00 ? 72  PHE B CD2 1 
ATOM   1348 C CE1 . PHE B 1 72 ? -7.278  15.913  -1.604  1.00 29.78 ? 72  PHE B CE1 1 
ATOM   1349 C CE2 . PHE B 1 72 ? -8.525  13.886  -1.627  1.00 29.40 ? 72  PHE B CE2 1 
ATOM   1350 C CZ  . PHE B 1 72 ? -8.480  15.259  -1.657  1.00 28.60 ? 72  PHE B CZ  1 
ATOM   1351 N N   . SER B 1 73 ? -4.733  10.580  0.767   1.00 25.55 ? 73  SER B N   1 
ATOM   1352 C CA  . SER B 1 73 ? -5.390  9.453   1.406   1.00 27.72 ? 73  SER B CA  1 
ATOM   1353 C C   . SER B 1 73 ? -5.601  9.677   2.896   1.00 28.39 ? 73  SER B C   1 
ATOM   1354 O O   . SER B 1 73 ? -6.572  9.115   3.435   1.00 27.70 ? 73  SER B O   1 
ATOM   1355 C CB  . SER B 1 73 ? -4.726  8.135   1.012   1.00 29.24 ? 73  SER B CB  1 
ATOM   1356 O OG  . SER B 1 73 ? -3.802  7.747   1.989   1.00 35.43 ? 73  SER B OG  1 
ATOM   1357 N N   . LEU B 1 74 ? -4.787  10.474  3.596   1.00 26.55 ? 74  LEU B N   1 
ATOM   1358 C CA  . LEU B 1 74 ? -4.962  10.735  5.007   1.00 25.11 ? 74  LEU B CA  1 
ATOM   1359 C C   . LEU B 1 74 ? -6.199  11.641  5.180   1.00 21.84 ? 74  LEU B C   1 
ATOM   1360 O O   . LEU B 1 74 ? -7.017  11.361  6.038   1.00 18.98 ? 74  LEU B O   1 
ATOM   1361 C CB  . LEU B 1 74 ? -3.748  11.409  5.663   1.00 25.62 ? 74  LEU B CB  1 
ATOM   1362 C CG  . LEU B 1 74 ? -3.929  12.008  7.048   1.00 27.37 ? 74  LEU B CG  1 
ATOM   1363 C CD1 . LEU B 1 74 ? -4.236  10.871  8.021   1.00 27.58 ? 74  LEU B CD1 1 
ATOM   1364 C CD2 . LEU B 1 74 ? -2.746  12.839  7.539   1.00 27.51 ? 74  LEU B CD2 1 
ATOM   1365 N N   . ILE B 1 75 ? -6.322  12.671  4.379   1.00 18.67 ? 75  ILE B N   1 
ATOM   1366 C CA  . ILE B 1 75 ? -7.410  13.597  4.391   1.00 20.82 ? 75  ILE B CA  1 
ATOM   1367 C C   . ILE B 1 75 ? -8.747  12.901  4.031   1.00 21.59 ? 75  ILE B C   1 
ATOM   1368 O O   . ILE B 1 75 ? -9.757  13.242  4.640   1.00 18.81 ? 75  ILE B O   1 
ATOM   1369 C CB  . ILE B 1 75 ? -7.123  14.753  3.445   1.00 23.21 ? 75  ILE B CB  1 
ATOM   1370 C CG1 . ILE B 1 75 ? -5.802  15.428  3.820   1.00 24.72 ? 75  ILE B CG1 1 
ATOM   1371 C CG2 . ILE B 1 75 ? -8.310  15.727  3.373   1.00 25.59 ? 75  ILE B CG2 1 
ATOM   1372 C CD1 . ILE B 1 75 ? -5.576  15.869  5.237   1.00 22.55 ? 75  ILE B CD1 1 
ATOM   1373 N N   . ALA B 1 76 ? -8.755  11.965  3.110   1.00 21.14 ? 76  ALA B N   1 
ATOM   1374 C CA  . ALA B 1 76 ? -9.882  11.178  2.702   1.00 23.78 ? 76  ALA B CA  1 
ATOM   1375 C C   . ALA B 1 76 ? -10.362 10.369  3.935   1.00 24.95 ? 76  ALA B C   1 
ATOM   1376 O O   . ALA B 1 76 ? -11.549 10.422  4.267   1.00 23.22 ? 76  ALA B O   1 
ATOM   1377 C CB  . ALA B 1 76 ? -9.551  10.176  1.626   1.00 23.58 ? 76  ALA B CB  1 
ATOM   1378 N N   . GLY B 1 77 ? -9.433  9.671   4.608   1.00 23.23 ? 77  GLY B N   1 
ATOM   1379 C CA  . GLY B 1 77 ? -9.825  8.921   5.801   1.00 21.10 ? 77  GLY B CA  1 
ATOM   1380 C C   . GLY B 1 77 ? -10.458 9.818   6.869   1.00 21.65 ? 77  GLY B C   1 
ATOM   1381 O O   . GLY B 1 77 ? -11.449 9.499   7.538   1.00 22.75 ? 77  GLY B O   1 
ATOM   1382 N N   . LEU B 1 78 ? -9.951  10.990  7.145   1.00 19.87 ? 78  LEU B N   1 
ATOM   1383 C CA  . LEU B 1 78 ? -10.483 11.895  8.134   1.00 20.94 ? 78  LEU B CA  1 
ATOM   1384 C C   . LEU B 1 78 ? -11.843 12.471  7.707   1.00 21.69 ? 78  LEU B C   1 
ATOM   1385 O O   . LEU B 1 78 ? -12.764 12.612  8.515   1.00 21.66 ? 78  LEU B O   1 
ATOM   1386 C CB  . LEU B 1 78 ? -9.501  13.038  8.385   1.00 18.60 ? 78  LEU B CB  1 
ATOM   1387 C CG  . LEU B 1 78 ? -8.190  12.634  9.105   1.00 21.19 ? 78  LEU B CG  1 
ATOM   1388 C CD1 . LEU B 1 78 ? -7.249  13.838  9.152   1.00 20.05 ? 78  LEU B CD1 1 
ATOM   1389 C CD2 . LEU B 1 78 ? -8.372  12.175  10.540  1.00 20.63 ? 78  LEU B CD2 1 
ATOM   1390 N N   . THR B 1 79 ? -11.997 12.868  6.455   1.00 20.05 ? 79  THR B N   1 
ATOM   1391 C CA  . THR B 1 79 ? -13.218 13.434  5.924   1.00 21.25 ? 79  THR B CA  1 
ATOM   1392 C C   . THR B 1 79 ? -14.342 12.371  5.908   1.00 21.27 ? 79  THR B C   1 
ATOM   1393 O O   . THR B 1 79 ? -15.471 12.632  6.295   1.00 21.93 ? 79  THR B O   1 
ATOM   1394 C CB  . THR B 1 79 ? -12.989 13.982  4.513   1.00 21.45 ? 79  THR B CB  1 
ATOM   1395 O OG1 . THR B 1 79 ? -11.842 14.851  4.508   1.00 19.65 ? 79  THR B OG1 1 
ATOM   1396 C CG2 . THR B 1 79 ? -14.257 14.715  4.044   1.00 19.91 ? 79  THR B CG2 1 
ATOM   1397 N N   . ILE B 1 80 ? -14.062 11.164  5.527   1.00 20.23 ? 80  ILE B N   1 
ATOM   1398 C CA  . ILE B 1 80 ? -15.044 10.080  5.506   1.00 24.10 ? 80  ILE B CA  1 
ATOM   1399 C C   . ILE B 1 80 ? -15.510 9.791   6.930   1.00 24.06 ? 80  ILE B C   1 
ATOM   1400 O O   . ILE B 1 80 ? -16.722 9.754   7.215   1.00 21.78 ? 80  ILE B O   1 
ATOM   1401 C CB  . ILE B 1 80 ? -14.457 8.891   4.754   1.00 24.27 ? 80  ILE B CB  1 
ATOM   1402 C CG1 . ILE B 1 80 ? -14.304 9.278   3.261   1.00 25.29 ? 80  ILE B CG1 1 
ATOM   1403 C CG2 . ILE B 1 80 ? -15.242 7.617   4.986   1.00 25.51 ? 80  ILE B CG2 1 
ATOM   1404 C CD1 . ILE B 1 80 ? -13.419 8.267   2.521   1.00 23.08 ? 80  ILE B CD1 1 
ATOM   1405 N N   . ALA B 1 81 ? -14.566 9.639   7.870   1.00 22.64 ? 81  ALA B N   1 
ATOM   1406 C CA  . ALA B 1 81 ? -14.879 9.401   9.260   1.00 22.35 ? 81  ALA B CA  1 
ATOM   1407 C C   . ALA B 1 81 ? -15.747 10.569  9.773   1.00 21.66 ? 81  ALA B C   1 
ATOM   1408 O O   . ALA B 1 81 ? -16.745 10.290  10.435  1.00 23.84 ? 81  ALA B O   1 
ATOM   1409 C CB  . ALA B 1 81 ? -13.678 9.323   10.194  1.00 23.35 ? 81  ALA B CB  1 
ATOM   1410 N N   . CYS B 1 82 ? -15.424 11.798  9.507   1.00 17.40 ? 82  CYS B N   1 
ATOM   1411 C CA  . CYS B 1 82 ? -16.204 12.931  9.956   1.00 19.31 ? 82  CYS B CA  1 
ATOM   1412 C C   . CYS B 1 82 ? -17.623 12.885  9.295   1.00 23.05 ? 82  CYS B C   1 
ATOM   1413 O O   . CYS B 1 82 ? -18.622 13.296  9.904   1.00 20.55 ? 82  CYS B O   1 
ATOM   1414 C CB  . CYS B 1 82 ? -15.502 14.209  9.634   1.00 18.15 ? 82  CYS B CB  1 
ATOM   1415 S SG  A CYS B 1 82 ? -14.142 14.935  10.644  0.50 19.28 ? 82  CYS B SG  1 
ATOM   1416 S SG  B CYS B 1 82 ? -16.471 15.703  9.687   0.50 26.86 ? 82  CYS B SG  1 
ATOM   1417 N N   . ASN B 1 83 ? -17.708 12.411  8.026   1.00 21.21 ? 83  ASN B N   1 
ATOM   1418 C CA  . ASN B 1 83 ? -18.967 12.319  7.346   1.00 20.24 ? 83  ASN B CA  1 
ATOM   1419 C C   . ASN B 1 83 ? -19.814 11.226  8.057   1.00 19.60 ? 83  ASN B C   1 
ATOM   1420 O O   . ASN B 1 83 ? -20.958 11.568  8.313   1.00 16.60 ? 83  ASN B O   1 
ATOM   1421 C CB  . ASN B 1 83 ? -18.893 12.068  5.854   1.00 20.17 ? 83  ASN B CB  1 
ATOM   1422 C CG  . ASN B 1 83 ? -20.296 11.965  5.208   1.00 18.72 ? 83  ASN B CG  1 
ATOM   1423 O OD1 . ASN B 1 83 ? -20.674 10.843  4.933   1.00 19.73 ? 83  ASN B OD1 1 
ATOM   1424 N ND2 . ASN B 1 83 ? -20.944 13.059  5.018   1.00 16.23 ? 83  ASN B ND2 1 
ATOM   1425 N N   . ASP B 1 84 ? -19.285 10.076  8.371   1.00 18.36 ? 84  ASP B N   1 
ATOM   1426 C CA  . ASP B 1 84 ? -19.969 9.007   9.036   1.00 22.87 ? 84  ASP B CA  1 
ATOM   1427 C C   . ASP B 1 84 ? -20.531 9.434   10.403  1.00 26.16 ? 84  ASP B C   1 
ATOM   1428 O O   . ASP B 1 84 ? -21.686 9.101   10.732  1.00 23.40 ? 84  ASP B O   1 
ATOM   1429 C CB  . ASP B 1 84 ? -19.210 7.694   9.167   1.00 24.55 ? 84  ASP B CB  1 
ATOM   1430 C CG  . ASP B 1 84 ? -19.014 6.984   7.832   1.00 29.54 ? 84  ASP B CG  1 
ATOM   1431 O OD1 . ASP B 1 84 ? -19.705 7.345   6.838   1.00 28.55 ? 84  ASP B OD1 1 
ATOM   1432 O OD2 . ASP B 1 84 ? -18.153 6.046   7.730   1.00 30.86 ? 84  ASP B OD2 1 
ATOM   1433 N N   . TYR B 1 85 ? -19.736 10.189  11.175  1.00 24.72 ? 85  TYR B N   1 
ATOM   1434 C CA  . TYR B 1 85 ? -20.186 10.680  12.459  1.00 23.57 ? 85  TYR B CA  1 
ATOM   1435 C C   . TYR B 1 85 ? -21.375 11.636  12.276  1.00 24.55 ? 85  TYR B C   1 
ATOM   1436 O O   . TYR B 1 85 ? -22.346 11.554  13.034  1.00 23.48 ? 85  TYR B O   1 
ATOM   1437 C CB  . TYR B 1 85 ? -19.098 11.543  13.116  1.00 21.19 ? 85  TYR B CB  1 
ATOM   1438 C CG  . TYR B 1 85 ? -19.479 12.184  14.418  1.00 18.77 ? 85  TYR B CG  1 
ATOM   1439 C CD1 . TYR B 1 85 ? -19.293 11.381  15.538  1.00 20.53 ? 85  TYR B CD1 1 
ATOM   1440 C CD2 . TYR B 1 85 ? -19.979 13.440  14.589  1.00 19.24 ? 85  TYR B CD2 1 
ATOM   1441 C CE1 . TYR B 1 85 ? -19.597 11.848  16.798  1.00 18.63 ? 85  TYR B CE1 1 
ATOM   1442 C CE2 . TYR B 1 85 ? -20.305 13.937  15.858  1.00 20.41 ? 85  TYR B CE2 1 
ATOM   1443 C CZ  . TYR B 1 85 ? -20.086 13.094  16.943  1.00 19.09 ? 85  TYR B CZ  1 
ATOM   1444 O OH  . TYR B 1 85 ? -20.346 13.445  18.232  1.00 20.64 ? 85  TYR B OH  1 
ATOM   1445 N N   . PHE B 1 86 ? -21.250 12.576  11.365  1.00 23.00 ? 86  PHE B N   1 
ATOM   1446 C CA  . PHE B 1 86 ? -22.298 13.551  11.106  1.00 28.11 ? 86  PHE B CA  1 
ATOM   1447 C C   . PHE B 1 86 ? -23.632 12.903  10.641  1.00 28.99 ? 86  PHE B C   1 
ATOM   1448 O O   . PHE B 1 86 ? -24.699 13.378  11.030  1.00 28.63 ? 86  PHE B O   1 
ATOM   1449 C CB  . PHE B 1 86 ? -21.881 14.611  10.111  1.00 29.87 ? 86  PHE B CB  1 
ATOM   1450 C CG  . PHE B 1 86 ? -22.918 15.402  9.374   1.00 33.44 ? 86  PHE B CG  1 
ATOM   1451 C CD1 . PHE B 1 86 ? -23.422 16.579  9.894   1.00 34.24 ? 86  PHE B CD1 1 
ATOM   1452 C CD2 . PHE B 1 86 ? -23.400 14.986  8.140   1.00 34.48 ? 86  PHE B CD2 1 
ATOM   1453 C CE1 . PHE B 1 86 ? -24.373 17.343  9.247   1.00 34.60 ? 86  PHE B CE1 1 
ATOM   1454 C CE2 . PHE B 1 86 ? -24.356 15.729  7.471   1.00 35.75 ? 86  PHE B CE2 1 
ATOM   1455 C CZ  . PHE B 1 86 ? -24.846 16.901  8.017   1.00 35.47 ? 86  PHE B CZ  1 
ATOM   1456 N N   . VAL B 1 87 ? -23.574 11.876  9.838   1.00 28.87 ? 87  VAL B N   1 
ATOM   1457 C CA  . VAL B 1 87 ? -24.737 11.185  9.317   1.00 32.31 ? 87  VAL B CA  1 
ATOM   1458 C C   . VAL B 1 87 ? -25.435 10.481  10.476  1.00 34.98 ? 87  VAL B C   1 
ATOM   1459 O O   . VAL B 1 87 ? -26.633 10.643  10.648  1.00 34.22 ? 87  VAL B O   1 
ATOM   1460 C CB  . VAL B 1 87 ? -24.311 10.261  8.159   1.00 30.38 ? 87  VAL B CB  1 
ATOM   1461 C CG1 . VAL B 1 87 ? -25.280 9.112   7.941   1.00 30.26 ? 87  VAL B CG1 1 
ATOM   1462 C CG2 . VAL B 1 87 ? -24.099 11.098  6.893   1.00 27.29 ? 87  VAL B CG2 1 
ATOM   1463 N N   . VAL B 1 88 ? -24.689 9.723   11.264  1.00 36.59 ? 88  VAL B N   1 
ATOM   1464 C CA  . VAL B 1 88 ? -25.198 9.012   12.421  1.00 38.41 ? 88  VAL B CA  1 
ATOM   1465 C C   . VAL B 1 88 ? -25.805 9.947   13.464  1.00 40.41 ? 88  VAL B C   1 
ATOM   1466 O O   . VAL B 1 88 ? -26.879 9.575   13.956  1.00 41.43 ? 88  VAL B O   1 
ATOM   1467 C CB  . VAL B 1 88 ? -24.062 8.196   13.071  1.00 38.81 ? 88  VAL B CB  1 
ATOM   1468 C CG1 . VAL B 1 88 ? -24.368 7.804   14.514  1.00 40.06 ? 88  VAL B CG1 1 
ATOM   1469 C CG2 . VAL B 1 88 ? -23.773 6.937   12.259  1.00 37.73 ? 88  VAL B CG2 1 
ATOM   1470 N N   . HIS B 1 89 ? -25.200 11.077  13.824  1.00 39.74 ? 89  HIS B N   1 
ATOM   1471 C CA  . HIS B 1 89 ? -25.655 11.996  14.806  1.00 41.81 ? 89  HIS B CA  1 
ATOM   1472 C C   . HIS B 1 89 ? -26.166 13.357  14.398  1.00 46.37 ? 89  HIS B C   1 
ATOM   1473 O O   . HIS B 1 89 ? -26.892 13.922  15.232  1.00 47.13 ? 89  HIS B O   1 
ATOM   1474 C CB  . HIS B 1 89 ? -24.581 12.405  15.886  1.00 38.21 ? 89  HIS B CB  1 
ATOM   1475 C CG  . HIS B 1 89 ? -23.876 11.188  16.389  1.00 35.24 ? 89  HIS B CG  1 
ATOM   1476 N ND1 . HIS B 1 89 ? -22.668 10.785  15.874  1.00 34.04 ? 89  HIS B ND1 1 
ATOM   1477 C CD2 . HIS B 1 89 ? -24.215 10.294  17.329  1.00 34.27 ? 89  HIS B CD2 1 
ATOM   1478 C CE1 . HIS B 1 89 ? -22.287 9.672   16.481  1.00 34.40 ? 89  HIS B CE1 1 
ATOM   1479 N NE2 . HIS B 1 89 ? -23.213 9.355   17.371  1.00 35.26 ? 89  HIS B NE2 1 
ATOM   1480 N N   . MET B 1 90 ? -25.826 13.933  13.258  1.00 53.03 ? 90  MET B N   1 
ATOM   1481 C CA  . MET B 1 90 ? -26.366 15.283  13.008  1.00 58.62 ? 90  MET B CA  1 
ATOM   1482 C C   . MET B 1 90 ? -27.592 15.221  12.124  1.00 61.21 ? 90  MET B C   1 
ATOM   1483 O O   . MET B 1 90 ? -28.087 16.253  11.671  1.00 62.99 ? 90  MET B O   1 
ATOM   1484 C CB  . MET B 1 90 ? -25.268 16.236  12.555  1.00 60.30 ? 90  MET B CB  1 
ATOM   1485 C CG  . MET B 1 90 ? -24.297 16.594  13.672  1.00 62.09 ? 90  MET B CG  1 
ATOM   1486 S SD  . MET B 1 90 ? -22.590 16.943  13.182  1.00 64.39 ? 90  MET B SD  1 
ATOM   1487 C CE  . MET B 1 90 ? -22.775 18.674  12.724  1.00 63.12 ? 90  MET B CE  1 
ATOM   1488 N N   . LYS B 1 91 ? -28.117 14.018  11.891  0.80 63.06 ? 91  LYS B N   1 
ATOM   1489 C CA  . LYS B 1 91 ? -29.311 13.891  11.061  0.80 65.05 ? 91  LYS B CA  1 
ATOM   1490 C C   . LYS B 1 91 ? -29.020 14.482  9.688   0.80 65.70 ? 91  LYS B C   1 
ATOM   1491 O O   . LYS B 1 91 ? -27.809 14.582  9.372   0.80 66.16 ? 91  LYS B O   1 
ATOM   1492 C CB  . LYS B 1 91 ? -30.486 14.597  11.749  0.60 65.82 ? 91  LYS B CB  1 
ATOM   1493 C CG  . LYS B 1 91 ? -30.912 13.917  13.048  0.60 66.40 ? 91  LYS B CG  1 
ATOM   1494 C CD  . LYS B 1 91 ? -31.789 14.822  13.899  0.60 66.59 ? 91  LYS B CD  1 
ATOM   1495 C CE  . LYS B 1 91 ? -30.991 15.533  14.980  0.60 66.45 ? 91  LYS B CE  1 
ATOM   1496 N NZ  . LYS B 1 91 ? -30.974 17.005  14.757  0.60 66.26 ? 91  LYS B NZ  1 
HETATM 1497 O O   . HOH C 2 .  ? -4.591  -19.734 16.713  1.00 34.02 ? 97  HOH A O   1 
HETATM 1498 O O   . HOH C 2 .  ? -7.157  -11.135 -10.780 1.00 39.69 ? 98  HOH A O   1 
HETATM 1499 O O   . HOH C 2 .  ? 20.000  -12.578 1.409   1.00 42.74 ? 99  HOH A O   1 
HETATM 1500 O O   . HOH C 2 .  ? -2.393  -25.808 3.179   1.00 25.22 ? 100 HOH A O   1 
HETATM 1501 O O   . HOH C 2 .  ? 8.966   -6.784  3.142   1.00 39.36 ? 101 HOH A O   1 
HETATM 1502 O O   . HOH C 2 .  ? 15.745  -6.344  -9.061  1.00 35.63 ? 102 HOH A O   1 
HETATM 1503 O O   . HOH C 2 .  ? 20.175  -14.762 2.646   1.00 39.83 ? 103 HOH A O   1 
HETATM 1504 O O   . HOH C 2 .  ? 11.480  -8.435  5.249   1.00 34.46 ? 104 HOH A O   1 
HETATM 1505 O O   . HOH C 2 .  ? 17.993  -14.642 -2.743  1.00 36.67 ? 105 HOH A O   1 
HETATM 1506 O O   . HOH C 2 .  ? -16.036 -15.708 -9.306  1.00 49.45 ? 106 HOH A O   1 
HETATM 1507 O O   . HOH C 2 .  ? 7.573   -23.149 -0.859  1.00 49.22 ? 107 HOH A O   1 
HETATM 1508 O O   . HOH C 2 .  ? 11.688  -19.329 4.844   1.00 56.24 ? 108 HOH A O   1 
HETATM 1509 O O   . HOH C 2 .  ? 6.862   -25.775 -3.975  1.00 42.78 ? 109 HOH A O   1 
HETATM 1510 O O   . HOH C 2 .  ? 6.063   -4.275  -0.325  1.00 37.93 ? 110 HOH A O   1 
HETATM 1511 O O   . HOH C 2 .  ? 19.802  -10.911 -7.206  1.00 35.32 ? 111 HOH A O   1 
HETATM 1512 O O   . HOH C 2 .  ? -16.556 -16.332 -5.895  1.00 30.00 ? 112 HOH A O   1 
HETATM 1513 O O   . HOH C 2 .  ? -4.562  -16.900 14.008  1.00 32.87 ? 113 HOH A O   1 
HETATM 1514 O O   . HOH C 2 .  ? 8.086   -3.977  -2.688  1.00 42.14 ? 114 HOH A O   1 
HETATM 1515 O O   . HOH C 2 .  ? 9.509   -1.348  -5.054  1.00 53.14 ? 115 HOH A O   1 
HETATM 1516 O O   . HOH C 2 .  ? 17.835  -16.784 -0.858  1.00 54.55 ? 116 HOH A O   1 
HETATM 1517 O O   . HOH C 2 .  ? 14.137  -12.669 5.551   1.00 37.69 ? 117 HOH A O   1 
HETATM 1518 O O   . HOH C 2 .  ? -0.078  -25.132 3.263   1.00 34.42 ? 118 HOH A O   1 
HETATM 1519 O O   . HOH C 2 .  ? -20.333 -27.071 -6.044  1.00 52.06 ? 119 HOH A O   1 
HETATM 1520 O O   . HOH C 2 .  ? -3.272  -26.010 5.316   1.00 47.06 ? 120 HOH A O   1 
HETATM 1521 O O   . HOH C 2 .  ? 19.375  -13.416 -0.950  1.00 45.84 ? 121 HOH A O   1 
HETATM 1522 O O   . HOH C 2 .  ? 10.543  -1.703  -2.861  1.00 38.17 ? 122 HOH A O   1 
HETATM 1523 O O   . HOH C 2 .  ? 2.108   -28.487 3.354   1.00 55.66 ? 123 HOH A O   1 
HETATM 1524 O O   . HOH D 2 .  ? -2.811  16.962  16.246  1.00 11.47 ? 97  HOH B O   1 
HETATM 1525 O O   . HOH D 2 .  ? -0.017  10.493  18.991  1.00 19.25 ? 98  HOH B O   1 
HETATM 1526 O O   . HOH D 2 .  ? -2.447  20.957  18.235  1.00 21.32 ? 99  HOH B O   1 
HETATM 1527 O O   . HOH D 2 .  ? 14.646  16.204  2.888   1.00 25.92 ? 100 HOH B O   1 
HETATM 1528 O O   . HOH D 2 .  ? -22.930 9.164   3.968   1.00 27.63 ? 101 HOH B O   1 
HETATM 1529 O O   . HOH D 2 .  ? -5.280  26.623  9.267   1.00 29.04 ? 102 HOH B O   1 
HETATM 1530 O O   . HOH D 2 .  ? 1.998   11.025  17.253  1.00 23.81 ? 103 HOH B O   1 
HETATM 1531 O O   . HOH D 2 .  ? -7.730  12.387  18.865  1.00 25.79 ? 104 HOH B O   1 
HETATM 1532 O O   . HOH D 2 .  ? 0.681   20.091  20.322  1.00 29.25 ? 105 HOH B O   1 
HETATM 1533 O O   . HOH D 2 .  ? 2.335   10.343  -2.705  1.00 38.15 ? 106 HOH B O   1 
HETATM 1534 O O   . HOH D 2 .  ? -6.613  30.155  -6.631  1.00 26.85 ? 107 HOH B O   1 
HETATM 1535 O O   . HOH D 2 .  ? -14.893 26.698  -0.102  1.00 32.61 ? 108 HOH B O   1 
HETATM 1536 O O   . HOH D 2 .  ? 3.461   15.132  -4.657  1.00 37.28 ? 109 HOH B O   1 
HETATM 1537 O O   . HOH D 2 .  ? -18.797 8.760   4.934   1.00 36.41 ? 110 HOH B O   1 
HETATM 1538 O O   . HOH D 2 .  ? -16.568 7.885   11.687  1.00 38.09 ? 111 HOH B O   1 
HETATM 1539 O O   . HOH D 2 .  ? 4.510   9.245   -0.301  1.00 41.14 ? 112 HOH B O   1 
HETATM 1540 O O   . HOH D 2 .  ? 11.247  14.158  10.231  1.00 34.60 ? 113 HOH B O   1 
HETATM 1541 O O   . HOH D 2 .  ? 1.141   12.991  -5.869  1.00 49.25 ? 114 HOH B O   1 
HETATM 1542 O O   . HOH D 2 .  ? -9.823  17.469  20.247  1.00 25.37 ? 115 HOH B O   1 
HETATM 1543 O O   . HOH D 2 .  ? -9.014  15.525  19.130  1.00 33.20 ? 116 HOH B O   1 
HETATM 1544 O O   . HOH D 2 .  ? 6.123   15.248  -3.494  1.00 36.77 ? 117 HOH B O   1 
HETATM 1545 O O   . HOH D 2 .  ? -6.270  21.205  21.131  1.00 49.68 ? 118 HOH B O   1 
HETATM 1546 O O   . HOH D 2 .  ? 10.572  11.781  7.265   1.00 34.72 ? 119 HOH B O   1 
HETATM 1547 O O   . HOH D 2 .  ? -22.295 7.508   6.026   1.00 37.41 ? 120 HOH B O   1 
HETATM 1548 O O   . HOH D 2 .  ? 11.295  23.205  2.341   1.00 41.48 ? 121 HOH B O   1 
HETATM 1549 O O   . HOH D 2 .  ? -0.796  7.873   27.060  1.00 43.63 ? 122 HOH B O   1 
HETATM 1550 O O   . HOH D 2 .  ? -3.766  25.634  5.928   1.00 37.40 ? 123 HOH B O   1 
HETATM 1551 O O   . HOH D 2 .  ? -3.519  21.964  20.225  1.00 44.81 ? 124 HOH B O   1 
HETATM 1552 O O   . HOH D 2 .  ? -11.861 25.008  1.684   1.00 45.44 ? 125 HOH B O   1 
HETATM 1553 O O   . HOH D 2 .  ? -0.697  11.119  22.499  1.00 56.90 ? 126 HOH B O   1 
HETATM 1554 O O   . HOH D 2 .  ? -1.976  26.345  9.607   1.00 39.35 ? 127 HOH B O   1 
HETATM 1555 O O   . HOH D 2 .  ? -14.063 18.619  10.302  1.00 50.52 ? 128 HOH B O   1 
HETATM 1556 O O   . HOH D 2 .  ? 5.764   22.845  -2.598  1.00 37.56 ? 129 HOH B O   1 
HETATM 1557 O O   . HOH D 2 .  ? 5.602   18.613  -4.918  1.00 36.78 ? 130 HOH B O   1 
HETATM 1558 O O   . HOH D 2 .  ? -3.761  7.264   14.283  1.00 55.01 ? 131 HOH B O   1 
HETATM 1559 O O   . HOH D 2 .  ? -5.033  9.657   -2.323  1.00 46.65 ? 132 HOH B O   1 
# 
